data_2KBQ
#
_entry.id   2KBQ
#
_entity_poly.entity_id   1
_entity_poly.type   'polypeptide(L)'
_entity_poly.pdbx_seq_one_letter_code
;MDRKVAREFRHKVDFLIENDAEKDYLYDVLRMYHQTMDVAVLVGDLKLVINEPSRLPLFDAIRPLIPLKHQVEYDQLTPR
;
_entity_poly.pdbx_strand_id   A
#
# COMPACT_ATOMS: atom_id res chain seq x y z
N MET A 1 21.66 6.76 -0.63
CA MET A 1 21.05 6.02 -1.76
C MET A 1 19.52 6.08 -1.70
N ASP A 2 18.90 6.55 -2.77
CA ASP A 2 17.45 6.65 -2.83
C ASP A 2 16.82 5.28 -2.97
N ARG A 3 15.48 5.26 -3.09
CA ARG A 3 14.76 4.00 -3.23
C ARG A 3 14.27 3.80 -4.67
N LYS A 4 14.14 4.90 -5.40
CA LYS A 4 13.69 4.86 -6.79
C LYS A 4 12.19 4.62 -6.88
N VAL A 5 11.73 3.52 -6.31
CA VAL A 5 10.31 3.18 -6.33
C VAL A 5 9.47 4.30 -5.72
N ALA A 6 10.08 5.08 -4.84
CA ALA A 6 9.38 6.19 -4.18
C ALA A 6 8.73 7.12 -5.21
N ARG A 7 9.50 7.49 -6.23
CA ARG A 7 9.01 8.36 -7.28
C ARG A 7 7.83 7.72 -8.01
N GLU A 8 8.06 6.52 -8.51
CA GLU A 8 7.03 5.79 -9.24
C GLU A 8 5.81 5.57 -8.35
N PHE A 9 6.04 5.42 -7.05
CA PHE A 9 4.96 5.21 -6.10
C PHE A 9 4.02 6.41 -6.10
N ARG A 10 4.58 7.61 -6.02
CA ARG A 10 3.79 8.84 -6.02
C ARG A 10 2.97 8.96 -7.29
N HIS A 11 3.61 8.67 -8.42
CA HIS A 11 2.93 8.75 -9.72
C HIS A 11 1.83 7.69 -9.82
N LYS A 12 2.16 6.47 -9.44
CA LYS A 12 1.21 5.36 -9.49
C LYS A 12 -0.04 5.67 -8.67
N VAL A 13 0.16 5.92 -7.38
CA VAL A 13 -0.96 6.23 -6.48
C VAL A 13 -1.82 7.36 -7.01
N ASP A 14 -1.17 8.42 -7.49
CA ASP A 14 -1.88 9.57 -8.03
C ASP A 14 -2.74 9.18 -9.23
N PHE A 15 -2.17 8.37 -10.11
CA PHE A 15 -2.88 7.92 -11.31
C PHE A 15 -4.03 6.98 -10.97
N LEU A 16 -3.73 5.96 -10.16
CA LEU A 16 -4.73 4.99 -9.76
C LEU A 16 -5.81 5.62 -8.89
N ILE A 17 -5.37 6.28 -7.82
CA ILE A 17 -6.29 6.93 -6.90
C ILE A 17 -6.91 8.17 -7.52
N GLU A 18 -6.10 9.22 -7.70
CA GLU A 18 -6.55 10.47 -8.29
C GLU A 18 -7.43 11.27 -7.31
N ASN A 19 -7.61 10.74 -6.11
CA ASN A 19 -8.43 11.41 -5.10
C ASN A 19 -7.56 11.96 -3.98
N ASP A 20 -8.00 13.07 -3.38
CA ASP A 20 -7.26 13.69 -2.29
C ASP A 20 -7.52 12.97 -0.97
N ALA A 21 -8.78 12.70 -0.70
CA ALA A 21 -9.17 12.01 0.53
C ALA A 21 -8.66 10.57 0.54
N GLU A 22 -8.80 9.90 -0.61
CA GLU A 22 -8.35 8.51 -0.73
C GLU A 22 -6.86 8.40 -0.47
N LYS A 23 -6.10 9.33 -1.04
CA LYS A 23 -4.65 9.34 -0.86
C LYS A 23 -4.28 9.44 0.61
N ASP A 24 -5.01 10.28 1.35
CA ASP A 24 -4.76 10.46 2.77
C ASP A 24 -5.06 9.17 3.53
N TYR A 25 -6.06 8.43 3.06
CA TYR A 25 -6.46 7.17 3.69
C TYR A 25 -5.31 6.16 3.62
N LEU A 26 -4.70 6.04 2.44
CA LEU A 26 -3.59 5.12 2.26
C LEU A 26 -2.39 5.55 3.08
N TYR A 27 -2.06 6.82 3.00
CA TYR A 27 -0.93 7.38 3.74
C TYR A 27 -1.11 7.17 5.23
N ASP A 28 -2.35 7.19 5.68
CA ASP A 28 -2.67 6.99 7.10
C ASP A 28 -2.41 5.55 7.51
N VAL A 29 -2.82 4.61 6.66
CA VAL A 29 -2.64 3.19 6.92
C VAL A 29 -1.16 2.86 7.10
N LEU A 30 -0.32 3.42 6.23
CA LEU A 30 1.12 3.17 6.29
C LEU A 30 1.71 3.83 7.52
N ARG A 31 1.31 5.07 7.79
CA ARG A 31 1.81 5.81 8.95
C ARG A 31 1.54 5.04 10.24
N MET A 32 0.40 4.37 10.29
CA MET A 32 0.02 3.58 11.46
C MET A 32 0.66 2.20 11.42
N TYR A 33 0.79 1.66 10.21
CA TYR A 33 1.39 0.35 10.03
C TYR A 33 2.83 0.32 10.56
N HIS A 34 3.48 1.46 10.51
CA HIS A 34 4.86 1.57 10.98
C HIS A 34 4.93 1.41 12.49
N GLN A 35 4.13 2.20 13.21
CA GLN A 35 4.10 2.14 14.67
C GLN A 35 3.36 0.90 15.15
N THR A 36 2.27 0.57 14.48
CA THR A 36 1.47 -0.60 14.84
C THR A 36 2.18 -1.90 14.44
N MET A 37 2.76 -1.90 13.24
CA MET A 37 3.46 -3.08 12.74
C MET A 37 2.52 -4.27 12.63
N ASP A 38 1.30 -4.02 12.19
CA ASP A 38 0.29 -5.07 12.05
C ASP A 38 -0.08 -5.25 10.58
N VAL A 39 0.46 -6.30 9.96
CA VAL A 39 0.18 -6.59 8.56
C VAL A 39 -1.27 -6.98 8.36
N ALA A 40 -1.86 -7.59 9.38
CA ALA A 40 -3.26 -8.03 9.32
C ALA A 40 -4.19 -6.84 9.13
N VAL A 41 -4.01 -5.81 9.97
CA VAL A 41 -4.85 -4.62 9.89
C VAL A 41 -4.57 -3.83 8.61
N LEU A 42 -3.30 -3.82 8.21
CA LEU A 42 -2.89 -3.11 6.99
C LEU A 42 -3.63 -3.65 5.77
N VAL A 43 -3.59 -4.97 5.60
CA VAL A 43 -4.25 -5.61 4.47
C VAL A 43 -5.76 -5.37 4.50
N GLY A 44 -6.34 -5.43 5.70
CA GLY A 44 -7.77 -5.21 5.84
C GLY A 44 -8.20 -3.87 5.32
N ASP A 45 -7.68 -2.80 5.92
CA ASP A 45 -8.02 -1.44 5.51
C ASP A 45 -7.71 -1.21 4.04
N LEU A 46 -6.52 -1.63 3.63
CA LEU A 46 -6.09 -1.47 2.24
C LEU A 46 -7.08 -2.12 1.28
N LYS A 47 -7.76 -3.17 1.75
CA LYS A 47 -8.74 -3.87 0.93
C LYS A 47 -10.02 -3.05 0.80
N LEU A 48 -10.53 -2.58 1.94
CA LEU A 48 -11.76 -1.78 1.96
C LEU A 48 -11.65 -0.57 1.02
N VAL A 49 -10.47 0.00 0.93
CA VAL A 49 -10.25 1.16 0.07
C VAL A 49 -9.76 0.75 -1.32
N ILE A 50 -8.77 -0.14 -1.35
CA ILE A 50 -8.21 -0.61 -2.61
C ILE A 50 -8.93 -1.86 -3.11
N ASN A 51 -10.17 -2.06 -2.66
CA ASN A 51 -10.96 -3.22 -3.07
C ASN A 51 -11.15 -3.23 -4.59
N GLU A 52 -11.36 -2.04 -5.16
CA GLU A 52 -11.56 -1.90 -6.59
C GLU A 52 -10.43 -2.55 -7.37
N PRO A 53 -10.73 -3.62 -8.13
CA PRO A 53 -9.73 -4.33 -8.93
C PRO A 53 -8.79 -3.38 -9.68
N SER A 54 -9.29 -2.21 -10.04
CA SER A 54 -8.49 -1.22 -10.75
C SER A 54 -7.38 -0.68 -9.87
N ARG A 55 -7.61 -0.67 -8.57
CA ARG A 55 -6.62 -0.17 -7.61
C ARG A 55 -5.67 -1.27 -7.16
N LEU A 56 -6.01 -2.53 -7.48
CA LEU A 56 -5.17 -3.66 -7.10
C LEU A 56 -3.71 -3.44 -7.48
N PRO A 57 -3.45 -3.03 -8.74
CA PRO A 57 -2.08 -2.78 -9.21
C PRO A 57 -1.28 -1.90 -8.26
N LEU A 58 -1.99 -1.07 -7.50
CA LEU A 58 -1.34 -0.17 -6.55
C LEU A 58 -0.50 -0.94 -5.54
N PHE A 59 -0.97 -2.13 -5.17
CA PHE A 59 -0.26 -2.97 -4.22
C PHE A 59 1.21 -3.13 -4.59
N ASP A 60 1.48 -3.08 -5.90
CA ASP A 60 2.85 -3.21 -6.41
C ASP A 60 3.79 -2.23 -5.73
N ALA A 61 3.41 -0.96 -5.74
CA ALA A 61 4.22 0.10 -5.13
C ALA A 61 4.21 0.01 -3.61
N ILE A 62 3.17 -0.61 -3.05
CA ILE A 62 3.05 -0.75 -1.61
C ILE A 62 4.12 -1.69 -1.05
N ARG A 63 4.42 -2.74 -1.80
CA ARG A 63 5.43 -3.72 -1.37
C ARG A 63 6.78 -3.05 -1.09
N PRO A 64 7.36 -2.38 -2.11
CA PRO A 64 8.65 -1.71 -1.99
C PRO A 64 8.82 -0.98 -0.65
N LEU A 65 7.83 -0.18 -0.28
CA LEU A 65 7.87 0.57 0.97
C LEU A 65 7.83 -0.38 2.16
N ILE A 66 7.11 -1.49 2.00
CA ILE A 66 6.98 -2.49 3.04
C ILE A 66 8.27 -3.30 3.20
N PRO A 67 8.61 -3.70 4.44
CA PRO A 67 9.82 -4.47 4.72
C PRO A 67 9.95 -5.71 3.84
N LEU A 68 11.18 -6.19 3.68
CA LEU A 68 11.44 -7.38 2.86
C LEU A 68 10.57 -8.55 3.29
N LYS A 69 10.90 -9.17 4.41
CA LYS A 69 10.14 -10.31 4.92
C LYS A 69 8.65 -10.01 4.91
N HIS A 70 8.31 -8.75 5.11
CA HIS A 70 6.92 -8.32 5.12
C HIS A 70 6.29 -8.52 3.74
N GLN A 71 7.09 -8.31 2.71
CA GLN A 71 6.61 -8.46 1.33
C GLN A 71 6.12 -9.89 1.11
N VAL A 72 6.94 -10.85 1.49
CA VAL A 72 6.60 -12.26 1.35
C VAL A 72 5.30 -12.58 2.07
N GLU A 73 5.22 -12.18 3.33
CA GLU A 73 4.01 -12.41 4.13
C GLU A 73 2.85 -11.61 3.56
N TYR A 74 3.15 -10.45 2.99
CA TYR A 74 2.11 -9.61 2.40
C TYR A 74 1.35 -10.41 1.35
N ASP A 75 2.09 -11.17 0.56
CA ASP A 75 1.50 -11.99 -0.49
C ASP A 75 0.79 -13.20 0.13
N GLN A 76 1.34 -13.71 1.22
CA GLN A 76 0.76 -14.87 1.90
C GLN A 76 -0.60 -14.54 2.49
N LEU A 77 -0.77 -13.29 2.92
CA LEU A 77 -2.02 -12.84 3.50
C LEU A 77 -3.01 -12.43 2.43
N THR A 78 -2.55 -11.60 1.50
CA THR A 78 -3.40 -11.12 0.41
C THR A 78 -3.77 -12.26 -0.53
N PRO A 79 -5.06 -12.65 -0.55
CA PRO A 79 -5.54 -13.74 -1.41
C PRO A 79 -5.64 -13.31 -2.87
N ARG A 80 -6.29 -14.15 -3.67
CA ARG A 80 -6.47 -13.86 -5.09
C ARG A 80 -7.73 -14.52 -5.64
N MET A 1 17.09 13.13 0.04
CA MET A 1 17.34 11.71 -0.31
C MET A 1 16.05 10.92 -0.38
N ASP A 2 15.80 10.29 -1.53
CA ASP A 2 14.59 9.50 -1.73
C ASP A 2 14.91 8.19 -2.46
N ARG A 3 13.93 7.30 -2.50
CA ARG A 3 14.11 6.01 -3.17
C ARG A 3 13.62 6.09 -4.62
N LYS A 4 13.53 4.94 -5.28
CA LYS A 4 13.09 4.88 -6.67
C LYS A 4 11.59 4.61 -6.75
N VAL A 5 11.10 3.74 -5.86
CA VAL A 5 9.68 3.40 -5.84
C VAL A 5 8.85 4.54 -5.25
N ALA A 6 9.45 5.30 -4.34
CA ALA A 6 8.76 6.42 -3.71
C ALA A 6 8.28 7.43 -4.74
N ARG A 7 9.17 7.79 -5.66
CA ARG A 7 8.84 8.75 -6.71
C ARG A 7 7.77 8.18 -7.64
N GLU A 8 8.04 6.99 -8.16
CA GLU A 8 7.11 6.32 -9.06
C GLU A 8 5.78 6.06 -8.36
N PHE A 9 5.84 5.85 -7.04
CA PHE A 9 4.64 5.59 -6.25
C PHE A 9 3.70 6.78 -6.29
N ARG A 10 4.21 7.96 -5.94
CA ARG A 10 3.40 9.17 -5.94
C ARG A 10 2.82 9.45 -7.32
N HIS A 11 3.63 9.27 -8.35
CA HIS A 11 3.19 9.51 -9.72
C HIS A 11 2.14 8.48 -10.15
N LYS A 12 2.46 7.20 -10.00
CA LYS A 12 1.54 6.14 -10.39
C LYS A 12 0.22 6.24 -9.62
N VAL A 13 0.30 6.45 -8.31
CA VAL A 13 -0.89 6.56 -7.49
C VAL A 13 -1.81 7.67 -8.00
N ASP A 14 -1.23 8.83 -8.26
CA ASP A 14 -2.00 9.97 -8.76
C ASP A 14 -2.67 9.62 -10.09
N PHE A 15 -1.92 8.94 -10.96
CA PHE A 15 -2.43 8.53 -12.27
C PHE A 15 -3.51 7.48 -12.12
N LEU A 16 -3.34 6.57 -11.17
CA LEU A 16 -4.30 5.51 -10.92
C LEU A 16 -5.49 6.01 -10.13
N ILE A 17 -5.25 6.35 -8.87
CA ILE A 17 -6.30 6.85 -7.98
C ILE A 17 -6.69 8.27 -8.35
N GLU A 18 -5.76 9.19 -8.18
CA GLU A 18 -5.99 10.61 -8.48
C GLU A 18 -6.84 11.29 -7.41
N ASN A 19 -7.20 10.54 -6.37
CA ASN A 19 -8.00 11.08 -5.28
C ASN A 19 -7.13 11.43 -4.09
N ASP A 20 -7.27 12.67 -3.61
CA ASP A 20 -6.49 13.13 -2.47
C ASP A 20 -6.93 12.44 -1.18
N ALA A 21 -8.22 12.15 -1.08
CA ALA A 21 -8.77 11.48 0.09
C ALA A 21 -8.25 10.06 0.20
N GLU A 22 -8.17 9.37 -0.94
CA GLU A 22 -7.68 8.00 -0.96
C GLU A 22 -6.22 7.92 -0.54
N LYS A 23 -5.44 8.93 -0.94
CA LYS A 23 -4.03 8.98 -0.60
C LYS A 23 -3.85 9.20 0.90
N ASP A 24 -4.68 10.06 1.48
CA ASP A 24 -4.61 10.34 2.91
C ASP A 24 -5.01 9.11 3.72
N TYR A 25 -5.89 8.30 3.16
CA TYR A 25 -6.35 7.09 3.81
C TYR A 25 -5.26 6.02 3.81
N LEU A 26 -4.64 5.83 2.66
CA LEU A 26 -3.57 4.84 2.52
C LEU A 26 -2.32 5.28 3.28
N TYR A 27 -2.12 6.59 3.39
CA TYR A 27 -0.96 7.12 4.10
C TYR A 27 -1.13 6.94 5.61
N ASP A 28 -2.36 7.11 6.08
CA ASP A 28 -2.65 6.97 7.50
C ASP A 28 -2.46 5.52 7.95
N VAL A 29 -3.00 4.58 7.16
CA VAL A 29 -2.88 3.17 7.48
C VAL A 29 -1.41 2.72 7.44
N LEU A 30 -0.67 3.27 6.48
CA LEU A 30 0.75 2.93 6.34
C LEU A 30 1.57 3.54 7.46
N ARG A 31 1.24 4.78 7.84
CA ARG A 31 1.94 5.47 8.90
C ARG A 31 1.89 4.67 10.20
N MET A 32 0.70 4.19 10.53
CA MET A 32 0.51 3.41 11.75
C MET A 32 1.07 1.99 11.57
N TYR A 33 1.05 1.52 10.33
CA TYR A 33 1.55 0.18 10.03
C TYR A 33 3.02 0.06 10.37
N HIS A 34 3.77 1.13 10.15
CA HIS A 34 5.20 1.16 10.43
C HIS A 34 5.45 1.06 11.94
N GLN A 35 4.74 1.88 12.70
CA GLN A 35 4.90 1.90 14.15
C GLN A 35 4.24 0.67 14.79
N THR A 36 2.98 0.45 14.44
CA THR A 36 2.23 -0.68 14.98
C THR A 36 2.79 -2.00 14.48
N MET A 37 3.16 -2.04 13.21
CA MET A 37 3.71 -3.25 12.60
C MET A 37 2.68 -4.39 12.62
N ASP A 38 1.62 -4.22 11.85
CA ASP A 38 0.55 -5.22 11.78
C ASP A 38 0.11 -5.44 10.33
N VAL A 39 0.64 -6.49 9.71
CA VAL A 39 0.30 -6.81 8.33
C VAL A 39 -1.17 -7.19 8.20
N ALA A 40 -1.71 -7.80 9.25
CA ALA A 40 -3.11 -8.22 9.24
C ALA A 40 -4.05 -7.02 9.20
N VAL A 41 -3.70 -5.98 9.95
CA VAL A 41 -4.51 -4.77 10.01
C VAL A 41 -4.36 -3.95 8.73
N LEU A 42 -3.14 -3.93 8.18
CA LEU A 42 -2.87 -3.19 6.97
C LEU A 42 -3.68 -3.74 5.79
N VAL A 43 -3.68 -5.05 5.65
CA VAL A 43 -4.42 -5.70 4.57
C VAL A 43 -5.90 -5.34 4.61
N GLY A 44 -6.44 -5.28 5.82
CA GLY A 44 -7.84 -4.94 5.98
C GLY A 44 -8.16 -3.54 5.49
N ASP A 45 -7.40 -2.57 5.98
CA ASP A 45 -7.61 -1.17 5.59
C ASP A 45 -7.35 -0.99 4.10
N LEU A 46 -6.20 -1.48 3.64
CA LEU A 46 -5.84 -1.37 2.23
C LEU A 46 -6.89 -2.02 1.34
N LYS A 47 -7.58 -3.03 1.87
CA LYS A 47 -8.61 -3.73 1.12
C LYS A 47 -9.87 -2.87 1.00
N LEU A 48 -10.36 -2.38 2.14
CA LEU A 48 -11.56 -1.55 2.16
C LEU A 48 -11.44 -0.37 1.20
N VAL A 49 -10.23 0.17 1.09
CA VAL A 49 -9.98 1.31 0.21
C VAL A 49 -9.60 0.86 -1.20
N ILE A 50 -8.67 -0.09 -1.28
CA ILE A 50 -8.22 -0.61 -2.56
C ILE A 50 -9.02 -1.83 -2.99
N ASN A 51 -10.24 -1.97 -2.48
CA ASN A 51 -11.08 -3.10 -2.81
C ASN A 51 -11.34 -3.16 -4.32
N GLU A 52 -11.55 -2.00 -4.93
CA GLU A 52 -11.80 -1.92 -6.36
C GLU A 52 -10.73 -2.68 -7.15
N PRO A 53 -11.13 -3.78 -7.83
CA PRO A 53 -10.22 -4.61 -8.62
C PRO A 53 -9.23 -3.77 -9.43
N SER A 54 -9.65 -2.58 -9.84
CA SER A 54 -8.81 -1.68 -10.63
C SER A 54 -7.63 -1.18 -9.79
N ARG A 55 -7.90 -0.89 -8.52
CA ARG A 55 -6.87 -0.38 -7.62
C ARG A 55 -5.94 -1.50 -7.14
N LEU A 56 -6.26 -2.74 -7.51
CA LEU A 56 -5.46 -3.89 -7.11
C LEU A 56 -3.98 -3.69 -7.45
N PRO A 57 -3.66 -3.45 -8.74
CA PRO A 57 -2.28 -3.24 -9.19
C PRO A 57 -1.51 -2.28 -8.28
N LEU A 58 -2.23 -1.38 -7.63
CA LEU A 58 -1.61 -0.41 -6.74
C LEU A 58 -0.81 -1.11 -5.64
N PHE A 59 -1.26 -2.29 -5.24
CA PHE A 59 -0.58 -3.06 -4.20
C PHE A 59 0.91 -3.22 -4.52
N ASP A 60 1.23 -3.25 -5.81
CA ASP A 60 2.61 -3.40 -6.24
C ASP A 60 3.51 -2.35 -5.60
N ALA A 61 3.08 -1.10 -5.65
CA ALA A 61 3.84 0.00 -5.07
C ALA A 61 3.78 -0.03 -3.54
N ILE A 62 2.78 -0.70 -2.99
CA ILE A 62 2.63 -0.80 -1.54
C ILE A 62 3.71 -1.71 -0.95
N ARG A 63 4.07 -2.76 -1.68
CA ARG A 63 5.08 -3.70 -1.21
C ARG A 63 6.41 -2.99 -0.90
N PRO A 64 6.98 -2.30 -1.90
CA PRO A 64 8.24 -1.57 -1.74
C PRO A 64 8.36 -0.84 -0.41
N LEU A 65 7.31 -0.10 -0.05
CA LEU A 65 7.29 0.63 1.21
C LEU A 65 7.27 -0.34 2.37
N ILE A 66 6.53 -1.43 2.19
CA ILE A 66 6.40 -2.47 3.19
C ILE A 66 7.74 -3.19 3.39
N PRO A 67 8.10 -3.50 4.65
CA PRO A 67 9.36 -4.18 4.98
C PRO A 67 9.54 -5.47 4.19
N LEU A 68 10.79 -5.90 4.05
CA LEU A 68 11.12 -7.13 3.31
C LEU A 68 10.26 -8.30 3.79
N LYS A 69 10.58 -8.82 4.97
CA LYS A 69 9.83 -9.94 5.54
C LYS A 69 8.33 -9.68 5.47
N HIS A 70 7.96 -8.42 5.63
CA HIS A 70 6.56 -8.03 5.59
C HIS A 70 5.99 -8.23 4.19
N GLN A 71 6.80 -7.95 3.17
CA GLN A 71 6.38 -8.11 1.78
C GLN A 71 6.01 -9.57 1.51
N VAL A 72 6.86 -10.47 2.00
CA VAL A 72 6.64 -11.90 1.82
C VAL A 72 5.31 -12.33 2.43
N GLU A 73 5.12 -12.04 3.71
CA GLU A 73 3.90 -12.39 4.40
C GLU A 73 2.71 -11.67 3.77
N TYR A 74 2.92 -10.43 3.35
CA TYR A 74 1.85 -9.66 2.72
C TYR A 74 1.28 -10.44 1.55
N ASP A 75 2.16 -11.08 0.81
CA ASP A 75 1.76 -11.89 -0.34
C ASP A 75 1.11 -13.19 0.11
N GLN A 76 1.56 -13.70 1.26
CA GLN A 76 1.01 -14.93 1.81
C GLN A 76 -0.46 -14.76 2.16
N LEU A 77 -0.85 -13.55 2.52
CA LEU A 77 -2.23 -13.26 2.88
C LEU A 77 -3.04 -12.84 1.66
N THR A 78 -2.40 -12.08 0.77
CA THR A 78 -3.07 -11.61 -0.45
C THR A 78 -3.00 -12.68 -1.54
N PRO A 79 -3.92 -12.61 -2.52
CA PRO A 79 -3.97 -13.57 -3.63
C PRO A 79 -2.72 -13.52 -4.50
N ARG A 80 -2.23 -14.69 -4.91
CA ARG A 80 -1.04 -14.78 -5.74
C ARG A 80 -1.41 -14.94 -7.21
N MET A 1 17.46 4.81 4.70
CA MET A 1 16.79 6.06 5.15
C MET A 1 15.75 6.51 4.13
N ASP A 2 16.20 6.88 2.94
CA ASP A 2 15.30 7.34 1.88
C ASP A 2 14.97 6.20 0.92
N ARG A 3 13.68 5.99 0.69
CA ARG A 3 13.24 4.93 -0.22
C ARG A 3 13.38 5.36 -1.67
N LYS A 4 13.04 4.45 -2.58
CA LYS A 4 13.12 4.73 -4.01
C LYS A 4 11.79 4.49 -4.69
N VAL A 5 11.19 3.33 -4.42
CA VAL A 5 9.91 2.98 -5.01
C VAL A 5 8.82 3.96 -4.58
N ALA A 6 9.02 4.57 -3.42
CA ALA A 6 8.05 5.53 -2.89
C ALA A 6 7.73 6.62 -3.91
N ARG A 7 8.75 7.08 -4.62
CA ARG A 7 8.57 8.11 -5.62
C ARG A 7 7.63 7.64 -6.73
N GLU A 8 7.96 6.50 -7.31
CA GLU A 8 7.15 5.92 -8.38
C GLU A 8 5.76 5.58 -7.86
N PHE A 9 5.68 5.25 -6.57
CA PHE A 9 4.41 4.91 -5.94
C PHE A 9 3.49 6.12 -5.90
N ARG A 10 3.99 7.22 -5.36
CA ARG A 10 3.20 8.44 -5.26
C ARG A 10 2.69 8.88 -6.64
N HIS A 11 3.55 8.77 -7.64
CA HIS A 11 3.19 9.15 -9.01
C HIS A 11 2.05 8.29 -9.54
N LYS A 12 2.21 6.98 -9.44
CA LYS A 12 1.19 6.05 -9.93
C LYS A 12 -0.11 6.17 -9.13
N VAL A 13 0.02 6.27 -7.81
CA VAL A 13 -1.15 6.39 -6.94
C VAL A 13 -2.06 7.54 -7.40
N ASP A 14 -1.48 8.71 -7.58
CA ASP A 14 -2.24 9.88 -8.01
C ASP A 14 -2.72 9.72 -9.45
N PHE A 15 -1.96 8.98 -10.24
CA PHE A 15 -2.31 8.74 -11.64
C PHE A 15 -3.54 7.85 -11.75
N LEU A 16 -3.54 6.74 -11.03
CA LEU A 16 -4.66 5.81 -11.07
C LEU A 16 -5.79 6.27 -10.15
N ILE A 17 -5.43 6.93 -9.05
CA ILE A 17 -6.43 7.41 -8.09
C ILE A 17 -6.79 8.87 -8.37
N GLU A 18 -5.94 9.79 -7.90
CA GLU A 18 -6.18 11.21 -8.10
C GLU A 18 -7.33 11.73 -7.24
N ASN A 19 -7.93 10.85 -6.43
CA ASN A 19 -9.04 11.22 -5.58
C ASN A 19 -8.57 12.10 -4.41
N ASP A 20 -7.27 12.09 -4.15
CA ASP A 20 -6.69 12.88 -3.06
C ASP A 20 -7.02 12.26 -1.70
N ALA A 21 -8.31 12.18 -1.39
CA ALA A 21 -8.76 11.62 -0.13
C ALA A 21 -8.27 10.19 0.04
N GLU A 22 -8.25 9.45 -1.07
CA GLU A 22 -7.80 8.06 -1.05
C GLU A 22 -6.31 7.97 -0.74
N LYS A 23 -5.56 8.95 -1.24
CA LYS A 23 -4.12 8.99 -1.01
C LYS A 23 -3.82 9.25 0.46
N ASP A 24 -4.65 10.07 1.10
CA ASP A 24 -4.47 10.39 2.50
C ASP A 24 -4.84 9.19 3.37
N TYR A 25 -5.83 8.43 2.92
CA TYR A 25 -6.27 7.24 3.64
C TYR A 25 -5.19 6.17 3.63
N LEU A 26 -4.71 5.85 2.43
CA LEU A 26 -3.67 4.83 2.29
C LEU A 26 -2.41 5.26 3.03
N TYR A 27 -2.13 6.56 3.04
CA TYR A 27 -0.96 7.09 3.71
C TYR A 27 -1.11 6.96 5.22
N ASP A 28 -2.35 7.13 5.71
CA ASP A 28 -2.63 7.02 7.13
C ASP A 28 -2.36 5.61 7.63
N VAL A 29 -2.78 4.62 6.84
CA VAL A 29 -2.58 3.22 7.19
C VAL A 29 -1.10 2.87 7.23
N LEU A 30 -0.37 3.32 6.22
CA LEU A 30 1.07 3.06 6.14
C LEU A 30 1.82 3.74 7.28
N ARG A 31 1.49 5.01 7.52
CA ARG A 31 2.13 5.76 8.59
C ARG A 31 1.96 5.06 9.93
N MET A 32 0.74 4.62 10.21
CA MET A 32 0.44 3.92 11.45
C MET A 32 0.95 2.48 11.38
N TYR A 33 0.98 1.93 10.18
CA TYR A 33 1.44 0.57 9.96
C TYR A 33 2.89 0.41 10.43
N HIS A 34 3.67 1.48 10.27
CA HIS A 34 5.07 1.47 10.67
C HIS A 34 5.19 1.50 12.20
N GLN A 35 4.37 2.31 12.84
CA GLN A 35 4.37 2.44 14.29
C GLN A 35 3.75 1.22 14.95
N THR A 36 2.62 0.77 14.42
CA THR A 36 1.91 -0.38 14.95
C THR A 36 2.58 -1.68 14.50
N MET A 37 3.05 -1.71 13.26
CA MET A 37 3.70 -2.89 12.71
C MET A 37 2.74 -4.08 12.69
N ASP A 38 1.61 -3.91 12.02
CA ASP A 38 0.61 -4.97 11.92
C ASP A 38 0.22 -5.21 10.47
N VAL A 39 0.84 -6.21 9.85
CA VAL A 39 0.56 -6.55 8.46
C VAL A 39 -0.90 -6.95 8.27
N ALA A 40 -1.48 -7.55 9.31
CA ALA A 40 -2.87 -7.98 9.26
C ALA A 40 -3.80 -6.79 9.14
N VAL A 41 -3.50 -5.73 9.88
CA VAL A 41 -4.33 -4.52 9.86
C VAL A 41 -4.13 -3.75 8.57
N LEU A 42 -2.90 -3.75 8.06
CA LEU A 42 -2.58 -3.04 6.82
C LEU A 42 -3.40 -3.58 5.66
N VAL A 43 -3.46 -4.91 5.55
CA VAL A 43 -4.21 -5.55 4.48
C VAL A 43 -5.69 -5.19 4.56
N GLY A 44 -6.23 -5.15 5.77
CA GLY A 44 -7.62 -4.83 5.96
C GLY A 44 -7.99 -3.46 5.41
N ASP A 45 -7.34 -2.43 5.91
CA ASP A 45 -7.60 -1.06 5.46
C ASP A 45 -7.34 -0.93 3.96
N LEU A 46 -6.18 -1.38 3.51
CA LEU A 46 -5.82 -1.31 2.10
C LEU A 46 -6.87 -1.99 1.24
N LYS A 47 -7.54 -2.99 1.78
CA LYS A 47 -8.57 -3.72 1.05
C LYS A 47 -9.82 -2.87 0.89
N LEU A 48 -10.26 -2.25 1.99
CA LEU A 48 -11.45 -1.41 1.96
C LEU A 48 -11.31 -0.28 0.94
N VAL A 49 -10.11 0.27 0.83
CA VAL A 49 -9.85 1.36 -0.11
C VAL A 49 -9.49 0.83 -1.50
N ILE A 50 -8.62 -0.17 -1.52
CA ILE A 50 -8.19 -0.77 -2.79
C ILE A 50 -9.14 -1.89 -3.23
N ASN A 51 -10.31 -1.97 -2.60
CA ASN A 51 -11.29 -3.00 -2.94
C ASN A 51 -11.58 -2.99 -4.44
N GLU A 52 -11.73 -1.79 -5.01
CA GLU A 52 -12.02 -1.65 -6.43
C GLU A 52 -10.95 -2.36 -7.28
N PRO A 53 -11.36 -3.40 -8.02
CA PRO A 53 -10.46 -4.17 -8.87
C PRO A 53 -9.49 -3.28 -9.65
N SER A 54 -9.94 -2.08 -9.99
CA SER A 54 -9.11 -1.13 -10.73
C SER A 54 -7.93 -0.64 -9.89
N ARG A 55 -8.14 -0.59 -8.58
CA ARG A 55 -7.09 -0.15 -7.65
C ARG A 55 -6.19 -1.30 -7.23
N LEU A 56 -6.58 -2.52 -7.58
CA LEU A 56 -5.79 -3.71 -7.22
C LEU A 56 -4.30 -3.52 -7.50
N PRO A 57 -3.93 -3.03 -8.70
CA PRO A 57 -2.53 -2.81 -9.07
C PRO A 57 -1.75 -2.05 -8.00
N LEU A 58 -2.46 -1.26 -7.19
CA LEU A 58 -1.81 -0.48 -6.14
C LEU A 58 -1.01 -1.37 -5.20
N PHE A 59 -1.57 -2.51 -4.83
CA PHE A 59 -0.91 -3.46 -3.93
C PHE A 59 0.51 -3.74 -4.38
N ASP A 60 0.71 -3.84 -5.69
CA ASP A 60 2.03 -4.11 -6.25
C ASP A 60 3.04 -3.10 -5.74
N ALA A 61 2.64 -1.83 -5.74
CA ALA A 61 3.51 -0.76 -5.26
C ALA A 61 3.67 -0.78 -3.74
N ILE A 62 2.68 -1.33 -3.06
CA ILE A 62 2.70 -1.41 -1.60
C ILE A 62 3.81 -2.34 -1.12
N ARG A 63 4.02 -3.43 -1.84
CA ARG A 63 5.05 -4.40 -1.46
C ARG A 63 6.43 -3.74 -1.39
N PRO A 64 6.92 -3.17 -2.49
CA PRO A 64 8.23 -2.51 -2.55
C PRO A 64 8.47 -1.57 -1.36
N LEU A 65 7.54 -0.66 -1.13
CA LEU A 65 7.67 0.30 -0.03
C LEU A 65 7.61 -0.41 1.33
N ILE A 66 7.17 -1.67 1.34
CA ILE A 66 7.07 -2.43 2.57
C ILE A 66 8.34 -3.26 2.82
N PRO A 67 8.78 -3.37 4.09
CA PRO A 67 9.98 -4.12 4.46
C PRO A 67 10.04 -5.51 3.80
N LEU A 68 11.24 -6.05 3.70
CA LEU A 68 11.47 -7.36 3.08
C LEU A 68 10.58 -8.44 3.71
N LYS A 69 10.86 -8.78 4.96
CA LYS A 69 10.09 -9.82 5.67
C LYS A 69 8.59 -9.62 5.45
N HIS A 70 8.14 -8.39 5.57
CA HIS A 70 6.73 -8.07 5.39
C HIS A 70 6.30 -8.24 3.93
N GLN A 71 7.25 -8.08 3.00
CA GLN A 71 6.94 -8.23 1.58
C GLN A 71 6.48 -9.66 1.31
N VAL A 72 7.31 -10.61 1.70
CA VAL A 72 7.00 -12.02 1.51
C VAL A 72 5.69 -12.37 2.19
N GLU A 73 5.53 -11.92 3.43
CA GLU A 73 4.31 -12.18 4.19
C GLU A 73 3.12 -11.51 3.51
N TYR A 74 3.33 -10.32 2.97
CA TYR A 74 2.26 -9.60 2.29
C TYR A 74 1.70 -10.46 1.17
N ASP A 75 2.59 -11.17 0.50
CA ASP A 75 2.19 -12.07 -0.58
C ASP A 75 1.50 -13.31 -0.01
N GLN A 76 1.92 -13.72 1.17
CA GLN A 76 1.33 -14.90 1.82
C GLN A 76 -0.13 -14.65 2.19
N LEU A 77 -0.46 -13.38 2.46
CA LEU A 77 -1.82 -13.01 2.83
C LEU A 77 -2.61 -12.59 1.59
N THR A 78 -2.00 -11.76 0.76
CA THR A 78 -2.65 -11.26 -0.45
C THR A 78 -2.65 -12.34 -1.53
N PRO A 79 -3.84 -12.87 -1.89
CA PRO A 79 -3.97 -13.91 -2.92
C PRO A 79 -3.67 -13.37 -4.32
N ARG A 80 -2.48 -13.67 -4.82
CA ARG A 80 -2.08 -13.22 -6.14
C ARG A 80 -0.72 -13.80 -6.52
N MET A 1 19.42 6.93 -1.74
CA MET A 1 19.82 5.49 -1.73
C MET A 1 18.67 4.60 -2.20
N ASP A 2 17.61 4.55 -1.41
CA ASP A 2 16.45 3.74 -1.74
C ASP A 2 15.27 4.61 -2.17
N ARG A 3 15.58 5.74 -2.78
CA ARG A 3 14.55 6.66 -3.25
C ARG A 3 14.31 6.50 -4.75
N LYS A 4 13.59 5.44 -5.11
CA LYS A 4 13.29 5.17 -6.51
C LYS A 4 11.82 4.78 -6.69
N VAL A 5 11.35 3.87 -5.84
CA VAL A 5 9.96 3.43 -5.92
C VAL A 5 9.00 4.51 -5.45
N ALA A 6 9.50 5.42 -4.60
CA ALA A 6 8.68 6.51 -4.08
C ALA A 6 8.08 7.33 -5.21
N ARG A 7 8.92 7.70 -6.17
CA ARG A 7 8.47 8.47 -7.32
C ARG A 7 7.37 7.74 -8.08
N GLU A 8 7.62 6.46 -8.34
CA GLU A 8 6.65 5.64 -9.07
C GLU A 8 5.36 5.51 -8.27
N PHE A 9 5.50 5.37 -6.96
CA PHE A 9 4.34 5.24 -6.07
C PHE A 9 3.47 6.50 -6.16
N ARG A 10 4.10 7.64 -6.39
CA ARG A 10 3.38 8.90 -6.49
C ARG A 10 2.57 8.97 -7.78
N HIS A 11 3.21 8.71 -8.91
CA HIS A 11 2.53 8.76 -10.21
C HIS A 11 1.47 7.66 -10.31
N LYS A 12 1.83 6.45 -9.91
CA LYS A 12 0.91 5.31 -9.97
C LYS A 12 -0.37 5.60 -9.18
N VAL A 13 -0.21 5.88 -7.89
CA VAL A 13 -1.35 6.18 -7.03
C VAL A 13 -2.23 7.27 -7.62
N ASP A 14 -1.59 8.33 -8.12
CA ASP A 14 -2.32 9.44 -8.72
C ASP A 14 -3.01 9.01 -10.01
N PHE A 15 -2.42 8.04 -10.70
CA PHE A 15 -2.97 7.54 -11.95
C PHE A 15 -4.27 6.78 -11.72
N LEU A 16 -4.26 5.83 -10.79
CA LEU A 16 -5.45 5.03 -10.49
C LEU A 16 -6.38 5.76 -9.52
N ILE A 17 -5.79 6.33 -8.47
CA ILE A 17 -6.58 7.04 -7.47
C ILE A 17 -6.77 8.50 -7.86
N GLU A 18 -5.70 9.29 -7.72
CA GLU A 18 -5.74 10.70 -8.06
C GLU A 18 -6.50 11.52 -7.01
N ASN A 19 -6.98 10.86 -5.96
CA ASN A 19 -7.72 11.53 -4.91
C ASN A 19 -6.81 11.83 -3.71
N ASP A 20 -7.04 12.99 -3.08
CA ASP A 20 -6.25 13.38 -1.93
C ASP A 20 -6.76 12.73 -0.65
N ALA A 21 -8.06 12.52 -0.59
CA ALA A 21 -8.68 11.89 0.57
C ALA A 21 -8.24 10.44 0.70
N GLU A 22 -8.38 9.70 -0.38
CA GLU A 22 -8.00 8.29 -0.40
C GLU A 22 -6.49 8.13 -0.20
N LYS A 23 -5.74 9.09 -0.72
CA LYS A 23 -4.29 9.07 -0.59
C LYS A 23 -3.87 9.33 0.85
N ASP A 24 -4.62 10.17 1.54
CA ASP A 24 -4.33 10.49 2.93
C ASP A 24 -4.68 9.33 3.84
N TYR A 25 -5.70 8.57 3.44
CA TYR A 25 -6.13 7.42 4.20
C TYR A 25 -5.11 6.28 4.12
N LEU A 26 -4.67 5.99 2.90
CA LEU A 26 -3.68 4.94 2.69
C LEU A 26 -2.35 5.30 3.33
N TYR A 27 -2.03 6.59 3.32
CA TYR A 27 -0.78 7.07 3.90
C TYR A 27 -0.80 6.91 5.41
N ASP A 28 -1.96 7.18 6.01
CA ASP A 28 -2.13 7.06 7.46
C ASP A 28 -1.97 5.61 7.90
N VAL A 29 -2.54 4.70 7.12
CA VAL A 29 -2.45 3.27 7.43
C VAL A 29 -1.00 2.80 7.43
N LEU A 30 -0.27 3.16 6.38
CA LEU A 30 1.14 2.77 6.26
C LEU A 30 1.97 3.39 7.37
N ARG A 31 1.77 4.69 7.60
CA ARG A 31 2.50 5.40 8.63
C ARG A 31 2.32 4.72 9.99
N MET A 32 1.11 4.25 10.23
CA MET A 32 0.81 3.57 11.49
C MET A 32 1.21 2.11 11.43
N TYR A 33 1.17 1.53 10.22
CA TYR A 33 1.53 0.14 10.02
C TYR A 33 2.98 -0.11 10.42
N HIS A 34 3.82 0.91 10.25
CA HIS A 34 5.23 0.80 10.61
C HIS A 34 5.41 0.78 12.11
N GLN A 35 4.71 1.68 12.81
CA GLN A 35 4.80 1.77 14.26
C GLN A 35 4.05 0.61 14.93
N THR A 36 2.86 0.31 14.41
CA THR A 36 2.05 -0.76 14.95
C THR A 36 2.54 -2.12 14.49
N MET A 37 2.99 -2.19 13.24
CA MET A 37 3.50 -3.43 12.67
C MET A 37 2.40 -4.49 12.62
N ASP A 38 1.20 -4.08 12.24
CA ASP A 38 0.07 -4.99 12.15
C ASP A 38 -0.30 -5.27 10.70
N VAL A 39 0.17 -6.40 10.17
CA VAL A 39 -0.10 -6.77 8.80
C VAL A 39 -1.57 -7.13 8.59
N ALA A 40 -2.16 -7.77 9.60
CA ALA A 40 -3.57 -8.16 9.53
C ALA A 40 -4.46 -6.96 9.25
N VAL A 41 -4.23 -5.87 9.98
CA VAL A 41 -5.02 -4.65 9.82
C VAL A 41 -4.65 -3.93 8.52
N LEU A 42 -3.36 -3.97 8.17
CA LEU A 42 -2.88 -3.32 6.97
C LEU A 42 -3.59 -3.86 5.72
N VAL A 43 -3.59 -5.18 5.58
CA VAL A 43 -4.24 -5.81 4.43
C VAL A 43 -5.72 -5.49 4.39
N GLY A 44 -6.36 -5.46 5.55
CA GLY A 44 -7.78 -5.17 5.62
C GLY A 44 -8.12 -3.82 5.03
N ASP A 45 -7.48 -2.77 5.54
CA ASP A 45 -7.72 -1.42 5.04
C ASP A 45 -7.37 -1.29 3.57
N LEU A 46 -6.31 -1.96 3.15
CA LEU A 46 -5.86 -1.93 1.77
C LEU A 46 -6.93 -2.49 0.84
N LYS A 47 -7.68 -3.48 1.32
CA LYS A 47 -8.72 -4.10 0.52
C LYS A 47 -9.94 -3.19 0.40
N LEU A 48 -10.42 -2.71 1.55
CA LEU A 48 -11.58 -1.83 1.58
C LEU A 48 -11.36 -0.58 0.72
N VAL A 49 -10.12 -0.13 0.66
CA VAL A 49 -9.79 1.05 -0.13
C VAL A 49 -9.42 0.68 -1.56
N ILE A 50 -8.57 -0.33 -1.70
CA ILE A 50 -8.14 -0.78 -3.02
C ILE A 50 -9.03 -1.89 -3.56
N ASN A 51 -10.24 -2.01 -3.02
CA ASN A 51 -11.18 -3.03 -3.46
C ASN A 51 -11.40 -2.95 -4.97
N GLU A 52 -11.52 -1.72 -5.47
CA GLU A 52 -11.73 -1.49 -6.90
C GLU A 52 -10.59 -2.11 -7.72
N PRO A 53 -10.91 -3.14 -8.52
CA PRO A 53 -9.92 -3.83 -9.35
C PRO A 53 -8.94 -2.87 -10.03
N SER A 54 -9.38 -1.65 -10.28
CA SER A 54 -8.54 -0.65 -10.93
C SER A 54 -7.40 -0.22 -10.01
N ARG A 55 -7.66 -0.20 -8.70
CA ARG A 55 -6.66 0.19 -7.72
C ARG A 55 -5.72 -0.97 -7.38
N LEU A 56 -6.09 -2.18 -7.79
CA LEU A 56 -5.30 -3.37 -7.51
C LEU A 56 -3.81 -3.14 -7.80
N PRO A 57 -3.46 -2.75 -9.04
CA PRO A 57 -2.06 -2.50 -9.43
C PRO A 57 -1.29 -1.70 -8.38
N LEU A 58 -2.00 -0.88 -7.61
CA LEU A 58 -1.37 -0.07 -6.57
C LEU A 58 -0.58 -0.94 -5.61
N PHE A 59 -1.05 -2.18 -5.40
CA PHE A 59 -0.39 -3.11 -4.50
C PHE A 59 1.11 -3.21 -4.80
N ASP A 60 1.45 -3.13 -6.08
CA ASP A 60 2.84 -3.21 -6.51
C ASP A 60 3.69 -2.18 -5.77
N ALA A 61 3.18 -0.95 -5.70
CA ALA A 61 3.88 0.14 -5.02
C ALA A 61 3.84 -0.04 -3.51
N ILE A 62 2.83 -0.76 -3.01
CA ILE A 62 2.70 -1.00 -1.59
C ILE A 62 3.81 -1.89 -1.06
N ARG A 63 4.23 -2.87 -1.86
CA ARG A 63 5.29 -3.78 -1.47
C ARG A 63 6.57 -3.02 -1.10
N PRO A 64 7.12 -2.25 -2.06
CA PRO A 64 8.35 -1.47 -1.84
C PRO A 64 8.37 -0.78 -0.47
N LEU A 65 7.30 -0.08 -0.16
CA LEU A 65 7.19 0.62 1.12
C LEU A 65 7.15 -0.37 2.27
N ILE A 66 6.50 -1.50 2.01
CA ILE A 66 6.37 -2.56 3.00
C ILE A 66 7.71 -3.27 3.22
N PRO A 67 8.20 -3.34 4.47
CA PRO A 67 9.46 -3.98 4.81
C PRO A 67 9.60 -5.37 4.17
N LEU A 68 10.84 -5.82 4.01
CA LEU A 68 11.12 -7.12 3.41
C LEU A 68 10.28 -8.24 4.05
N LYS A 69 10.63 -8.60 5.28
CA LYS A 69 9.92 -9.65 6.01
C LYS A 69 8.41 -9.52 5.85
N HIS A 70 7.90 -8.33 6.11
CA HIS A 70 6.47 -8.07 5.99
C HIS A 70 6.01 -8.20 4.55
N GLN A 71 6.92 -7.94 3.60
CA GLN A 71 6.60 -8.05 2.18
C GLN A 71 6.20 -9.48 1.84
N VAL A 72 7.08 -10.42 2.17
CA VAL A 72 6.83 -11.83 1.91
C VAL A 72 5.53 -12.28 2.57
N GLU A 73 5.39 -11.97 3.86
CA GLU A 73 4.19 -12.34 4.60
C GLU A 73 2.97 -11.63 4.04
N TYR A 74 3.17 -10.39 3.59
CA TYR A 74 2.08 -9.62 3.00
C TYR A 74 1.47 -10.39 1.84
N ASP A 75 2.34 -11.03 1.07
CA ASP A 75 1.91 -11.83 -0.07
C ASP A 75 1.26 -13.11 0.40
N GLN A 76 1.75 -13.65 1.52
CA GLN A 76 1.21 -14.88 2.08
C GLN A 76 -0.22 -14.69 2.55
N LEU A 77 -0.52 -13.49 3.05
CA LEU A 77 -1.85 -13.18 3.53
C LEU A 77 -2.78 -12.81 2.38
N THR A 78 -2.25 -12.05 1.43
CA THR A 78 -3.01 -11.63 0.27
C THR A 78 -3.16 -12.77 -0.74
N PRO A 79 -4.20 -12.73 -1.59
CA PRO A 79 -4.45 -13.76 -2.60
C PRO A 79 -3.35 -13.80 -3.66
N ARG A 80 -2.32 -14.60 -3.40
CA ARG A 80 -1.20 -14.73 -4.34
C ARG A 80 -0.49 -13.40 -4.54
N MET A 1 15.51 11.78 -4.81
CA MET A 1 16.95 11.65 -4.50
C MET A 1 17.31 10.21 -4.16
N ASP A 2 16.66 9.66 -3.14
CA ASP A 2 16.90 8.29 -2.71
C ASP A 2 15.77 7.37 -3.14
N ARG A 3 16.10 6.11 -3.38
CA ARG A 3 15.12 5.13 -3.81
C ARG A 3 14.48 5.53 -5.13
N LYS A 4 13.65 4.65 -5.68
CA LYS A 4 12.98 4.92 -6.95
C LYS A 4 11.49 4.61 -6.86
N VAL A 5 11.16 3.47 -6.24
CA VAL A 5 9.77 3.06 -6.09
C VAL A 5 8.94 4.13 -5.40
N ALA A 6 9.58 4.93 -4.55
CA ALA A 6 8.90 6.00 -3.83
C ALA A 6 8.33 7.03 -4.80
N ARG A 7 9.15 7.46 -5.74
CA ARG A 7 8.72 8.44 -6.74
C ARG A 7 7.59 7.88 -7.58
N GLU A 8 7.80 6.68 -8.09
CA GLU A 8 6.80 6.02 -8.92
C GLU A 8 5.56 5.68 -8.10
N PHE A 9 5.76 5.41 -6.82
CA PHE A 9 4.67 5.07 -5.92
C PHE A 9 3.66 6.21 -5.84
N ARG A 10 4.16 7.43 -5.65
CA ARG A 10 3.31 8.60 -5.56
C ARG A 10 2.65 8.90 -6.90
N HIS A 11 3.41 8.77 -7.97
CA HIS A 11 2.91 9.04 -9.31
C HIS A 11 1.81 8.05 -9.70
N LYS A 12 2.11 6.76 -9.59
CA LYS A 12 1.13 5.72 -9.94
C LYS A 12 -0.14 5.85 -9.10
N VAL A 13 0.02 6.04 -7.80
CA VAL A 13 -1.13 6.19 -6.91
C VAL A 13 -2.08 7.26 -7.42
N ASP A 14 -1.53 8.44 -7.69
CA ASP A 14 -2.34 9.55 -8.19
C ASP A 14 -2.96 9.20 -9.54
N PHE A 15 -2.28 8.34 -10.30
CA PHE A 15 -2.76 7.93 -11.61
C PHE A 15 -4.01 7.06 -11.49
N LEU A 16 -3.94 6.03 -10.64
CA LEU A 16 -5.09 5.13 -10.46
C LEU A 16 -6.15 5.77 -9.58
N ILE A 17 -5.75 6.16 -8.37
CA ILE A 17 -6.68 6.79 -7.44
C ILE A 17 -7.02 8.21 -7.86
N GLU A 18 -6.04 9.10 -7.75
CA GLU A 18 -6.23 10.51 -8.12
C GLU A 18 -7.06 11.27 -7.09
N ASN A 19 -7.46 10.58 -6.02
CA ASN A 19 -8.25 11.21 -4.97
C ASN A 19 -7.37 11.69 -3.82
N ASP A 20 -7.66 12.89 -3.32
CA ASP A 20 -6.88 13.46 -2.22
C ASP A 20 -7.28 12.83 -0.90
N ALA A 21 -8.58 12.61 -0.73
CA ALA A 21 -9.10 12.00 0.50
C ALA A 21 -8.64 10.56 0.63
N GLU A 22 -8.74 9.81 -0.46
CA GLU A 22 -8.33 8.41 -0.47
C GLU A 22 -6.82 8.29 -0.29
N LYS A 23 -6.09 9.25 -0.84
CA LYS A 23 -4.63 9.25 -0.73
C LYS A 23 -4.20 9.56 0.70
N ASP A 24 -4.94 10.44 1.36
CA ASP A 24 -4.63 10.82 2.74
C ASP A 24 -4.90 9.66 3.69
N TYR A 25 -5.95 8.89 3.40
CA TYR A 25 -6.31 7.75 4.22
C TYR A 25 -5.24 6.66 4.15
N LEU A 26 -4.86 6.29 2.94
CA LEU A 26 -3.84 5.27 2.74
C LEU A 26 -2.50 5.72 3.31
N TYR A 27 -2.25 7.03 3.27
CA TYR A 27 -1.01 7.59 3.79
C TYR A 27 -0.92 7.40 5.30
N ASP A 28 -2.03 7.64 5.98
CA ASP A 28 -2.09 7.49 7.43
C ASP A 28 -1.92 6.02 7.83
N VAL A 29 -2.50 5.13 7.04
CA VAL A 29 -2.40 3.70 7.31
C VAL A 29 -0.94 3.24 7.30
N LEU A 30 -0.23 3.62 6.25
CA LEU A 30 1.18 3.24 6.11
C LEU A 30 2.01 3.86 7.24
N ARG A 31 1.75 5.12 7.53
CA ARG A 31 2.47 5.83 8.58
C ARG A 31 2.30 5.11 9.92
N MET A 32 1.10 4.60 10.16
CA MET A 32 0.80 3.89 11.40
C MET A 32 1.27 2.44 11.31
N TYR A 33 1.24 1.89 10.10
CA TYR A 33 1.66 0.51 9.88
C TYR A 33 3.12 0.32 10.27
N HIS A 34 3.92 1.37 10.06
CA HIS A 34 5.34 1.32 10.37
C HIS A 34 5.56 1.34 11.89
N GLN A 35 4.84 2.23 12.57
CA GLN A 35 4.96 2.36 14.01
C GLN A 35 4.27 1.20 14.73
N THR A 36 3.07 0.87 14.27
CA THR A 36 2.30 -0.22 14.86
C THR A 36 2.83 -1.59 14.41
N MET A 37 3.22 -1.67 13.15
CA MET A 37 3.76 -2.92 12.60
C MET A 37 2.69 -4.02 12.62
N ASP A 38 1.54 -3.75 11.99
CA ASP A 38 0.46 -4.71 11.94
C ASP A 38 0.09 -5.03 10.50
N VAL A 39 0.63 -6.13 9.98
CA VAL A 39 0.36 -6.54 8.61
C VAL A 39 -1.10 -6.95 8.44
N ALA A 40 -1.66 -7.62 9.44
CA ALA A 40 -3.05 -8.05 9.40
C ALA A 40 -4.00 -6.88 9.18
N VAL A 41 -3.86 -5.86 10.02
CA VAL A 41 -4.70 -4.67 9.93
C VAL A 41 -4.47 -3.94 8.61
N LEU A 42 -3.22 -3.93 8.16
CA LEU A 42 -2.87 -3.27 6.91
C LEU A 42 -3.61 -3.89 5.72
N VAL A 43 -3.51 -5.20 5.60
CA VAL A 43 -4.17 -5.92 4.52
C VAL A 43 -5.68 -5.69 4.52
N GLY A 44 -6.27 -5.73 5.72
CA GLY A 44 -7.71 -5.52 5.84
C GLY A 44 -8.15 -4.19 5.28
N ASP A 45 -7.64 -3.10 5.85
CA ASP A 45 -7.99 -1.76 5.41
C ASP A 45 -7.63 -1.56 3.94
N LEU A 46 -6.38 -1.90 3.60
CA LEU A 46 -5.90 -1.75 2.23
C LEU A 46 -6.79 -2.51 1.24
N LYS A 47 -7.42 -3.57 1.72
CA LYS A 47 -8.31 -4.38 0.88
C LYS A 47 -9.61 -3.65 0.60
N LEU A 48 -10.26 -3.17 1.66
CA LEU A 48 -11.52 -2.46 1.53
C LEU A 48 -11.38 -1.24 0.62
N VAL A 49 -10.21 -0.62 0.63
CA VAL A 49 -9.95 0.56 -0.20
C VAL A 49 -9.40 0.16 -1.57
N ILE A 50 -8.44 -0.76 -1.58
CA ILE A 50 -7.83 -1.21 -2.82
C ILE A 50 -8.60 -2.41 -3.42
N ASN A 51 -9.82 -2.64 -2.94
CA ASN A 51 -10.64 -3.74 -3.43
C ASN A 51 -10.89 -3.60 -4.92
N GLU A 52 -11.08 -2.36 -5.37
CA GLU A 52 -11.31 -2.09 -6.78
C GLU A 52 -10.18 -2.64 -7.65
N PRO A 53 -10.49 -3.62 -8.51
CA PRO A 53 -9.50 -4.23 -9.39
C PRO A 53 -8.56 -3.22 -10.03
N SER A 54 -9.07 -2.00 -10.25
CA SER A 54 -8.27 -0.94 -10.84
C SER A 54 -7.15 -0.50 -9.91
N ARG A 55 -7.41 -0.59 -8.61
CA ARG A 55 -6.43 -0.20 -7.60
C ARG A 55 -5.51 -1.37 -7.23
N LEU A 56 -5.74 -2.53 -7.84
CA LEU A 56 -4.94 -3.71 -7.56
C LEU A 56 -3.45 -3.44 -7.77
N PRO A 57 -3.08 -2.85 -8.92
CA PRO A 57 -1.67 -2.54 -9.23
C PRO A 57 -0.99 -1.74 -8.12
N LEU A 58 -1.80 -1.04 -7.32
CA LEU A 58 -1.27 -0.24 -6.22
C LEU A 58 -0.49 -1.10 -5.24
N PHE A 59 -1.00 -2.29 -4.96
CA PHE A 59 -0.36 -3.20 -4.02
C PHE A 59 1.12 -3.39 -4.35
N ASP A 60 1.44 -3.38 -5.65
CA ASP A 60 2.83 -3.53 -6.09
C ASP A 60 3.73 -2.51 -5.40
N ALA A 61 3.28 -1.27 -5.39
CA ALA A 61 4.04 -0.19 -4.77
C ALA A 61 4.04 -0.30 -3.24
N ILE A 62 3.01 -0.94 -2.70
CA ILE A 62 2.89 -1.11 -1.25
C ILE A 62 3.98 -2.05 -0.72
N ARG A 63 4.32 -3.07 -1.50
CA ARG A 63 5.34 -4.04 -1.09
C ARG A 63 6.66 -3.33 -0.78
N PRO A 64 7.24 -2.63 -1.77
CA PRO A 64 8.51 -1.91 -1.60
C PRO A 64 8.62 -1.20 -0.25
N LEU A 65 7.60 -0.42 0.09
CA LEU A 65 7.59 0.30 1.36
C LEU A 65 7.49 -0.70 2.50
N ILE A 66 6.72 -1.74 2.27
CA ILE A 66 6.52 -2.80 3.25
C ILE A 66 7.83 -3.57 3.48
N PRO A 67 8.12 -3.94 4.74
CA PRO A 67 9.34 -4.68 5.09
C PRO A 67 9.59 -5.86 4.17
N LEU A 68 10.85 -6.28 4.08
CA LEU A 68 11.24 -7.41 3.23
C LEU A 68 10.42 -8.66 3.57
N LYS A 69 10.28 -8.95 4.86
CA LYS A 69 9.53 -10.11 5.29
C LYS A 69 8.03 -9.84 5.26
N HIS A 70 7.66 -8.60 5.55
CA HIS A 70 6.26 -8.19 5.56
C HIS A 70 5.68 -8.20 4.16
N GLN A 71 6.49 -7.89 3.16
CA GLN A 71 6.02 -7.88 1.77
C GLN A 71 5.69 -9.30 1.32
N VAL A 72 6.48 -10.26 1.78
CA VAL A 72 6.27 -11.66 1.44
C VAL A 72 4.96 -12.16 2.02
N GLU A 73 4.77 -11.94 3.32
CA GLU A 73 3.55 -12.37 3.98
C GLU A 73 2.36 -11.54 3.50
N TYR A 74 2.60 -10.26 3.27
CA TYR A 74 1.54 -9.37 2.78
C TYR A 74 0.94 -9.95 1.51
N ASP A 75 1.80 -10.50 0.67
CA ASP A 75 1.37 -11.11 -0.58
C ASP A 75 0.68 -12.43 -0.30
N GLN A 76 1.16 -13.15 0.72
CA GLN A 76 0.58 -14.43 1.09
C GLN A 76 -0.84 -14.25 1.60
N LEU A 77 -1.09 -13.11 2.24
CA LEU A 77 -2.42 -12.82 2.78
C LEU A 77 -3.35 -12.32 1.68
N THR A 78 -2.79 -11.59 0.73
CA THR A 78 -3.56 -11.06 -0.39
C THR A 78 -3.66 -12.07 -1.52
N PRO A 79 -4.84 -12.68 -1.73
CA PRO A 79 -5.04 -13.67 -2.79
C PRO A 79 -5.05 -13.04 -4.17
N ARG A 80 -5.10 -13.89 -5.20
CA ARG A 80 -5.10 -13.42 -6.58
C ARG A 80 -6.17 -14.15 -7.40
N MET A 1 17.70 1.26 0.97
CA MET A 1 18.30 2.37 0.17
C MET A 1 17.90 2.26 -1.30
N ASP A 2 16.68 2.66 -1.61
CA ASP A 2 16.17 2.60 -2.98
C ASP A 2 15.05 3.61 -3.19
N ARG A 3 15.40 4.78 -3.75
CA ARG A 3 14.41 5.82 -3.99
C ARG A 3 13.94 5.79 -5.45
N LYS A 4 13.79 4.58 -5.99
CA LYS A 4 13.34 4.41 -7.36
C LYS A 4 11.83 4.19 -7.42
N VAL A 5 11.36 3.19 -6.68
CA VAL A 5 9.94 2.87 -6.65
C VAL A 5 9.12 4.05 -6.12
N ALA A 6 9.75 4.89 -5.32
CA ALA A 6 9.08 6.05 -4.74
C ALA A 6 8.53 6.97 -5.83
N ARG A 7 9.31 7.15 -6.89
CA ARG A 7 8.91 8.00 -8.01
C ARG A 7 7.70 7.41 -8.71
N GLU A 8 7.83 6.16 -9.14
CA GLU A 8 6.75 5.47 -9.83
C GLU A 8 5.55 5.29 -8.92
N PHE A 9 5.82 5.17 -7.62
CA PHE A 9 4.75 4.99 -6.63
C PHE A 9 3.80 6.18 -6.64
N ARG A 10 4.34 7.37 -6.49
CA ARG A 10 3.52 8.59 -6.49
C ARG A 10 2.82 8.78 -7.83
N HIS A 11 3.54 8.50 -8.92
CA HIS A 11 2.99 8.66 -10.25
C HIS A 11 1.84 7.69 -10.50
N LYS A 12 2.06 6.42 -10.18
CA LYS A 12 1.03 5.40 -10.38
C LYS A 12 -0.17 5.62 -9.47
N VAL A 13 0.09 5.86 -8.19
CA VAL A 13 -0.98 6.09 -7.22
C VAL A 13 -1.93 7.18 -7.69
N ASP A 14 -1.37 8.32 -8.09
CA ASP A 14 -2.17 9.44 -8.57
C ASP A 14 -2.87 9.08 -9.88
N PHE A 15 -2.22 8.26 -10.68
CA PHE A 15 -2.77 7.84 -11.97
C PHE A 15 -4.00 6.94 -11.78
N LEU A 16 -3.85 5.90 -10.97
CA LEU A 16 -4.93 4.96 -10.72
C LEU A 16 -5.92 5.52 -9.71
N ILE A 17 -5.44 6.34 -8.79
CA ILE A 17 -6.30 6.94 -7.78
C ILE A 17 -6.62 8.39 -8.10
N GLU A 18 -5.65 9.26 -7.89
CA GLU A 18 -5.81 10.69 -8.16
C GLU A 18 -6.69 11.37 -7.10
N ASN A 19 -7.13 10.60 -6.11
CA ASN A 19 -7.98 11.14 -5.04
C ASN A 19 -7.14 11.47 -3.81
N ASP A 20 -7.18 12.73 -3.39
CA ASP A 20 -6.43 13.18 -2.24
C ASP A 20 -6.94 12.50 -0.97
N ALA A 21 -8.24 12.23 -0.93
CA ALA A 21 -8.86 11.59 0.21
C ALA A 21 -8.34 10.17 0.40
N GLU A 22 -8.26 9.44 -0.70
CA GLU A 22 -7.77 8.07 -0.68
C GLU A 22 -6.30 8.02 -0.27
N LYS A 23 -5.54 9.02 -0.71
CA LYS A 23 -4.12 9.10 -0.39
C LYS A 23 -3.92 9.33 1.10
N ASP A 24 -4.83 10.11 1.70
CA ASP A 24 -4.74 10.40 3.13
C ASP A 24 -5.13 9.18 3.95
N TYR A 25 -6.06 8.39 3.41
CA TYR A 25 -6.51 7.18 4.08
C TYR A 25 -5.41 6.13 4.11
N LEU A 26 -4.81 5.88 2.96
CA LEU A 26 -3.73 4.90 2.84
C LEU A 26 -2.52 5.34 3.67
N TYR A 27 -2.29 6.65 3.72
CA TYR A 27 -1.17 7.19 4.47
C TYR A 27 -1.38 7.00 5.97
N ASP A 28 -2.64 7.09 6.39
CA ASP A 28 -2.98 6.91 7.80
C ASP A 28 -2.75 5.46 8.23
N VAL A 29 -3.14 4.53 7.38
CA VAL A 29 -2.97 3.11 7.67
C VAL A 29 -1.50 2.77 7.85
N LEU A 30 -0.67 3.22 6.91
CA LEU A 30 0.76 2.96 6.96
C LEU A 30 1.39 3.66 8.16
N ARG A 31 0.95 4.90 8.42
CA ARG A 31 1.47 5.68 9.53
C ARG A 31 1.30 4.93 10.84
N MET A 32 0.14 4.30 11.01
CA MET A 32 -0.16 3.54 12.22
C MET A 32 0.42 2.13 12.13
N TYR A 33 0.55 1.63 10.90
CA TYR A 33 1.10 0.29 10.67
C TYR A 33 2.52 0.20 11.21
N HIS A 34 3.26 1.30 11.11
CA HIS A 34 4.64 1.34 11.58
C HIS A 34 4.70 1.15 13.09
N GLN A 35 3.87 1.89 13.81
CA GLN A 35 3.83 1.82 15.27
C GLN A 35 3.12 0.54 15.72
N THR A 36 1.91 0.34 15.24
CA THR A 36 1.12 -0.83 15.60
C THR A 36 1.79 -2.11 15.11
N MET A 37 2.41 -2.04 13.93
CA MET A 37 3.09 -3.20 13.35
C MET A 37 2.11 -4.35 13.13
N ASP A 38 0.88 -4.01 12.76
CA ASP A 38 -0.15 -5.01 12.51
C ASP A 38 -0.41 -5.16 11.02
N VAL A 39 0.14 -6.21 10.43
CA VAL A 39 -0.02 -6.47 9.00
C VAL A 39 -1.48 -6.78 8.67
N ALA A 40 -2.13 -7.54 9.53
CA ALA A 40 -3.53 -7.91 9.32
C ALA A 40 -4.42 -6.67 9.27
N VAL A 41 -4.09 -5.67 10.08
CA VAL A 41 -4.86 -4.44 10.11
C VAL A 41 -4.60 -3.59 8.88
N LEU A 42 -3.34 -3.49 8.49
CA LEU A 42 -2.95 -2.71 7.32
C LEU A 42 -3.61 -3.25 6.06
N VAL A 43 -3.59 -4.57 5.90
CA VAL A 43 -4.18 -5.22 4.75
C VAL A 43 -5.69 -5.05 4.75
N GLY A 44 -6.31 -5.18 5.93
CA GLY A 44 -7.74 -5.04 6.04
C GLY A 44 -8.25 -3.73 5.49
N ASP A 45 -7.79 -2.62 6.10
CA ASP A 45 -8.21 -1.29 5.66
C ASP A 45 -7.83 -1.05 4.20
N LEU A 46 -6.59 -1.39 3.85
CA LEU A 46 -6.11 -1.21 2.49
C LEU A 46 -6.99 -1.96 1.49
N LYS A 47 -7.58 -3.06 1.94
CA LYS A 47 -8.44 -3.87 1.09
C LYS A 47 -9.77 -3.18 0.85
N LEU A 48 -10.35 -2.63 1.92
CA LEU A 48 -11.63 -1.93 1.83
C LEU A 48 -11.54 -0.74 0.87
N VAL A 49 -10.40 -0.07 0.86
CA VAL A 49 -10.20 1.08 0.00
C VAL A 49 -9.67 0.65 -1.37
N ILE A 50 -8.68 -0.23 -1.36
CA ILE A 50 -8.08 -0.72 -2.60
C ILE A 50 -8.86 -1.92 -3.17
N ASN A 51 -10.04 -2.18 -2.62
CA ASN A 51 -10.87 -3.30 -3.08
C ASN A 51 -11.05 -3.25 -4.60
N GLU A 52 -11.30 -2.06 -5.12
CA GLU A 52 -11.50 -1.87 -6.56
C GLU A 52 -10.38 -2.52 -7.35
N PRO A 53 -10.70 -3.54 -8.16
CA PRO A 53 -9.71 -4.26 -8.98
C PRO A 53 -8.73 -3.32 -9.67
N SER A 54 -9.21 -2.14 -10.05
CA SER A 54 -8.38 -1.15 -10.72
C SER A 54 -7.31 -0.59 -9.78
N ARG A 55 -7.57 -0.64 -8.49
CA ARG A 55 -6.64 -0.15 -7.49
C ARG A 55 -5.67 -1.24 -7.03
N LEU A 56 -5.82 -2.44 -7.57
CA LEU A 56 -4.96 -3.56 -7.20
C LEU A 56 -3.48 -3.24 -7.42
N PRO A 57 -3.14 -2.65 -8.59
CA PRO A 57 -1.75 -2.30 -8.90
C PRO A 57 -1.08 -1.51 -7.78
N LEU A 58 -1.89 -0.82 -6.97
CA LEU A 58 -1.37 -0.03 -5.87
C LEU A 58 -0.55 -0.89 -4.91
N PHE A 59 -1.11 -2.04 -4.55
CA PHE A 59 -0.43 -2.96 -3.63
C PHE A 59 1.01 -3.23 -4.06
N ASP A 60 1.21 -3.32 -5.38
CA ASP A 60 2.54 -3.56 -5.93
C ASP A 60 3.54 -2.54 -5.40
N ALA A 61 3.12 -1.27 -5.39
CA ALA A 61 3.97 -0.19 -4.90
C ALA A 61 4.12 -0.24 -3.37
N ILE A 62 3.11 -0.79 -2.70
CA ILE A 62 3.14 -0.89 -1.25
C ILE A 62 4.25 -1.82 -0.76
N ARG A 63 4.48 -2.90 -1.50
CA ARG A 63 5.50 -3.87 -1.14
C ARG A 63 6.87 -3.20 -1.02
N PRO A 64 7.37 -2.59 -2.11
CA PRO A 64 8.66 -1.91 -2.12
C PRO A 64 8.92 -1.09 -0.87
N LEU A 65 7.94 -0.27 -0.49
CA LEU A 65 8.05 0.56 0.70
C LEU A 65 8.11 -0.29 1.96
N ILE A 66 7.41 -1.42 1.92
CA ILE A 66 7.37 -2.34 3.04
C ILE A 66 8.61 -3.23 3.06
N PRO A 67 9.15 -3.52 4.26
CA PRO A 67 10.34 -4.36 4.43
C PRO A 67 10.27 -5.65 3.61
N LEU A 68 11.44 -6.22 3.32
CA LEU A 68 11.52 -7.46 2.54
C LEU A 68 10.59 -8.54 3.09
N LYS A 69 10.95 -9.07 4.25
CA LYS A 69 10.16 -10.13 4.88
C LYS A 69 8.66 -9.81 4.82
N HIS A 70 8.32 -8.56 5.09
CA HIS A 70 6.93 -8.13 5.08
C HIS A 70 6.36 -8.14 3.66
N GLN A 71 7.22 -7.89 2.67
CA GLN A 71 6.79 -7.89 1.28
C GLN A 71 6.28 -9.27 0.87
N VAL A 72 7.08 -10.29 1.17
CA VAL A 72 6.73 -11.66 0.85
C VAL A 72 5.44 -12.07 1.54
N GLU A 73 5.38 -11.84 2.85
CA GLU A 73 4.19 -12.19 3.63
C GLU A 73 2.98 -11.38 3.18
N TYR A 74 3.19 -10.09 2.93
CA TYR A 74 2.11 -9.23 2.47
C TYR A 74 1.45 -9.84 1.24
N ASP A 75 2.28 -10.41 0.37
CA ASP A 75 1.80 -11.05 -0.85
C ASP A 75 1.11 -12.37 -0.50
N GLN A 76 1.58 -13.02 0.57
CA GLN A 76 1.01 -14.30 0.99
C GLN A 76 -0.43 -14.12 1.46
N LEU A 77 -0.73 -12.94 1.99
CA LEU A 77 -2.07 -12.65 2.49
C LEU A 77 -2.94 -12.03 1.38
N THR A 78 -2.33 -11.17 0.58
CA THR A 78 -3.04 -10.51 -0.51
C THR A 78 -2.92 -11.32 -1.81
N PRO A 79 -4.04 -11.56 -2.50
CA PRO A 79 -4.04 -12.32 -3.75
C PRO A 79 -3.49 -11.51 -4.92
N ARG A 80 -3.20 -12.20 -6.03
CA ARG A 80 -2.66 -11.54 -7.21
C ARG A 80 -3.59 -11.72 -8.40
N MET A 1 16.64 6.21 4.23
CA MET A 1 17.98 5.86 3.68
C MET A 1 17.90 5.55 2.18
N ASP A 2 17.10 4.54 1.84
CA ASP A 2 16.93 4.15 0.45
C ASP A 2 15.49 4.36 -0.01
N ARG A 3 15.18 5.59 -0.44
CA ARG A 3 13.85 5.91 -0.90
C ARG A 3 13.82 6.08 -2.42
N LYS A 4 13.16 5.14 -3.09
CA LYS A 4 13.07 5.17 -4.55
C LYS A 4 11.64 4.88 -5.01
N VAL A 5 11.12 3.72 -4.61
CA VAL A 5 9.76 3.34 -4.99
C VAL A 5 8.75 4.35 -4.46
N ALA A 6 9.10 5.04 -3.38
CA ALA A 6 8.21 6.03 -2.79
C ALA A 6 7.75 7.05 -3.82
N ARG A 7 8.70 7.54 -4.60
CA ARG A 7 8.40 8.52 -5.64
C ARG A 7 7.47 7.92 -6.70
N GLU A 8 7.86 6.77 -7.22
CA GLU A 8 7.08 6.08 -8.23
C GLU A 8 5.69 5.75 -7.69
N PHE A 9 5.61 5.48 -6.39
CA PHE A 9 4.35 5.16 -5.75
C PHE A 9 3.38 6.33 -5.85
N ARG A 10 3.87 7.53 -5.51
CA ARG A 10 3.04 8.73 -5.56
C ARG A 10 2.53 8.96 -6.98
N HIS A 11 3.40 8.76 -7.96
CA HIS A 11 3.05 8.94 -9.37
C HIS A 11 2.05 7.88 -9.81
N LYS A 12 2.32 6.63 -9.46
CA LYS A 12 1.45 5.52 -9.82
C LYS A 12 0.07 5.67 -9.19
N VAL A 13 0.04 5.82 -7.87
CA VAL A 13 -1.22 5.98 -7.14
C VAL A 13 -2.06 7.10 -7.73
N ASP A 14 -1.41 8.23 -8.02
CA ASP A 14 -2.11 9.38 -8.59
C ASP A 14 -2.72 9.02 -9.94
N PHE A 15 -1.98 8.26 -10.74
CA PHE A 15 -2.45 7.84 -12.05
C PHE A 15 -3.60 6.85 -11.93
N LEU A 16 -3.54 6.00 -10.91
CA LEU A 16 -4.57 5.00 -10.68
C LEU A 16 -5.77 5.61 -9.95
N ILE A 17 -5.54 6.00 -8.70
CA ILE A 17 -6.59 6.59 -7.89
C ILE A 17 -6.98 7.97 -8.40
N GLU A 18 -6.01 8.87 -8.42
CA GLU A 18 -6.22 10.25 -8.89
C GLU A 18 -6.97 11.09 -7.86
N ASN A 19 -7.29 10.49 -6.72
CA ASN A 19 -8.01 11.19 -5.66
C ASN A 19 -7.04 11.67 -4.57
N ASP A 20 -7.58 12.35 -3.57
CA ASP A 20 -6.77 12.86 -2.46
C ASP A 20 -7.18 12.21 -1.15
N ALA A 21 -8.47 12.02 -0.96
CA ALA A 21 -8.99 11.41 0.25
C ALA A 21 -8.56 9.95 0.35
N GLU A 22 -8.72 9.22 -0.74
CA GLU A 22 -8.35 7.81 -0.79
C GLU A 22 -6.86 7.63 -0.54
N LYS A 23 -6.06 8.51 -1.13
CA LYS A 23 -4.61 8.45 -0.97
C LYS A 23 -4.22 8.76 0.46
N ASP A 24 -5.00 9.61 1.13
CA ASP A 24 -4.73 9.98 2.51
C ASP A 24 -5.05 8.83 3.44
N TYR A 25 -6.05 8.03 3.08
CA TYR A 25 -6.44 6.88 3.88
C TYR A 25 -5.38 5.79 3.85
N LEU A 26 -4.91 5.48 2.65
CA LEU A 26 -3.89 4.45 2.48
C LEU A 26 -2.57 4.88 3.11
N TYR A 27 -2.28 6.18 3.03
CA TYR A 27 -1.05 6.71 3.60
C TYR A 27 -1.10 6.65 5.13
N ASP A 28 -2.26 6.93 5.69
CA ASP A 28 -2.44 6.89 7.14
C ASP A 28 -2.23 5.49 7.68
N VAL A 29 -2.78 4.49 6.96
CA VAL A 29 -2.64 3.10 7.37
C VAL A 29 -1.18 2.66 7.33
N LEU A 30 -0.47 3.07 6.28
CA LEU A 30 0.93 2.72 6.12
C LEU A 30 1.78 3.40 7.19
N ARG A 31 1.53 4.70 7.41
CA ARG A 31 2.26 5.45 8.42
C ARG A 31 2.17 4.79 9.79
N MET A 32 0.99 4.27 10.09
CA MET A 32 0.76 3.60 11.37
C MET A 32 1.24 2.15 11.31
N TYR A 33 1.15 1.55 10.13
CA TYR A 33 1.57 0.17 9.93
C TYR A 33 3.06 0.01 10.25
N HIS A 34 3.82 1.08 10.03
CA HIS A 34 5.26 1.06 10.30
C HIS A 34 5.53 1.00 11.80
N GLN A 35 4.86 1.87 12.56
CA GLN A 35 5.03 1.91 14.00
C GLN A 35 4.33 0.74 14.68
N THR A 36 3.12 0.45 14.22
CA THR A 36 2.33 -0.64 14.78
C THR A 36 2.85 -2.00 14.31
N MET A 37 3.25 -2.06 13.04
CA MET A 37 3.76 -3.29 12.45
C MET A 37 2.68 -4.37 12.42
N ASP A 38 1.45 -3.96 12.13
CA ASP A 38 0.32 -4.88 12.06
C ASP A 38 -0.09 -5.12 10.61
N VAL A 39 0.37 -6.23 10.04
CA VAL A 39 0.05 -6.57 8.66
C VAL A 39 -1.45 -6.76 8.48
N ALA A 40 -2.07 -7.49 9.40
CA ALA A 40 -3.51 -7.74 9.34
C ALA A 40 -4.30 -6.43 9.29
N VAL A 41 -3.81 -5.42 10.00
CA VAL A 41 -4.48 -4.13 10.04
C VAL A 41 -4.28 -3.38 8.72
N LEU A 42 -3.10 -3.53 8.13
CA LEU A 42 -2.80 -2.86 6.87
C LEU A 42 -3.63 -3.44 5.72
N VAL A 43 -3.61 -4.77 5.61
CA VAL A 43 -4.36 -5.45 4.56
C VAL A 43 -5.84 -5.09 4.62
N GLY A 44 -6.42 -5.12 5.81
CA GLY A 44 -7.83 -4.80 5.98
C GLY A 44 -8.14 -3.36 5.60
N ASP A 45 -7.42 -2.42 6.20
CA ASP A 45 -7.62 -1.01 5.91
C ASP A 45 -7.39 -0.70 4.44
N LEU A 46 -6.28 -1.20 3.90
CA LEU A 46 -5.94 -0.99 2.50
C LEU A 46 -7.05 -1.49 1.59
N LYS A 47 -7.72 -2.56 2.00
CA LYS A 47 -8.81 -3.13 1.21
C LYS A 47 -10.04 -2.22 1.25
N LEU A 48 -10.34 -1.71 2.44
CA LEU A 48 -11.49 -0.83 2.62
C LEU A 48 -11.42 0.37 1.66
N VAL A 49 -10.29 1.07 1.69
CA VAL A 49 -10.11 2.23 0.82
C VAL A 49 -10.10 1.81 -0.63
N ILE A 50 -9.36 0.74 -0.91
CA ILE A 50 -9.26 0.22 -2.27
C ILE A 50 -10.61 -0.36 -2.72
N ASN A 51 -10.85 -1.63 -2.41
CA ASN A 51 -12.10 -2.29 -2.78
C ASN A 51 -12.41 -2.13 -4.25
N GLU A 52 -11.39 -2.26 -5.10
CA GLU A 52 -11.56 -2.13 -6.54
C GLU A 52 -10.43 -2.80 -7.30
N PRO A 53 -10.74 -3.73 -8.22
CA PRO A 53 -9.73 -4.43 -9.01
C PRO A 53 -8.78 -3.47 -9.74
N SER A 54 -9.28 -2.27 -10.02
CA SER A 54 -8.48 -1.26 -10.71
C SER A 54 -7.33 -0.78 -9.82
N ARG A 55 -7.56 -0.79 -8.52
CA ARG A 55 -6.55 -0.35 -7.56
C ARG A 55 -5.64 -1.50 -7.13
N LEU A 56 -6.05 -2.73 -7.44
CA LEU A 56 -5.26 -3.92 -7.07
C LEU A 56 -3.79 -3.75 -7.45
N PRO A 57 -3.51 -3.35 -8.70
CA PRO A 57 -2.14 -3.15 -9.17
C PRO A 57 -1.32 -2.27 -8.23
N LEU A 58 -2.02 -1.42 -7.47
CA LEU A 58 -1.36 -0.53 -6.52
C LEU A 58 -0.55 -1.31 -5.49
N PHE A 59 -1.10 -2.44 -5.05
CA PHE A 59 -0.44 -3.29 -4.07
C PHE A 59 1.01 -3.58 -4.48
N ASP A 60 1.23 -3.72 -5.78
CA ASP A 60 2.56 -4.00 -6.31
C ASP A 60 3.57 -2.97 -5.82
N ALA A 61 3.23 -1.70 -5.96
CA ALA A 61 4.11 -0.61 -5.53
C ALA A 61 4.19 -0.51 -4.00
N ILE A 62 3.15 -1.00 -3.32
CA ILE A 62 3.12 -0.96 -1.86
C ILE A 62 4.16 -1.89 -1.25
N ARG A 63 4.38 -3.03 -1.91
CA ARG A 63 5.35 -4.00 -1.42
C ARG A 63 6.75 -3.38 -1.28
N PRO A 64 7.31 -2.87 -2.40
CA PRO A 64 8.63 -2.25 -2.42
C PRO A 64 8.93 -1.40 -1.19
N LEU A 65 8.02 -0.46 -0.89
CA LEU A 65 8.20 0.42 0.26
C LEU A 65 8.14 -0.38 1.57
N ILE A 66 7.37 -1.47 1.54
CA ILE A 66 7.21 -2.32 2.72
C ILE A 66 8.45 -3.20 2.91
N PRO A 67 8.90 -3.36 4.17
CA PRO A 67 10.07 -4.18 4.50
C PRO A 67 10.01 -5.56 3.86
N LEU A 68 11.18 -6.17 3.70
CA LEU A 68 11.30 -7.50 3.09
C LEU A 68 10.32 -8.50 3.72
N LYS A 69 10.60 -8.89 4.96
CA LYS A 69 9.75 -9.84 5.67
C LYS A 69 8.27 -9.54 5.47
N HIS A 70 7.91 -8.27 5.64
CA HIS A 70 6.54 -7.83 5.46
C HIS A 70 6.09 -8.03 4.02
N GLN A 71 7.01 -7.78 3.09
CA GLN A 71 6.71 -7.94 1.67
C GLN A 71 6.29 -9.37 1.36
N VAL A 72 7.04 -10.32 1.90
CA VAL A 72 6.76 -11.73 1.69
C VAL A 72 5.38 -12.09 2.20
N GLU A 73 5.13 -11.80 3.48
CA GLU A 73 3.83 -12.09 4.08
C GLU A 73 2.72 -11.32 3.37
N TYR A 74 3.02 -10.09 2.98
CA TYR A 74 2.05 -9.27 2.26
C TYR A 74 1.54 -10.01 1.04
N ASP A 75 2.45 -10.70 0.37
CA ASP A 75 2.11 -11.49 -0.81
C ASP A 75 1.34 -12.73 -0.42
N GLN A 76 1.66 -13.28 0.75
CA GLN A 76 0.99 -14.47 1.25
C GLN A 76 -0.49 -14.21 1.52
N LEU A 77 -0.80 -12.97 1.89
CA LEU A 77 -2.18 -12.59 2.19
C LEU A 77 -2.87 -12.01 0.96
N THR A 78 -2.14 -11.20 0.20
CA THR A 78 -2.69 -10.57 -1.00
C THR A 78 -2.82 -11.59 -2.13
N PRO A 79 -3.74 -11.33 -3.09
CA PRO A 79 -3.96 -12.22 -4.23
C PRO A 79 -2.70 -12.42 -5.06
N ARG A 80 -2.89 -12.88 -6.29
CA ARG A 80 -1.76 -13.14 -7.20
C ARG A 80 -0.88 -14.26 -6.68
N MET A 1 20.01 5.38 -0.33
CA MET A 1 18.85 5.09 -1.21
C MET A 1 17.73 4.39 -0.42
N ASP A 2 17.31 5.02 0.66
CA ASP A 2 16.24 4.47 1.49
C ASP A 2 14.90 5.11 1.16
N ARG A 3 14.70 5.41 -0.13
CA ARG A 3 13.45 6.02 -0.58
C ARG A 3 13.46 6.20 -2.09
N LYS A 4 13.09 5.14 -2.81
CA LYS A 4 13.05 5.18 -4.27
C LYS A 4 11.65 4.87 -4.79
N VAL A 5 11.15 3.70 -4.43
CA VAL A 5 9.81 3.28 -4.86
C VAL A 5 8.73 4.17 -4.24
N ALA A 6 9.03 4.75 -3.09
CA ALA A 6 8.08 5.62 -2.40
C ALA A 6 7.60 6.73 -3.33
N ARG A 7 8.53 7.35 -4.02
CA ARG A 7 8.21 8.44 -4.95
C ARG A 7 7.33 7.92 -6.07
N GLU A 8 7.72 6.78 -6.64
CA GLU A 8 6.98 6.17 -7.72
C GLU A 8 5.58 5.78 -7.26
N PHE A 9 5.48 5.35 -6.00
CA PHE A 9 4.20 4.95 -5.43
C PHE A 9 3.22 6.12 -5.44
N ARG A 10 3.67 7.27 -4.96
CA ARG A 10 2.83 8.46 -4.93
C ARG A 10 2.35 8.83 -6.33
N HIS A 11 3.28 8.79 -7.29
CA HIS A 11 2.95 9.11 -8.68
C HIS A 11 2.00 8.07 -9.26
N LYS A 12 2.20 6.82 -8.88
CA LYS A 12 1.36 5.73 -9.36
C LYS A 12 -0.08 5.90 -8.88
N VAL A 13 -0.26 6.04 -7.57
CA VAL A 13 -1.58 6.21 -6.99
C VAL A 13 -2.33 7.36 -7.65
N ASP A 14 -1.66 8.50 -7.79
CA ASP A 14 -2.26 9.67 -8.40
C ASP A 14 -2.71 9.36 -9.83
N PHE A 15 -1.91 8.57 -10.53
CA PHE A 15 -2.21 8.19 -11.91
C PHE A 15 -3.43 7.27 -11.97
N LEU A 16 -3.50 6.32 -11.04
CA LEU A 16 -4.61 5.38 -10.99
C LEU A 16 -5.81 5.98 -10.28
N ILE A 17 -5.66 6.19 -8.98
CA ILE A 17 -6.74 6.77 -8.17
C ILE A 17 -6.92 8.25 -8.45
N GLU A 18 -5.91 9.03 -8.11
CA GLU A 18 -5.94 10.48 -8.31
C GLU A 18 -6.81 11.18 -7.28
N ASN A 19 -7.38 10.42 -6.34
CA ASN A 19 -8.23 10.97 -5.31
C ASN A 19 -7.43 11.24 -4.03
N ASP A 20 -7.36 12.50 -3.64
CA ASP A 20 -6.62 12.88 -2.44
C ASP A 20 -7.18 12.19 -1.20
N ALA A 21 -8.50 11.98 -1.21
CA ALA A 21 -9.17 11.32 -0.08
C ALA A 21 -8.68 9.88 0.07
N GLU A 22 -8.84 9.10 -0.99
CA GLU A 22 -8.42 7.70 -0.98
C GLU A 22 -6.94 7.60 -0.67
N LYS A 23 -6.17 8.56 -1.17
CA LYS A 23 -4.72 8.58 -0.95
C LYS A 23 -4.41 8.86 0.52
N ASP A 24 -5.10 9.84 1.09
CA ASP A 24 -4.90 10.21 2.49
C ASP A 24 -5.19 9.01 3.40
N TYR A 25 -6.13 8.17 2.97
CA TYR A 25 -6.50 6.99 3.73
C TYR A 25 -5.37 5.96 3.73
N LEU A 26 -4.88 5.63 2.54
CA LEU A 26 -3.81 4.66 2.40
C LEU A 26 -2.51 5.20 2.99
N TYR A 27 -2.33 6.52 2.92
CA TYR A 27 -1.13 7.16 3.44
C TYR A 27 -1.10 7.05 4.97
N ASP A 28 -2.27 7.20 5.58
CA ASP A 28 -2.38 7.14 7.03
C ASP A 28 -2.13 5.71 7.51
N VAL A 29 -2.64 4.74 6.77
CA VAL A 29 -2.47 3.33 7.12
C VAL A 29 -0.99 2.96 7.14
N LEU A 30 -0.27 3.40 6.11
CA LEU A 30 1.16 3.11 6.02
C LEU A 30 1.92 3.75 7.18
N ARG A 31 1.64 5.02 7.44
CA ARG A 31 2.29 5.75 8.52
C ARG A 31 2.10 5.02 9.85
N MET A 32 0.92 4.45 10.04
CA MET A 32 0.61 3.73 11.26
C MET A 32 1.19 2.31 11.22
N TYR A 33 1.27 1.76 10.00
CA TYR A 33 1.81 0.42 9.82
C TYR A 33 3.26 0.35 10.29
N HIS A 34 3.99 1.44 10.11
CA HIS A 34 5.39 1.51 10.51
C HIS A 34 5.52 1.38 12.02
N GLN A 35 4.76 2.21 12.74
CA GLN A 35 4.78 2.20 14.20
C GLN A 35 4.06 0.99 14.75
N THR A 36 2.82 0.80 14.31
CA THR A 36 2.01 -0.32 14.76
C THR A 36 2.63 -1.66 14.35
N MET A 37 3.15 -1.71 13.12
CA MET A 37 3.78 -2.92 12.61
C MET A 37 2.77 -4.05 12.50
N ASP A 38 1.56 -3.71 12.05
CA ASP A 38 0.49 -4.70 11.90
C ASP A 38 0.15 -4.90 10.42
N VAL A 39 0.67 -5.97 9.84
CA VAL A 39 0.42 -6.29 8.44
C VAL A 39 -1.04 -6.64 8.21
N ALA A 40 -1.67 -7.24 9.21
CA ALA A 40 -3.07 -7.63 9.12
C ALA A 40 -3.98 -6.41 8.97
N VAL A 41 -3.66 -5.36 9.73
CA VAL A 41 -4.45 -4.13 9.68
C VAL A 41 -4.18 -3.35 8.39
N LEU A 42 -2.94 -3.40 7.94
CA LEU A 42 -2.55 -2.70 6.72
C LEU A 42 -3.26 -3.30 5.50
N VAL A 43 -3.34 -4.62 5.46
CA VAL A 43 -3.99 -5.31 4.36
C VAL A 43 -5.50 -5.04 4.35
N GLY A 44 -6.13 -5.23 5.51
CA GLY A 44 -7.56 -5.01 5.61
C GLY A 44 -7.95 -3.58 5.26
N ASP A 45 -7.23 -2.62 5.82
CA ASP A 45 -7.49 -1.21 5.57
C ASP A 45 -7.33 -0.88 4.09
N LEU A 46 -6.25 -1.38 3.50
CA LEU A 46 -5.97 -1.14 2.09
C LEU A 46 -7.10 -1.68 1.21
N LYS A 47 -7.60 -2.86 1.56
CA LYS A 47 -8.68 -3.48 0.81
C LYS A 47 -9.98 -2.69 0.94
N LEU A 48 -10.27 -2.26 2.17
CA LEU A 48 -11.48 -1.49 2.44
C LEU A 48 -11.56 -0.27 1.53
N VAL A 49 -10.50 0.53 1.52
CA VAL A 49 -10.46 1.73 0.69
C VAL A 49 -10.41 1.35 -0.79
N ILE A 50 -9.53 0.40 -1.10
CA ILE A 50 -9.36 -0.06 -2.47
C ILE A 50 -10.62 -0.77 -2.97
N ASN A 51 -10.74 -2.06 -2.66
CA ASN A 51 -11.89 -2.86 -3.06
C ASN A 51 -12.26 -2.62 -4.52
N GLU A 52 -11.27 -2.48 -5.38
CA GLU A 52 -11.51 -2.25 -6.80
C GLU A 52 -10.34 -2.77 -7.65
N PRO A 53 -10.63 -3.66 -8.61
CA PRO A 53 -9.59 -4.23 -9.48
C PRO A 53 -8.74 -3.16 -10.15
N SER A 54 -9.31 -1.97 -10.31
CA SER A 54 -8.59 -0.86 -10.93
C SER A 54 -7.44 -0.39 -10.05
N ARG A 55 -7.61 -0.52 -8.74
CA ARG A 55 -6.58 -0.11 -7.79
C ARG A 55 -5.63 -1.26 -7.45
N LEU A 56 -5.96 -2.47 -7.93
CA LEU A 56 -5.13 -3.64 -7.67
C LEU A 56 -3.64 -3.35 -7.88
N PRO A 57 -3.26 -2.87 -9.08
CA PRO A 57 -1.86 -2.56 -9.41
C PRO A 57 -1.17 -1.76 -8.30
N LEU A 58 -1.95 -1.04 -7.50
CA LEU A 58 -1.39 -0.25 -6.41
C LEU A 58 -0.71 -1.14 -5.37
N PHE A 59 -1.19 -2.38 -5.24
CA PHE A 59 -0.64 -3.32 -4.27
C PHE A 59 0.82 -3.63 -4.58
N ASP A 60 1.11 -4.00 -5.82
CA ASP A 60 2.47 -4.35 -6.22
C ASP A 60 3.44 -3.22 -5.87
N ALA A 61 3.00 -1.98 -6.04
CA ALA A 61 3.83 -0.82 -5.72
C ALA A 61 3.99 -0.64 -4.20
N ILE A 62 2.99 -1.08 -3.45
CA ILE A 62 3.02 -0.96 -1.99
C ILE A 62 4.07 -1.88 -1.38
N ARG A 63 4.25 -3.06 -1.96
CA ARG A 63 5.23 -4.02 -1.45
C ARG A 63 6.64 -3.41 -1.40
N PRO A 64 7.14 -2.93 -2.55
CA PRO A 64 8.48 -2.34 -2.66
C PRO A 64 8.91 -1.52 -1.43
N LEU A 65 8.07 -0.58 -1.02
CA LEU A 65 8.38 0.25 0.14
C LEU A 65 8.41 -0.59 1.42
N ILE A 66 7.62 -1.64 1.45
CA ILE A 66 7.56 -2.52 2.61
C ILE A 66 8.80 -3.39 2.71
N PRO A 67 9.20 -3.77 3.94
CA PRO A 67 10.40 -4.60 4.17
C PRO A 67 10.35 -5.91 3.38
N LEU A 68 11.53 -6.48 3.13
CA LEU A 68 11.62 -7.73 2.37
C LEU A 68 10.69 -8.80 2.95
N LYS A 69 10.99 -9.25 4.16
CA LYS A 69 10.17 -10.27 4.83
C LYS A 69 8.70 -9.88 4.80
N HIS A 70 8.43 -8.60 4.98
CA HIS A 70 7.06 -8.09 4.97
C HIS A 70 6.37 -8.38 3.64
N GLN A 71 7.15 -8.26 2.56
CA GLN A 71 6.62 -8.51 1.22
C GLN A 71 6.10 -9.94 1.11
N VAL A 72 6.90 -10.89 1.57
CA VAL A 72 6.53 -12.30 1.53
C VAL A 72 5.22 -12.53 2.26
N GLU A 73 5.14 -12.07 3.50
CA GLU A 73 3.93 -12.23 4.31
C GLU A 73 2.79 -11.42 3.72
N TYR A 74 3.12 -10.27 3.12
CA TYR A 74 2.11 -9.41 2.51
C TYR A 74 1.30 -10.22 1.52
N ASP A 75 1.99 -11.03 0.72
CA ASP A 75 1.35 -11.87 -0.27
C ASP A 75 0.63 -13.04 0.41
N GLN A 76 1.22 -13.55 1.49
CA GLN A 76 0.63 -14.65 2.22
C GLN A 76 -0.68 -14.24 2.88
N LEU A 77 -0.78 -12.97 3.25
CA LEU A 77 -1.98 -12.45 3.90
C LEU A 77 -3.00 -12.00 2.85
N THR A 78 -2.51 -11.42 1.76
CA THR A 78 -3.38 -10.94 0.69
C THR A 78 -3.69 -12.06 -0.30
N PRO A 79 -4.98 -12.28 -0.61
CA PRO A 79 -5.39 -13.32 -1.56
C PRO A 79 -5.11 -12.94 -3.00
N ARG A 80 -4.68 -13.92 -3.80
CA ARG A 80 -4.37 -13.69 -5.20
C ARG A 80 -5.65 -13.69 -6.04
N MET A 1 15.32 13.75 -2.58
CA MET A 1 15.61 13.06 -1.30
C MET A 1 14.44 12.19 -0.86
N ASP A 2 14.09 11.21 -1.69
CA ASP A 2 12.99 10.32 -1.38
C ASP A 2 13.28 8.90 -1.87
N ARG A 3 12.41 7.96 -1.53
CA ARG A 3 12.58 6.57 -1.92
C ARG A 3 12.33 6.40 -3.42
N LYS A 4 13.09 5.49 -4.04
CA LYS A 4 12.95 5.23 -5.46
C LYS A 4 11.51 4.88 -5.83
N VAL A 5 10.94 3.91 -5.12
CA VAL A 5 9.58 3.48 -5.37
C VAL A 5 8.56 4.51 -4.84
N ALA A 6 8.98 5.26 -3.83
CA ALA A 6 8.13 6.27 -3.23
C ALA A 6 7.64 7.28 -4.26
N ARG A 7 8.57 7.77 -5.07
CA ARG A 7 8.24 8.76 -6.10
C ARG A 7 7.22 8.19 -7.08
N GLU A 8 7.54 7.05 -7.66
CA GLU A 8 6.66 6.39 -8.62
C GLU A 8 5.36 5.95 -7.93
N PHE A 9 5.46 5.63 -6.64
CA PHE A 9 4.30 5.21 -5.88
C PHE A 9 3.24 6.30 -5.83
N ARG A 10 3.64 7.50 -5.41
CA ARG A 10 2.73 8.62 -5.32
C ARG A 10 2.16 8.98 -6.69
N HIS A 11 3.02 8.93 -7.70
CA HIS A 11 2.61 9.24 -9.07
C HIS A 11 1.54 8.28 -9.58
N LYS A 12 1.82 6.98 -9.49
CA LYS A 12 0.87 5.97 -9.94
C LYS A 12 -0.41 5.99 -9.10
N VAL A 13 -0.25 6.11 -7.78
CA VAL A 13 -1.40 6.14 -6.88
C VAL A 13 -2.41 7.20 -7.32
N ASP A 14 -1.91 8.38 -7.64
CA ASP A 14 -2.78 9.46 -8.09
C ASP A 14 -3.32 9.20 -9.49
N PHE A 15 -2.53 8.48 -10.29
CA PHE A 15 -2.92 8.16 -11.65
C PHE A 15 -4.08 7.17 -11.68
N LEU A 16 -3.94 6.07 -10.94
CA LEU A 16 -4.98 5.05 -10.90
C LEU A 16 -6.13 5.46 -9.96
N ILE A 17 -5.79 6.15 -8.88
CA ILE A 17 -6.78 6.59 -7.92
C ILE A 17 -7.20 8.04 -8.19
N GLU A 18 -6.26 8.95 -8.01
CA GLU A 18 -6.51 10.38 -8.23
C GLU A 18 -7.33 10.99 -7.09
N ASN A 19 -7.66 10.19 -6.09
CA ASN A 19 -8.44 10.66 -4.95
C ASN A 19 -7.52 11.04 -3.79
N ASP A 20 -7.53 12.32 -3.43
CA ASP A 20 -6.71 12.82 -2.33
C ASP A 20 -7.04 12.07 -1.03
N ALA A 21 -8.31 11.73 -0.86
CA ALA A 21 -8.75 11.02 0.33
C ALA A 21 -8.15 9.61 0.38
N GLU A 22 -8.05 8.97 -0.78
CA GLU A 22 -7.49 7.63 -0.87
C GLU A 22 -6.01 7.63 -0.54
N LYS A 23 -5.32 8.69 -0.95
CA LYS A 23 -3.88 8.81 -0.69
C LYS A 23 -3.61 9.10 0.78
N ASP A 24 -4.51 9.88 1.39
CA ASP A 24 -4.36 10.23 2.80
C ASP A 24 -4.69 9.03 3.67
N TYR A 25 -5.64 8.21 3.23
CA TYR A 25 -6.05 7.02 3.96
C TYR A 25 -4.93 5.98 3.95
N LEU A 26 -4.40 5.70 2.76
CA LEU A 26 -3.34 4.72 2.61
C LEU A 26 -2.07 5.20 3.31
N TYR A 27 -1.86 6.51 3.32
CA TYR A 27 -0.68 7.09 3.97
C TYR A 27 -0.77 6.92 5.47
N ASP A 28 -1.98 7.05 6.01
CA ASP A 28 -2.20 6.90 7.45
C ASP A 28 -1.96 5.45 7.87
N VAL A 29 -2.40 4.52 7.05
CA VAL A 29 -2.24 3.10 7.34
C VAL A 29 -0.75 2.73 7.42
N LEU A 30 0.02 3.19 6.44
CA LEU A 30 1.45 2.91 6.41
C LEU A 30 2.17 3.61 7.56
N ARG A 31 1.83 4.89 7.77
CA ARG A 31 2.44 5.67 8.84
C ARG A 31 2.27 4.99 10.19
N MET A 32 1.09 4.41 10.40
CA MET A 32 0.79 3.71 11.64
C MET A 32 1.25 2.26 11.57
N TYR A 33 1.26 1.71 10.36
CA TYR A 33 1.69 0.33 10.15
C TYR A 33 3.12 0.11 10.64
N HIS A 34 3.94 1.13 10.48
CA HIS A 34 5.34 1.06 10.91
C HIS A 34 5.45 1.02 12.43
N GLN A 35 4.59 1.79 13.09
CA GLN A 35 4.58 1.85 14.55
C GLN A 35 3.97 0.59 15.16
N THR A 36 2.75 0.28 14.73
CA THR A 36 2.03 -0.89 15.24
C THR A 36 2.62 -2.18 14.66
N MET A 37 3.13 -2.11 13.44
CA MET A 37 3.71 -3.27 12.79
C MET A 37 2.67 -4.36 12.59
N ASP A 38 1.44 -3.95 12.29
CA ASP A 38 0.35 -4.89 12.07
C ASP A 38 0.06 -5.06 10.58
N VAL A 39 0.62 -6.11 9.99
CA VAL A 39 0.42 -6.38 8.57
C VAL A 39 -1.04 -6.68 8.27
N ALA A 40 -1.70 -7.36 9.20
CA ALA A 40 -3.11 -7.71 9.04
C ALA A 40 -3.97 -6.46 8.84
N VAL A 41 -3.83 -5.51 9.75
CA VAL A 41 -4.59 -4.27 9.68
C VAL A 41 -4.25 -3.49 8.41
N LEU A 42 -2.98 -3.52 8.03
CA LEU A 42 -2.52 -2.82 6.84
C LEU A 42 -3.26 -3.31 5.60
N VAL A 43 -3.38 -4.64 5.46
CA VAL A 43 -4.07 -5.23 4.32
C VAL A 43 -5.55 -4.89 4.35
N GLY A 44 -6.13 -4.90 5.55
CA GLY A 44 -7.55 -4.60 5.69
C GLY A 44 -7.92 -3.26 5.09
N ASP A 45 -7.34 -2.19 5.60
CA ASP A 45 -7.61 -0.85 5.10
C ASP A 45 -7.31 -0.74 3.62
N LEU A 46 -6.09 -1.12 3.24
CA LEU A 46 -5.66 -1.08 1.85
C LEU A 46 -6.67 -1.79 0.95
N LYS A 47 -7.38 -2.76 1.53
CA LYS A 47 -8.40 -3.50 0.79
C LYS A 47 -9.64 -2.65 0.58
N LEU A 48 -10.06 -1.96 1.64
CA LEU A 48 -11.24 -1.09 1.58
C LEU A 48 -11.07 -0.04 0.50
N VAL A 49 -9.83 0.38 0.28
CA VAL A 49 -9.52 1.39 -0.73
C VAL A 49 -9.07 0.75 -2.05
N ILE A 50 -8.43 -0.41 -1.95
CA ILE A 50 -7.95 -1.12 -3.14
C ILE A 50 -8.78 -2.37 -3.43
N ASN A 51 -10.03 -2.38 -2.98
CA ASN A 51 -10.90 -3.53 -3.22
C ASN A 51 -11.40 -3.57 -4.66
N GLU A 52 -11.08 -2.52 -5.42
CA GLU A 52 -11.49 -2.43 -6.81
C GLU A 52 -10.36 -2.87 -7.73
N PRO A 53 -10.57 -3.97 -8.49
CA PRO A 53 -9.57 -4.51 -9.41
C PRO A 53 -8.76 -3.44 -10.13
N SER A 54 -9.37 -2.28 -10.36
CA SER A 54 -8.70 -1.18 -11.04
C SER A 54 -7.49 -0.68 -10.23
N ARG A 55 -7.64 -0.67 -8.90
CA ARG A 55 -6.56 -0.22 -8.03
C ARG A 55 -5.66 -1.38 -7.57
N LEU A 56 -5.93 -2.58 -8.07
CA LEU A 56 -5.14 -3.75 -7.69
C LEU A 56 -3.65 -3.51 -7.93
N PRO A 57 -3.28 -3.02 -9.14
CA PRO A 57 -1.88 -2.75 -9.47
C PRO A 57 -1.17 -1.93 -8.40
N LEU A 58 -1.93 -1.16 -7.64
CA LEU A 58 -1.37 -0.34 -6.58
C LEU A 58 -0.55 -1.17 -5.60
N PHE A 59 -1.08 -2.34 -5.24
CA PHE A 59 -0.40 -3.24 -4.32
C PHE A 59 1.06 -3.46 -4.72
N ASP A 60 1.29 -3.47 -6.03
CA ASP A 60 2.63 -3.67 -6.56
C ASP A 60 3.62 -2.68 -5.94
N ALA A 61 3.24 -1.41 -5.96
CA ALA A 61 4.08 -0.35 -5.41
C ALA A 61 4.11 -0.39 -3.88
N ILE A 62 3.05 -0.91 -3.28
CA ILE A 62 2.98 -1.00 -1.82
C ILE A 62 3.99 -1.99 -1.26
N ARG A 63 4.31 -3.02 -2.04
CA ARG A 63 5.26 -4.03 -1.62
C ARG A 63 6.66 -3.43 -1.40
N PRO A 64 7.24 -2.83 -2.46
CA PRO A 64 8.57 -2.21 -2.39
C PRO A 64 8.80 -1.41 -1.10
N LEU A 65 7.88 -0.50 -0.81
CA LEU A 65 7.98 0.33 0.39
C LEU A 65 7.87 -0.51 1.65
N ILE A 66 7.33 -1.71 1.52
CA ILE A 66 7.16 -2.61 2.67
C ILE A 66 8.41 -3.46 2.87
N PRO A 67 8.79 -3.71 4.14
CA PRO A 67 9.97 -4.53 4.45
C PRO A 67 9.91 -5.90 3.79
N LEU A 68 11.08 -6.52 3.63
CA LEU A 68 11.17 -7.85 3.01
C LEU A 68 10.19 -8.82 3.67
N LYS A 69 10.45 -9.14 4.94
CA LYS A 69 9.60 -10.05 5.69
C LYS A 69 8.12 -9.68 5.54
N HIS A 70 7.83 -8.40 5.68
CA HIS A 70 6.47 -7.90 5.56
C HIS A 70 5.95 -8.09 4.14
N GLN A 71 6.85 -8.04 3.17
CA GLN A 71 6.48 -8.22 1.77
C GLN A 71 5.89 -9.60 1.54
N VAL A 72 6.63 -10.63 1.94
CA VAL A 72 6.18 -12.00 1.79
C VAL A 72 4.84 -12.22 2.50
N GLU A 73 4.77 -11.77 3.75
CA GLU A 73 3.54 -11.91 4.52
C GLU A 73 2.41 -11.12 3.90
N TYR A 74 2.72 -9.93 3.41
CA TYR A 74 1.71 -9.08 2.77
C TYR A 74 1.02 -9.86 1.66
N ASP A 75 1.81 -10.64 0.93
CA ASP A 75 1.28 -11.46 -0.15
C ASP A 75 0.50 -12.64 0.41
N GLN A 76 0.93 -13.13 1.58
CA GLN A 76 0.26 -14.25 2.23
C GLN A 76 -1.16 -13.88 2.65
N LEU A 77 -1.36 -12.60 2.98
CA LEU A 77 -2.67 -12.12 3.40
C LEU A 77 -3.50 -11.68 2.21
N THR A 78 -2.88 -10.92 1.32
CA THR A 78 -3.56 -10.42 0.12
C THR A 78 -3.98 -11.57 -0.79
N PRO A 79 -5.30 -11.82 -0.93
CA PRO A 79 -5.82 -12.90 -1.77
C PRO A 79 -5.60 -12.63 -3.26
N ARG A 80 -5.02 -13.59 -3.95
CA ARG A 80 -4.76 -13.44 -5.38
C ARG A 80 -5.34 -14.63 -6.17
N MET A 1 17.02 10.34 -7.20
CA MET A 1 17.38 11.35 -6.17
C MET A 1 16.84 10.96 -4.80
N ASP A 2 15.72 10.24 -4.79
CA ASP A 2 15.10 9.80 -3.54
C ASP A 2 14.37 8.48 -3.74
N ARG A 3 15.06 7.38 -3.47
CA ARG A 3 14.47 6.05 -3.61
C ARG A 3 14.03 5.81 -5.05
N LYS A 4 13.66 4.57 -5.36
CA LYS A 4 13.22 4.21 -6.70
C LYS A 4 11.71 3.99 -6.74
N VAL A 5 11.22 3.13 -5.86
CA VAL A 5 9.79 2.84 -5.80
C VAL A 5 9.01 3.97 -5.15
N ALA A 6 9.67 4.72 -4.28
CA ALA A 6 9.04 5.84 -3.60
C ALA A 6 8.51 6.86 -4.59
N ARG A 7 9.34 7.22 -5.55
CA ARG A 7 8.96 8.18 -6.58
C ARG A 7 7.79 7.64 -7.40
N GLU A 8 7.92 6.39 -7.82
CA GLU A 8 6.88 5.74 -8.60
C GLU A 8 5.60 5.60 -7.78
N PHE A 9 5.77 5.47 -6.47
CA PHE A 9 4.64 5.32 -5.57
C PHE A 9 3.76 6.56 -5.59
N ARG A 10 4.38 7.73 -5.44
CA ARG A 10 3.65 8.99 -5.45
C ARG A 10 2.95 9.19 -6.80
N HIS A 11 3.68 8.93 -7.87
CA HIS A 11 3.13 9.09 -9.22
C HIS A 11 1.98 8.12 -9.47
N LYS A 12 2.23 6.83 -9.23
CA LYS A 12 1.20 5.82 -9.43
C LYS A 12 0.00 6.04 -8.52
N VAL A 13 0.27 6.37 -7.26
CA VAL A 13 -0.81 6.61 -6.29
C VAL A 13 -1.76 7.69 -6.81
N ASP A 14 -1.21 8.76 -7.36
CA ASP A 14 -2.01 9.85 -7.90
C ASP A 14 -2.72 9.43 -9.19
N PHE A 15 -2.06 8.59 -9.97
CA PHE A 15 -2.62 8.11 -11.23
C PHE A 15 -3.81 7.17 -10.98
N LEU A 16 -3.61 6.18 -10.13
CA LEU A 16 -4.65 5.22 -9.82
C LEU A 16 -5.75 5.86 -8.97
N ILE A 17 -5.33 6.48 -7.87
CA ILE A 17 -6.27 7.13 -6.96
C ILE A 17 -6.86 8.39 -7.59
N GLU A 18 -6.01 9.41 -7.73
CA GLU A 18 -6.43 10.68 -8.33
C GLU A 18 -7.32 11.48 -7.37
N ASN A 19 -7.58 10.95 -6.18
CA ASN A 19 -8.41 11.62 -5.20
C ASN A 19 -7.58 12.09 -4.01
N ASP A 20 -8.17 12.97 -3.19
CA ASP A 20 -7.49 13.49 -2.01
C ASP A 20 -7.83 12.66 -0.78
N ALA A 21 -9.10 12.30 -0.66
CA ALA A 21 -9.56 11.51 0.48
C ALA A 21 -8.98 10.10 0.44
N GLU A 22 -9.05 9.47 -0.72
CA GLU A 22 -8.52 8.13 -0.89
C GLU A 22 -7.02 8.09 -0.59
N LYS A 23 -6.31 9.07 -1.12
CA LYS A 23 -4.87 9.17 -0.90
C LYS A 23 -4.55 9.27 0.57
N ASP A 24 -5.38 10.02 1.30
CA ASP A 24 -5.19 10.20 2.73
C ASP A 24 -5.42 8.88 3.47
N TYR A 25 -6.33 8.07 2.94
CA TYR A 25 -6.64 6.78 3.54
C TYR A 25 -5.45 5.84 3.47
N LEU A 26 -4.80 5.81 2.31
CA LEU A 26 -3.63 4.96 2.11
C LEU A 26 -2.48 5.41 3.01
N TYR A 27 -2.24 6.72 3.03
CA TYR A 27 -1.18 7.30 3.84
C TYR A 27 -1.42 7.03 5.33
N ASP A 28 -2.69 7.02 5.72
CA ASP A 28 -3.06 6.79 7.10
C ASP A 28 -2.69 5.36 7.52
N VAL A 29 -3.03 4.39 6.67
CA VAL A 29 -2.73 3.00 6.95
C VAL A 29 -1.23 2.77 7.09
N LEU A 30 -0.47 3.30 6.13
CA LEU A 30 0.97 3.15 6.14
C LEU A 30 1.58 3.82 7.38
N ARG A 31 1.20 5.07 7.62
CA ARG A 31 1.70 5.81 8.77
C ARG A 31 1.41 5.06 10.07
N MET A 32 0.22 4.48 10.16
CA MET A 32 -0.17 3.73 11.34
C MET A 32 0.48 2.35 11.34
N TYR A 33 0.69 1.80 10.15
CA TYR A 33 1.30 0.49 10.01
C TYR A 33 2.72 0.49 10.56
N HIS A 34 3.39 1.64 10.48
CA HIS A 34 4.76 1.78 10.97
C HIS A 34 4.78 1.75 12.49
N GLN A 35 3.89 2.53 13.11
CA GLN A 35 3.81 2.60 14.56
C GLN A 35 3.16 1.34 15.14
N THR A 36 2.17 0.82 14.43
CA THR A 36 1.46 -0.37 14.87
C THR A 36 2.27 -1.64 14.56
N MET A 37 2.85 -1.66 13.36
CA MET A 37 3.64 -2.80 12.92
C MET A 37 2.79 -4.07 12.86
N ASP A 38 1.60 -3.94 12.28
CA ASP A 38 0.69 -5.07 12.15
C ASP A 38 0.21 -5.22 10.71
N VAL A 39 0.77 -6.21 10.01
CA VAL A 39 0.40 -6.46 8.62
C VAL A 39 -1.09 -6.74 8.48
N ALA A 40 -1.68 -7.32 9.53
CA ALA A 40 -3.10 -7.63 9.53
C ALA A 40 -3.94 -6.38 9.35
N VAL A 41 -3.57 -5.31 10.06
CA VAL A 41 -4.30 -4.05 9.98
C VAL A 41 -4.01 -3.34 8.66
N LEU A 42 -2.78 -3.46 8.19
CA LEU A 42 -2.37 -2.82 6.93
C LEU A 42 -3.16 -3.40 5.76
N VAL A 43 -3.15 -4.73 5.64
CA VAL A 43 -3.84 -5.40 4.56
C VAL A 43 -5.35 -5.16 4.63
N GLY A 44 -5.88 -5.17 5.85
CA GLY A 44 -7.31 -4.94 6.04
C GLY A 44 -7.77 -3.62 5.47
N ASP A 45 -7.23 -2.53 6.01
CA ASP A 45 -7.59 -1.19 5.55
C ASP A 45 -7.30 -1.01 4.06
N LEU A 46 -6.06 -1.34 3.66
CA LEU A 46 -5.65 -1.21 2.28
C LEU A 46 -6.59 -1.98 1.35
N LYS A 47 -7.20 -3.04 1.87
CA LYS A 47 -8.11 -3.86 1.09
C LYS A 47 -9.44 -3.13 0.89
N LEU A 48 -10.03 -2.69 1.99
CA LEU A 48 -11.31 -1.97 1.94
C LEU A 48 -11.25 -0.79 0.98
N VAL A 49 -10.08 -0.16 0.88
CA VAL A 49 -9.91 0.99 0.00
C VAL A 49 -9.43 0.55 -1.39
N ILE A 50 -8.45 -0.34 -1.41
CA ILE A 50 -7.90 -0.84 -2.68
C ILE A 50 -8.62 -2.10 -3.14
N ASN A 51 -9.84 -2.31 -2.64
CA ASN A 51 -10.62 -3.49 -3.02
C ASN A 51 -10.91 -3.48 -4.52
N GLU A 52 -11.18 -2.30 -5.05
CA GLU A 52 -11.47 -2.14 -6.47
C GLU A 52 -10.39 -2.80 -7.33
N PRO A 53 -10.75 -3.85 -8.09
CA PRO A 53 -9.81 -4.57 -8.96
C PRO A 53 -8.88 -3.63 -9.73
N SER A 54 -9.37 -2.44 -10.04
CA SER A 54 -8.59 -1.45 -10.77
C SER A 54 -7.43 -0.94 -9.92
N ARG A 55 -7.62 -0.92 -8.60
CA ARG A 55 -6.60 -0.46 -7.68
C ARG A 55 -5.69 -1.60 -7.23
N LEU A 56 -5.96 -2.81 -7.72
CA LEU A 56 -5.17 -3.98 -7.35
C LEU A 56 -3.68 -3.76 -7.65
N PRO A 57 -3.34 -3.27 -8.86
CA PRO A 57 -1.95 -3.03 -9.25
C PRO A 57 -1.20 -2.17 -8.24
N LEU A 58 -1.94 -1.39 -7.47
CA LEU A 58 -1.35 -0.51 -6.46
C LEU A 58 -0.47 -1.30 -5.49
N PHE A 59 -0.99 -2.44 -5.02
CA PHE A 59 -0.26 -3.28 -4.08
C PHE A 59 1.16 -3.58 -4.57
N ASP A 60 1.33 -3.60 -5.88
CA ASP A 60 2.64 -3.87 -6.47
C ASP A 60 3.70 -2.93 -5.93
N ALA A 61 3.46 -1.64 -6.08
CA ALA A 61 4.39 -0.62 -5.61
C ALA A 61 4.41 -0.52 -4.09
N ILE A 62 3.37 -1.03 -3.44
CA ILE A 62 3.28 -0.98 -1.98
C ILE A 62 4.23 -1.98 -1.34
N ARG A 63 4.48 -3.10 -2.01
CA ARG A 63 5.37 -4.13 -1.47
C ARG A 63 6.81 -3.62 -1.34
N PRO A 64 7.39 -3.10 -2.43
CA PRO A 64 8.76 -2.58 -2.45
C PRO A 64 9.10 -1.76 -1.21
N LEU A 65 8.27 -0.77 -0.90
CA LEU A 65 8.50 0.10 0.25
C LEU A 65 8.38 -0.68 1.56
N ILE A 66 7.69 -1.81 1.52
CA ILE A 66 7.51 -2.64 2.70
C ILE A 66 8.71 -3.54 2.93
N PRO A 67 9.02 -3.86 4.20
CA PRO A 67 10.17 -4.72 4.54
C PRO A 67 10.19 -6.01 3.74
N LEU A 68 11.37 -6.62 3.63
CA LEU A 68 11.54 -7.86 2.89
C LEU A 68 10.51 -8.90 3.31
N LYS A 69 10.68 -9.45 4.51
CA LYS A 69 9.77 -10.46 5.04
C LYS A 69 8.32 -9.97 4.95
N HIS A 70 8.13 -8.67 5.09
CA HIS A 70 6.80 -8.07 5.03
C HIS A 70 6.20 -8.23 3.63
N GLN A 71 7.05 -8.14 2.61
CA GLN A 71 6.60 -8.28 1.24
C GLN A 71 5.96 -9.65 1.01
N VAL A 72 6.67 -10.70 1.40
CA VAL A 72 6.18 -12.05 1.25
C VAL A 72 4.85 -12.24 1.97
N GLU A 73 4.80 -11.84 3.24
CA GLU A 73 3.59 -11.95 4.03
C GLU A 73 2.48 -11.10 3.43
N TYR A 74 2.84 -9.91 2.95
CA TYR A 74 1.85 -9.03 2.33
C TYR A 74 1.11 -9.77 1.23
N ASP A 75 1.85 -10.56 0.48
CA ASP A 75 1.28 -11.35 -0.61
C ASP A 75 0.46 -12.51 -0.04
N GLN A 76 0.89 -13.02 1.12
CA GLN A 76 0.20 -14.14 1.75
C GLN A 76 -1.21 -13.73 2.20
N LEU A 77 -1.36 -12.45 2.54
CA LEU A 77 -2.65 -11.94 2.99
C LEU A 77 -3.47 -11.42 1.83
N THR A 78 -2.80 -10.73 0.90
CA THR A 78 -3.48 -10.18 -0.28
C THR A 78 -3.77 -11.27 -1.30
N PRO A 79 -4.70 -11.01 -2.24
CA PRO A 79 -5.07 -11.97 -3.27
C PRO A 79 -3.86 -12.57 -3.98
N ARG A 80 -3.86 -13.89 -4.12
CA ARG A 80 -2.77 -14.59 -4.77
C ARG A 80 -3.26 -15.42 -5.96
N MET A 1 16.49 5.70 2.56
CA MET A 1 17.05 4.32 2.57
C MET A 1 16.18 3.35 1.79
N ASP A 2 16.54 3.11 0.54
CA ASP A 2 15.79 2.21 -0.32
C ASP A 2 14.36 2.70 -0.51
N ARG A 3 14.20 4.02 -0.49
CA ARG A 3 12.87 4.61 -0.66
C ARG A 3 12.70 5.16 -2.08
N LYS A 4 13.18 4.40 -3.06
CA LYS A 4 13.08 4.80 -4.45
C LYS A 4 11.68 4.53 -5.00
N VAL A 5 11.04 3.47 -4.49
CA VAL A 5 9.71 3.11 -4.93
C VAL A 5 8.66 4.05 -4.36
N ALA A 6 8.98 4.65 -3.21
CA ALA A 6 8.05 5.57 -2.56
C ALA A 6 7.68 6.72 -3.49
N ARG A 7 8.66 7.25 -4.21
CA ARG A 7 8.43 8.34 -5.14
C ARG A 7 7.59 7.88 -6.32
N GLU A 8 8.06 6.82 -6.98
CA GLU A 8 7.35 6.27 -8.13
C GLU A 8 5.94 5.85 -7.75
N PHE A 9 5.77 5.40 -6.51
CA PHE A 9 4.48 4.97 -6.02
C PHE A 9 3.51 6.15 -5.98
N ARG A 10 3.91 7.23 -5.34
CA ARG A 10 3.09 8.43 -5.23
C ARG A 10 2.64 8.92 -6.60
N HIS A 11 3.56 8.89 -7.56
CA HIS A 11 3.26 9.33 -8.92
C HIS A 11 2.16 8.47 -9.55
N LYS A 12 2.36 7.16 -9.53
CA LYS A 12 1.38 6.25 -10.11
C LYS A 12 0.04 6.35 -9.39
N VAL A 13 0.09 6.46 -8.06
CA VAL A 13 -1.13 6.57 -7.27
C VAL A 13 -2.01 7.71 -7.79
N ASP A 14 -1.42 8.89 -7.95
CA ASP A 14 -2.16 10.04 -8.46
C ASP A 14 -2.65 9.77 -9.88
N PHE A 15 -1.85 9.01 -10.63
CA PHE A 15 -2.19 8.67 -12.01
C PHE A 15 -3.39 7.73 -12.04
N LEU A 16 -3.42 6.77 -11.13
CA LEU A 16 -4.52 5.81 -11.06
C LEU A 16 -5.69 6.37 -10.27
N ILE A 17 -5.47 6.59 -8.98
CA ILE A 17 -6.50 7.13 -8.10
C ILE A 17 -6.76 8.60 -8.41
N GLU A 18 -5.77 9.44 -8.13
CA GLU A 18 -5.88 10.88 -8.37
C GLU A 18 -6.75 11.56 -7.31
N ASN A 19 -7.23 10.79 -6.35
CA ASN A 19 -8.07 11.34 -5.28
C ASN A 19 -7.24 11.63 -4.04
N ASP A 20 -7.40 12.84 -3.51
CA ASP A 20 -6.67 13.25 -2.31
C ASP A 20 -7.15 12.46 -1.09
N ALA A 21 -8.44 12.14 -1.08
CA ALA A 21 -9.02 11.39 0.04
C ALA A 21 -8.46 9.98 0.10
N GLU A 22 -8.41 9.32 -1.06
CA GLU A 22 -7.90 7.97 -1.15
C GLU A 22 -6.43 7.91 -0.78
N LYS A 23 -5.68 8.91 -1.21
CA LYS A 23 -4.25 8.99 -0.92
C LYS A 23 -4.01 9.26 0.56
N ASP A 24 -4.93 9.99 1.17
CA ASP A 24 -4.82 10.31 2.59
C ASP A 24 -5.10 9.08 3.44
N TYR A 25 -5.98 8.22 2.95
CA TYR A 25 -6.34 6.99 3.65
C TYR A 25 -5.17 6.02 3.66
N LEU A 26 -4.59 5.79 2.48
CA LEU A 26 -3.47 4.87 2.35
C LEU A 26 -2.24 5.40 3.10
N TYR A 27 -2.10 6.72 3.12
CA TYR A 27 -0.98 7.34 3.81
C TYR A 27 -1.10 7.17 5.32
N ASP A 28 -2.34 7.24 5.81
CA ASP A 28 -2.61 7.08 7.23
C ASP A 28 -2.34 5.66 7.69
N VAL A 29 -2.68 4.70 6.83
CA VAL A 29 -2.48 3.29 7.13
C VAL A 29 -1.00 2.97 7.25
N LEU A 30 -0.22 3.45 6.30
CA LEU A 30 1.22 3.21 6.29
C LEU A 30 1.89 3.86 7.50
N ARG A 31 1.51 5.10 7.77
CA ARG A 31 2.06 5.84 8.91
C ARG A 31 1.83 5.08 10.22
N MET A 32 0.64 4.48 10.34
CA MET A 32 0.29 3.72 11.52
C MET A 32 0.87 2.31 11.46
N TYR A 33 1.00 1.80 10.24
CA TYR A 33 1.54 0.46 10.03
C TYR A 33 2.96 0.36 10.54
N HIS A 34 3.70 1.47 10.46
CA HIS A 34 5.08 1.52 10.92
C HIS A 34 5.15 1.48 12.44
N GLN A 35 4.29 2.26 13.09
CA GLN A 35 4.26 2.33 14.54
C GLN A 35 3.61 1.08 15.13
N THR A 36 2.53 0.62 14.50
CA THR A 36 1.82 -0.55 14.97
C THR A 36 2.53 -1.83 14.53
N MET A 37 3.03 -1.83 13.29
CA MET A 37 3.74 -2.99 12.76
C MET A 37 2.81 -4.19 12.66
N ASP A 38 1.58 -3.95 12.24
CA ASP A 38 0.59 -5.02 12.10
C ASP A 38 0.13 -5.14 10.64
N VAL A 39 0.58 -6.18 9.97
CA VAL A 39 0.22 -6.41 8.57
C VAL A 39 -1.27 -6.65 8.44
N ALA A 40 -1.87 -7.29 9.44
CA ALA A 40 -3.29 -7.58 9.43
C ALA A 40 -4.12 -6.31 9.31
N VAL A 41 -3.70 -5.28 10.06
CA VAL A 41 -4.40 -4.00 10.04
C VAL A 41 -4.14 -3.24 8.74
N LEU A 42 -2.92 -3.34 8.24
CA LEU A 42 -2.53 -2.68 7.00
C LEU A 42 -3.34 -3.22 5.83
N VAL A 43 -3.34 -4.54 5.67
CA VAL A 43 -4.08 -5.18 4.59
C VAL A 43 -5.57 -4.91 4.70
N GLY A 44 -6.08 -4.94 5.93
CA GLY A 44 -7.49 -4.70 6.16
C GLY A 44 -7.96 -3.39 5.58
N ASP A 45 -7.38 -2.29 6.07
CA ASP A 45 -7.75 -0.96 5.59
C ASP A 45 -7.45 -0.82 4.10
N LEU A 46 -6.26 -1.24 3.71
CA LEU A 46 -5.85 -1.16 2.31
C LEU A 46 -6.81 -1.91 1.41
N LYS A 47 -7.42 -2.96 1.95
CA LYS A 47 -8.38 -3.77 1.20
C LYS A 47 -9.70 -3.02 1.03
N LEU A 48 -10.18 -2.42 2.11
CA LEU A 48 -11.44 -1.68 2.09
C LEU A 48 -11.40 -0.58 1.04
N VAL A 49 -10.23 0.05 0.90
CA VAL A 49 -10.06 1.14 -0.07
C VAL A 49 -9.64 0.60 -1.43
N ILE A 50 -8.69 -0.32 -1.43
CA ILE A 50 -8.20 -0.91 -2.67
C ILE A 50 -9.02 -2.14 -3.08
N ASN A 51 -10.20 -2.29 -2.48
CA ASN A 51 -11.08 -3.41 -2.80
C ASN A 51 -11.38 -3.46 -4.29
N GLU A 52 -11.62 -2.29 -4.89
CA GLU A 52 -11.92 -2.19 -6.31
C GLU A 52 -10.89 -2.96 -7.13
N PRO A 53 -11.32 -4.03 -7.82
CA PRO A 53 -10.44 -4.85 -8.66
C PRO A 53 -9.45 -4.02 -9.47
N SER A 54 -9.86 -2.81 -9.84
CA SER A 54 -9.01 -1.92 -10.61
C SER A 54 -7.82 -1.45 -9.79
N ARG A 55 -8.05 -1.20 -8.50
CA ARG A 55 -6.99 -0.74 -7.60
C ARG A 55 -6.11 -1.90 -7.14
N LEU A 56 -6.45 -3.12 -7.55
CA LEU A 56 -5.68 -4.30 -7.17
C LEU A 56 -4.19 -4.13 -7.51
N PRO A 57 -3.86 -3.91 -8.79
CA PRO A 57 -2.48 -3.73 -9.24
C PRO A 57 -1.70 -2.74 -8.37
N LEU A 58 -2.42 -1.82 -7.74
CA LEU A 58 -1.80 -0.82 -6.89
C LEU A 58 -0.95 -1.47 -5.80
N PHE A 59 -1.44 -2.59 -5.26
CA PHE A 59 -0.73 -3.32 -4.20
C PHE A 59 0.71 -3.60 -4.61
N ASP A 60 0.94 -3.75 -5.91
CA ASP A 60 2.27 -4.03 -6.43
C ASP A 60 3.27 -2.98 -5.95
N ALA A 61 2.91 -1.72 -6.10
CA ALA A 61 3.77 -0.62 -5.69
C ALA A 61 3.84 -0.48 -4.17
N ILE A 62 2.87 -1.06 -3.48
CA ILE A 62 2.81 -0.97 -2.02
C ILE A 62 3.85 -1.87 -1.34
N ARG A 63 4.01 -3.09 -1.82
CA ARG A 63 4.98 -4.02 -1.23
C ARG A 63 6.41 -3.45 -1.22
N PRO A 64 6.90 -2.97 -2.37
CA PRO A 64 8.27 -2.43 -2.48
C PRO A 64 8.72 -1.60 -1.28
N LEU A 65 7.93 -0.61 -0.91
CA LEU A 65 8.28 0.25 0.23
C LEU A 65 8.25 -0.54 1.54
N ILE A 66 7.41 -1.57 1.59
CA ILE A 66 7.29 -2.39 2.78
C ILE A 66 8.54 -3.24 2.99
N PRO A 67 8.85 -3.58 4.26
CA PRO A 67 10.03 -4.39 4.60
C PRO A 67 10.14 -5.66 3.76
N LEU A 68 11.36 -6.19 3.65
CA LEU A 68 11.60 -7.41 2.88
C LEU A 68 10.64 -8.52 3.28
N LYS A 69 10.87 -9.10 4.45
CA LYS A 69 10.02 -10.18 4.96
C LYS A 69 8.55 -9.80 4.88
N HIS A 70 8.28 -8.50 5.01
CA HIS A 70 6.92 -8.01 4.95
C HIS A 70 6.34 -8.19 3.56
N GLN A 71 7.18 -8.02 2.54
CA GLN A 71 6.76 -8.16 1.16
C GLN A 71 6.23 -9.57 0.90
N VAL A 72 7.03 -10.56 1.27
CA VAL A 72 6.66 -11.96 1.09
C VAL A 72 5.36 -12.28 1.79
N GLU A 73 5.24 -11.86 3.05
CA GLU A 73 4.03 -12.11 3.83
C GLU A 73 2.85 -11.34 3.25
N TYR A 74 3.11 -10.12 2.80
CA TYR A 74 2.07 -9.30 2.21
C TYR A 74 1.39 -10.06 1.08
N ASP A 75 2.20 -10.77 0.30
CA ASP A 75 1.68 -11.57 -0.81
C ASP A 75 0.98 -12.82 -0.28
N GLN A 76 1.47 -13.35 0.84
CA GLN A 76 0.89 -14.53 1.44
C GLN A 76 -0.53 -14.27 1.95
N LEU A 77 -0.79 -13.01 2.32
CA LEU A 77 -2.10 -12.63 2.83
C LEU A 77 -3.01 -12.15 1.69
N THR A 78 -2.44 -11.40 0.77
CA THR A 78 -3.21 -10.87 -0.36
C THR A 78 -3.53 -11.99 -1.36
N PRO A 79 -4.83 -12.21 -1.64
CA PRO A 79 -5.27 -13.24 -2.58
C PRO A 79 -5.02 -12.84 -4.04
N ARG A 80 -4.71 -13.82 -4.87
CA ARG A 80 -4.45 -13.58 -6.29
C ARG A 80 -5.50 -14.27 -7.16
N MET A 1 19.65 6.35 -3.04
CA MET A 1 19.10 6.83 -1.75
C MET A 1 18.03 5.88 -1.22
N ASP A 2 17.36 6.29 -0.14
CA ASP A 2 16.32 5.47 0.47
C ASP A 2 14.94 5.92 0.01
N ARG A 3 14.86 6.42 -1.22
CA ARG A 3 13.60 6.88 -1.78
C ARG A 3 13.60 6.77 -3.30
N LYS A 4 13.42 5.55 -3.80
CA LYS A 4 13.40 5.32 -5.24
C LYS A 4 12.01 4.87 -5.69
N VAL A 5 11.42 3.94 -4.95
CA VAL A 5 10.09 3.44 -5.28
C VAL A 5 9.02 4.46 -4.94
N ALA A 6 9.32 5.32 -3.96
CA ALA A 6 8.37 6.34 -3.53
C ALA A 6 7.95 7.22 -4.70
N ARG A 7 8.91 7.53 -5.57
CA ARG A 7 8.64 8.36 -6.74
C ARG A 7 7.61 7.69 -7.64
N GLU A 8 7.92 6.46 -8.03
CA GLU A 8 7.03 5.68 -8.88
C GLU A 8 5.71 5.44 -8.19
N PHE A 9 5.76 5.28 -6.87
CA PHE A 9 4.56 5.04 -6.07
C PHE A 9 3.59 6.22 -6.22
N ARG A 10 4.09 7.42 -5.98
CA ARG A 10 3.27 8.62 -6.09
C ARG A 10 2.66 8.74 -7.49
N HIS A 11 3.46 8.43 -8.50
CA HIS A 11 3.00 8.49 -9.88
C HIS A 11 1.99 7.39 -10.16
N LYS A 12 2.21 6.22 -9.57
CA LYS A 12 1.32 5.09 -9.74
C LYS A 12 -0.05 5.35 -9.11
N VAL A 13 -0.04 5.61 -7.81
CA VAL A 13 -1.28 5.89 -7.08
C VAL A 13 -2.09 6.99 -7.76
N ASP A 14 -1.39 8.04 -8.18
CA ASP A 14 -2.05 9.16 -8.85
C ASP A 14 -2.72 8.70 -10.14
N PHE A 15 -2.03 7.83 -10.87
CA PHE A 15 -2.57 7.31 -12.12
C PHE A 15 -3.75 6.39 -11.88
N LEU A 16 -3.64 5.55 -10.85
CA LEU A 16 -4.71 4.62 -10.51
C LEU A 16 -5.85 5.34 -9.78
N ILE A 17 -5.56 5.83 -8.60
CA ILE A 17 -6.55 6.54 -7.80
C ILE A 17 -6.76 7.97 -8.31
N GLU A 18 -5.74 8.80 -8.14
CA GLU A 18 -5.79 10.20 -8.58
C GLU A 18 -6.65 11.05 -7.64
N ASN A 19 -7.18 10.43 -6.59
CA ASN A 19 -8.03 11.14 -5.63
C ASN A 19 -7.19 11.65 -4.45
N ASP A 20 -7.75 12.60 -3.70
CA ASP A 20 -7.06 13.15 -2.55
C ASP A 20 -7.46 12.42 -1.26
N ALA A 21 -8.73 12.06 -1.18
CA ALA A 21 -9.24 11.36 -0.01
C ALA A 21 -8.64 9.95 0.10
N GLU A 22 -8.70 9.22 -1.01
CA GLU A 22 -8.16 7.87 -1.04
C GLU A 22 -6.68 7.86 -0.69
N LYS A 23 -5.94 8.82 -1.26
CA LYS A 23 -4.51 8.94 -1.00
C LYS A 23 -4.25 9.13 0.49
N ASP A 24 -5.09 9.92 1.14
CA ASP A 24 -4.96 10.18 2.56
C ASP A 24 -5.16 8.90 3.36
N TYR A 25 -6.09 8.07 2.89
CA TYR A 25 -6.37 6.81 3.56
C TYR A 25 -5.15 5.90 3.56
N LEU A 26 -4.48 5.84 2.41
CA LEU A 26 -3.28 5.01 2.28
C LEU A 26 -2.21 5.47 3.26
N TYR A 27 -1.97 6.78 3.29
CA TYR A 27 -0.97 7.36 4.18
C TYR A 27 -1.27 7.00 5.64
N ASP A 28 -2.55 6.94 5.97
CA ASP A 28 -2.98 6.61 7.33
C ASP A 28 -2.69 5.14 7.64
N VAL A 29 -2.93 4.28 6.67
CA VAL A 29 -2.70 2.85 6.83
C VAL A 29 -1.23 2.56 7.11
N LEU A 30 -0.36 3.23 6.36
CA LEU A 30 1.08 3.04 6.52
C LEU A 30 1.57 3.67 7.81
N ARG A 31 1.02 4.84 8.14
CA ARG A 31 1.40 5.56 9.36
C ARG A 31 1.12 4.71 10.59
N MET A 32 0.01 3.96 10.55
CA MET A 32 -0.37 3.10 11.67
C MET A 32 0.33 1.75 11.58
N TYR A 33 0.59 1.32 10.35
CA TYR A 33 1.25 0.04 10.13
C TYR A 33 2.65 0.04 10.74
N HIS A 34 3.30 1.20 10.73
CA HIS A 34 4.65 1.32 11.28
C HIS A 34 4.60 1.31 12.81
N GLN A 35 3.66 2.04 13.38
CA GLN A 35 3.51 2.11 14.83
C GLN A 35 2.90 0.82 15.38
N THR A 36 1.93 0.27 14.66
CA THR A 36 1.27 -0.95 15.07
C THR A 36 2.12 -2.18 14.74
N MET A 37 2.74 -2.15 13.57
CA MET A 37 3.58 -3.26 13.13
C MET A 37 2.78 -4.54 13.00
N ASP A 38 1.79 -4.53 12.12
CA ASP A 38 0.94 -5.70 11.91
C ASP A 38 0.42 -5.74 10.47
N VAL A 39 0.96 -6.66 9.68
CA VAL A 39 0.56 -6.81 8.28
C VAL A 39 -0.93 -7.10 8.17
N ALA A 40 -1.47 -7.84 9.13
CA ALA A 40 -2.89 -8.18 9.14
C ALA A 40 -3.75 -6.93 9.12
N VAL A 41 -3.37 -5.93 9.91
CA VAL A 41 -4.12 -4.68 9.97
C VAL A 41 -3.90 -3.84 8.72
N LEU A 42 -2.67 -3.89 8.20
CA LEU A 42 -2.32 -3.14 6.99
C LEU A 42 -3.21 -3.53 5.82
N VAL A 43 -3.28 -4.83 5.55
CA VAL A 43 -4.09 -5.34 4.46
C VAL A 43 -5.55 -4.97 4.63
N GLY A 44 -6.03 -5.04 5.86
CA GLY A 44 -7.42 -4.71 6.15
C GLY A 44 -7.77 -3.29 5.74
N ASP A 45 -7.07 -2.32 6.32
CA ASP A 45 -7.31 -0.92 6.01
C ASP A 45 -7.11 -0.63 4.52
N LEU A 46 -5.99 -1.08 3.98
CA LEU A 46 -5.67 -0.88 2.57
C LEU A 46 -6.76 -1.49 1.68
N LYS A 47 -7.35 -2.58 2.14
CA LYS A 47 -8.40 -3.26 1.39
C LYS A 47 -9.69 -2.47 1.43
N LEU A 48 -10.03 -1.94 2.60
CA LEU A 48 -11.24 -1.15 2.77
C LEU A 48 -11.28 0.02 1.80
N VAL A 49 -10.22 0.82 1.81
CA VAL A 49 -10.12 1.98 0.93
C VAL A 49 -10.15 1.54 -0.53
N ILE A 50 -9.35 0.53 -0.83
CA ILE A 50 -9.26 0.00 -2.19
C ILE A 50 -10.61 -0.56 -2.64
N ASN A 51 -10.87 -1.82 -2.31
CA ASN A 51 -12.13 -2.48 -2.65
C ASN A 51 -12.44 -2.34 -4.15
N GLU A 52 -11.41 -2.19 -4.96
CA GLU A 52 -11.60 -2.07 -6.40
C GLU A 52 -10.43 -2.72 -7.16
N PRO A 53 -10.73 -3.71 -8.01
CA PRO A 53 -9.69 -4.41 -8.79
C PRO A 53 -8.78 -3.44 -9.54
N SER A 54 -9.29 -2.26 -9.82
CA SER A 54 -8.51 -1.24 -10.54
C SER A 54 -7.37 -0.73 -9.68
N ARG A 55 -7.53 -0.79 -8.36
CA ARG A 55 -6.51 -0.32 -7.43
C ARG A 55 -5.58 -1.46 -7.01
N LEU A 56 -5.90 -2.68 -7.40
CA LEU A 56 -5.09 -3.85 -7.05
C LEU A 56 -3.61 -3.60 -7.36
N PRO A 57 -3.30 -3.15 -8.59
CA PRO A 57 -1.92 -2.88 -9.00
C PRO A 57 -1.18 -2.00 -8.00
N LEU A 58 -1.92 -1.22 -7.23
CA LEU A 58 -1.34 -0.32 -6.24
C LEU A 58 -0.45 -1.09 -5.27
N PHE A 59 -0.91 -2.25 -4.83
CA PHE A 59 -0.15 -3.09 -3.89
C PHE A 59 1.29 -3.29 -4.39
N ASP A 60 1.46 -3.29 -5.70
CA ASP A 60 2.78 -3.48 -6.30
C ASP A 60 3.78 -2.48 -5.73
N ALA A 61 3.43 -1.20 -5.78
CA ALA A 61 4.30 -0.14 -5.28
C ALA A 61 4.36 -0.14 -3.75
N ILE A 62 3.35 -0.71 -3.11
CA ILE A 62 3.29 -0.77 -1.65
C ILE A 62 4.32 -1.75 -1.09
N ARG A 63 4.62 -2.79 -1.85
CA ARG A 63 5.58 -3.81 -1.42
C ARG A 63 6.99 -3.21 -1.27
N PRO A 64 7.53 -2.62 -2.35
CA PRO A 64 8.87 -2.02 -2.36
C PRO A 64 9.21 -1.28 -1.07
N LEU A 65 8.35 -0.35 -0.68
CA LEU A 65 8.57 0.43 0.54
C LEU A 65 8.50 -0.48 1.77
N ILE A 66 7.67 -1.52 1.67
CA ILE A 66 7.50 -2.46 2.75
C ILE A 66 8.69 -3.43 2.83
N PRO A 67 9.21 -3.69 4.05
CA PRO A 67 10.34 -4.60 4.25
C PRO A 67 10.17 -5.94 3.52
N LEU A 68 11.28 -6.60 3.26
CA LEU A 68 11.28 -7.90 2.57
C LEU A 68 10.29 -8.87 3.22
N LYS A 69 10.61 -9.34 4.42
CA LYS A 69 9.77 -10.29 5.15
C LYS A 69 8.29 -9.90 5.05
N HIS A 70 8.01 -8.63 5.34
CA HIS A 70 6.64 -8.13 5.29
C HIS A 70 6.13 -8.12 3.86
N GLN A 71 7.04 -7.93 2.91
CA GLN A 71 6.68 -7.89 1.50
C GLN A 71 6.09 -9.23 1.07
N VAL A 72 6.83 -10.30 1.34
CA VAL A 72 6.39 -11.65 1.00
C VAL A 72 5.05 -11.96 1.66
N GLU A 73 4.96 -11.67 2.96
CA GLU A 73 3.72 -11.92 3.70
C GLU A 73 2.60 -11.04 3.19
N TYR A 74 2.94 -9.81 2.82
CA TYR A 74 1.95 -8.88 2.28
C TYR A 74 1.22 -9.52 1.10
N ASP A 75 2.00 -10.18 0.25
CA ASP A 75 1.44 -10.87 -0.91
C ASP A 75 0.69 -12.12 -0.48
N GLN A 76 1.15 -12.74 0.60
CA GLN A 76 0.52 -13.96 1.11
C GLN A 76 -0.89 -13.67 1.63
N LEU A 77 -1.10 -12.46 2.12
CA LEU A 77 -2.40 -12.06 2.64
C LEU A 77 -3.26 -11.44 1.55
N THR A 78 -2.67 -10.55 0.77
CA THR A 78 -3.37 -9.88 -0.32
C THR A 78 -3.82 -10.89 -1.37
N PRO A 79 -5.13 -10.91 -1.71
CA PRO A 79 -5.67 -11.83 -2.72
C PRO A 79 -4.91 -11.75 -4.04
N ARG A 80 -4.99 -12.82 -4.83
CA ARG A 80 -4.32 -12.87 -6.12
C ARG A 80 -5.22 -13.50 -7.18
N MET A 1 13.12 -2.94 -2.59
CA MET A 1 12.79 -2.53 -1.20
C MET A 1 13.90 -1.68 -0.59
N ASP A 2 13.85 -0.38 -0.85
CA ASP A 2 14.85 0.54 -0.33
C ASP A 2 14.52 1.98 -0.73
N ARG A 3 14.56 2.24 -2.04
CA ARG A 3 14.27 3.56 -2.55
C ARG A 3 13.77 3.49 -3.99
N LYS A 4 13.62 4.65 -4.62
CA LYS A 4 13.15 4.73 -6.01
C LYS A 4 11.65 4.46 -6.09
N VAL A 5 11.22 3.29 -5.62
CA VAL A 5 9.81 2.93 -5.64
C VAL A 5 8.95 4.01 -4.99
N ALA A 6 9.54 4.76 -4.07
CA ALA A 6 8.82 5.82 -3.38
C ALA A 6 8.26 6.84 -4.36
N ARG A 7 9.11 7.28 -5.28
CA ARG A 7 8.71 8.25 -6.28
C ARG A 7 7.66 7.67 -7.21
N GLU A 8 7.98 6.53 -7.80
CA GLU A 8 7.06 5.85 -8.71
C GLU A 8 5.75 5.53 -7.99
N PHE A 9 5.85 5.23 -6.69
CA PHE A 9 4.68 4.91 -5.89
C PHE A 9 3.70 6.08 -5.88
N ARG A 10 4.21 7.26 -5.58
CA ARG A 10 3.40 8.47 -5.54
C ARG A 10 2.69 8.69 -6.88
N HIS A 11 3.45 8.54 -7.96
CA HIS A 11 2.91 8.72 -9.30
C HIS A 11 1.90 7.63 -9.62
N LYS A 12 2.20 6.40 -9.20
CA LYS A 12 1.31 5.27 -9.43
C LYS A 12 -0.06 5.51 -8.79
N VAL A 13 -0.07 5.74 -7.48
CA VAL A 13 -1.30 5.97 -6.74
C VAL A 13 -2.11 7.10 -7.39
N ASP A 14 -1.44 8.19 -7.72
CA ASP A 14 -2.11 9.33 -8.35
C ASP A 14 -2.78 8.91 -9.65
N PHE A 15 -2.09 8.06 -10.41
CA PHE A 15 -2.63 7.58 -11.69
C PHE A 15 -3.81 6.65 -11.47
N LEU A 16 -3.67 5.74 -10.50
CA LEU A 16 -4.73 4.79 -10.19
C LEU A 16 -5.90 5.47 -9.48
N ILE A 17 -5.63 5.92 -8.26
CA ILE A 17 -6.65 6.59 -7.47
C ILE A 17 -6.84 8.04 -7.92
N GLU A 18 -5.81 8.85 -7.69
CA GLU A 18 -5.86 10.27 -8.08
C GLU A 18 -6.71 11.09 -7.11
N ASN A 19 -7.26 10.44 -6.08
CA ASN A 19 -8.09 11.13 -5.11
C ASN A 19 -7.27 11.55 -3.89
N ASP A 20 -7.13 12.85 -3.69
CA ASP A 20 -6.37 13.39 -2.58
C ASP A 20 -6.90 12.84 -1.25
N ALA A 21 -8.20 12.66 -1.17
CA ALA A 21 -8.83 12.14 0.04
C ALA A 21 -8.43 10.68 0.28
N GLU A 22 -8.68 9.85 -0.72
CA GLU A 22 -8.34 8.43 -0.63
C GLU A 22 -6.84 8.24 -0.42
N LYS A 23 -6.05 9.12 -1.03
CA LYS A 23 -4.60 9.06 -0.91
C LYS A 23 -4.17 9.37 0.53
N ASP A 24 -4.89 10.27 1.17
CA ASP A 24 -4.59 10.64 2.55
C ASP A 24 -4.97 9.52 3.50
N TYR A 25 -6.00 8.77 3.13
CA TYR A 25 -6.47 7.66 3.95
C TYR A 25 -5.47 6.50 3.91
N LEU A 26 -5.05 6.13 2.70
CA LEU A 26 -4.09 5.04 2.53
C LEU A 26 -2.75 5.40 3.16
N TYR A 27 -2.39 6.69 3.10
CA TYR A 27 -1.13 7.15 3.67
C TYR A 27 -1.19 7.12 5.19
N ASP A 28 -2.37 7.39 5.74
CA ASP A 28 -2.56 7.40 7.18
C ASP A 28 -2.37 6.00 7.75
N VAL A 29 -2.98 5.02 7.09
CA VAL A 29 -2.87 3.63 7.53
C VAL A 29 -1.44 3.13 7.45
N LEU A 30 -0.77 3.47 6.35
CA LEU A 30 0.61 3.06 6.14
C LEU A 30 1.51 3.62 7.23
N ARG A 31 1.34 4.91 7.53
CA ARG A 31 2.14 5.56 8.56
C ARG A 31 1.99 4.84 9.90
N MET A 32 0.75 4.53 10.25
CA MET A 32 0.47 3.83 11.51
C MET A 32 0.92 2.39 11.43
N TYR A 33 0.85 1.81 10.23
CA TYR A 33 1.27 0.43 10.01
C TYR A 33 2.74 0.24 10.34
N HIS A 34 3.53 1.27 10.07
CA HIS A 34 4.97 1.22 10.34
C HIS A 34 5.24 1.19 11.84
N GLN A 35 4.60 2.08 12.58
CA GLN A 35 4.78 2.15 14.02
C GLN A 35 4.04 1.01 14.73
N THR A 36 2.81 0.75 14.30
CA THR A 36 2.01 -0.31 14.89
C THR A 36 2.52 -1.68 14.47
N MET A 37 3.03 -1.77 13.25
CA MET A 37 3.55 -3.03 12.72
C MET A 37 2.45 -4.09 12.67
N ASP A 38 1.32 -3.74 12.06
CA ASP A 38 0.20 -4.67 11.95
C ASP A 38 -0.11 -4.97 10.49
N VAL A 39 0.43 -6.08 9.99
CA VAL A 39 0.21 -6.48 8.60
C VAL A 39 -1.23 -6.89 8.36
N ALA A 40 -1.78 -7.68 9.28
CA ALA A 40 -3.16 -8.14 9.17
C ALA A 40 -4.12 -6.97 9.15
N VAL A 41 -3.85 -5.96 9.97
CA VAL A 41 -4.71 -4.78 10.04
C VAL A 41 -4.52 -3.90 8.81
N LEU A 42 -3.28 -3.81 8.33
CA LEU A 42 -2.97 -3.01 7.16
C LEU A 42 -3.65 -3.57 5.92
N VAL A 43 -3.58 -4.88 5.76
CA VAL A 43 -4.20 -5.54 4.62
C VAL A 43 -5.71 -5.33 4.60
N GLY A 44 -6.33 -5.48 5.76
CA GLY A 44 -7.76 -5.30 5.86
C GLY A 44 -8.21 -3.91 5.41
N ASP A 45 -7.73 -2.89 6.11
CA ASP A 45 -8.08 -1.51 5.78
C ASP A 45 -7.76 -1.21 4.31
N LEU A 46 -6.53 -1.53 3.91
CA LEU A 46 -6.10 -1.29 2.54
C LEU A 46 -7.02 -2.01 1.55
N LYS A 47 -7.63 -3.10 1.98
CA LYS A 47 -8.52 -3.87 1.13
C LYS A 47 -9.85 -3.13 0.95
N LEU A 48 -10.47 -2.76 2.06
CA LEU A 48 -11.75 -2.06 2.02
C LEU A 48 -11.67 -0.81 1.14
N VAL A 49 -10.50 -0.16 1.15
CA VAL A 49 -10.30 1.04 0.36
C VAL A 49 -9.80 0.71 -1.05
N ILE A 50 -8.83 -0.20 -1.13
CA ILE A 50 -8.27 -0.61 -2.41
C ILE A 50 -9.02 -1.81 -2.98
N ASN A 51 -10.24 -2.04 -2.52
CA ASN A 51 -11.04 -3.17 -3.00
C ASN A 51 -11.23 -3.09 -4.51
N GLU A 52 -11.44 -1.88 -5.02
CA GLU A 52 -11.64 -1.67 -6.45
C GLU A 52 -10.55 -2.34 -7.26
N PRO A 53 -10.91 -3.37 -8.05
CA PRO A 53 -9.95 -4.11 -8.88
C PRO A 53 -8.97 -3.19 -9.61
N SER A 54 -9.43 -1.98 -9.93
CA SER A 54 -8.59 -1.01 -10.63
C SER A 54 -7.46 -0.53 -9.73
N ARG A 55 -7.71 -0.50 -8.43
CA ARG A 55 -6.71 -0.06 -7.46
C ARG A 55 -5.77 -1.21 -7.06
N LEU A 56 -6.15 -2.43 -7.40
CA LEU A 56 -5.35 -3.60 -7.08
C LEU A 56 -3.87 -3.39 -7.43
N PRO A 57 -3.56 -3.11 -8.71
CA PRO A 57 -2.19 -2.88 -9.16
C PRO A 57 -1.39 -2.00 -8.21
N LEU A 58 -2.09 -1.11 -7.50
CA LEU A 58 -1.44 -0.20 -6.57
C LEU A 58 -0.63 -0.97 -5.53
N PHE A 59 -1.19 -2.08 -5.04
CA PHE A 59 -0.52 -2.92 -4.06
C PHE A 59 0.91 -3.24 -4.47
N ASP A 60 1.14 -3.31 -5.78
CA ASP A 60 2.46 -3.62 -6.32
C ASP A 60 3.52 -2.68 -5.75
N ALA A 61 3.25 -1.39 -5.84
CA ALA A 61 4.17 -0.37 -5.34
C ALA A 61 4.20 -0.34 -3.81
N ILE A 62 3.17 -0.91 -3.18
CA ILE A 62 3.08 -0.93 -1.73
C ILE A 62 4.05 -1.95 -1.13
N ARG A 63 4.26 -3.06 -1.82
CA ARG A 63 5.16 -4.10 -1.35
C ARG A 63 6.59 -3.57 -1.18
N PRO A 64 7.17 -3.02 -2.26
CA PRO A 64 8.54 -2.47 -2.24
C PRO A 64 8.80 -1.59 -1.02
N LEU A 65 7.93 -0.61 -0.80
CA LEU A 65 8.08 0.29 0.33
C LEU A 65 7.89 -0.44 1.66
N ILE A 66 7.33 -1.64 1.61
CA ILE A 66 7.10 -2.43 2.81
C ILE A 66 8.37 -3.18 3.24
N PRO A 67 8.45 -3.58 4.52
CA PRO A 67 9.61 -4.30 5.04
C PRO A 67 9.92 -5.57 4.26
N LEU A 68 11.16 -6.03 4.35
CA LEU A 68 11.60 -7.23 3.64
C LEU A 68 10.65 -8.41 3.92
N LYS A 69 10.68 -8.89 5.16
CA LYS A 69 9.83 -10.01 5.55
C LYS A 69 8.36 -9.69 5.30
N HIS A 70 7.99 -8.43 5.51
CA HIS A 70 6.61 -7.99 5.30
C HIS A 70 6.21 -8.12 3.84
N GLN A 71 7.18 -7.96 2.93
CA GLN A 71 6.90 -8.07 1.51
C GLN A 71 6.37 -9.46 1.17
N VAL A 72 7.14 -10.47 1.53
CA VAL A 72 6.77 -11.86 1.28
C VAL A 72 5.41 -12.18 1.89
N GLU A 73 5.22 -11.77 3.14
CA GLU A 73 3.95 -12.01 3.83
C GLU A 73 2.81 -11.27 3.15
N TYR A 74 3.07 -10.03 2.75
CA TYR A 74 2.06 -9.23 2.07
C TYR A 74 1.50 -10.00 0.89
N ASP A 75 2.40 -10.69 0.18
CA ASP A 75 2.02 -11.49 -0.98
C ASP A 75 1.28 -12.75 -0.53
N GLN A 76 1.65 -13.26 0.65
CA GLN A 76 1.02 -14.46 1.19
C GLN A 76 -0.45 -14.21 1.49
N LEU A 77 -0.77 -12.99 1.91
CA LEU A 77 -2.14 -12.62 2.24
C LEU A 77 -2.84 -12.00 1.03
N THR A 78 -2.11 -11.19 0.27
CA THR A 78 -2.67 -10.54 -0.90
C THR A 78 -2.15 -11.21 -2.19
N PRO A 79 -3.01 -12.01 -2.86
CA PRO A 79 -2.64 -12.70 -4.10
C PRO A 79 -2.01 -11.75 -5.11
N ARG A 80 -1.38 -12.32 -6.14
CA ARG A 80 -0.73 -11.54 -7.18
C ARG A 80 -1.63 -11.43 -8.41
N MET A 1 20.91 5.85 -3.42
CA MET A 1 20.18 4.64 -2.96
C MET A 1 19.35 4.94 -1.72
N ASP A 2 18.50 5.97 -1.81
CA ASP A 2 17.65 6.36 -0.70
C ASP A 2 16.19 6.03 -0.99
N ARG A 3 15.75 6.35 -2.20
CA ARG A 3 14.38 6.10 -2.60
C ARG A 3 14.24 6.13 -4.12
N LYS A 4 13.54 5.14 -4.68
CA LYS A 4 13.34 5.06 -6.12
C LYS A 4 11.88 4.77 -6.44
N VAL A 5 11.31 3.76 -5.78
CA VAL A 5 9.93 3.38 -6.01
C VAL A 5 8.98 4.48 -5.50
N ALA A 6 9.44 5.25 -4.53
CA ALA A 6 8.63 6.33 -3.97
C ALA A 6 8.19 7.31 -5.04
N ARG A 7 9.13 7.71 -5.89
CA ARG A 7 8.83 8.65 -6.97
C ARG A 7 7.77 8.09 -7.90
N GLU A 8 8.04 6.89 -8.42
CA GLU A 8 7.10 6.23 -9.32
C GLU A 8 5.80 5.92 -8.60
N PHE A 9 5.90 5.68 -7.30
CA PHE A 9 4.71 5.37 -6.49
C PHE A 9 3.76 6.55 -6.47
N ARG A 10 4.27 7.72 -6.08
CA ARG A 10 3.45 8.93 -6.00
C ARG A 10 2.80 9.23 -7.35
N HIS A 11 3.59 9.13 -8.43
CA HIS A 11 3.10 9.39 -9.77
C HIS A 11 1.91 8.49 -10.11
N LYS A 12 2.11 7.19 -9.93
CA LYS A 12 1.06 6.22 -10.24
C LYS A 12 -0.15 6.42 -9.34
N VAL A 13 0.08 6.89 -8.12
CA VAL A 13 -1.01 7.13 -7.17
C VAL A 13 -1.98 8.17 -7.73
N ASP A 14 -1.45 9.30 -8.15
CA ASP A 14 -2.27 10.37 -8.70
C ASP A 14 -3.02 9.89 -9.95
N PHE A 15 -2.30 9.17 -10.82
CA PHE A 15 -2.89 8.65 -12.04
C PHE A 15 -3.91 7.56 -11.74
N LEU A 16 -3.66 6.78 -10.70
CA LEU A 16 -4.56 5.70 -10.31
C LEU A 16 -5.69 6.22 -9.43
N ILE A 17 -5.35 6.58 -8.20
CA ILE A 17 -6.36 7.09 -7.26
C ILE A 17 -7.05 8.31 -7.83
N GLU A 18 -6.27 9.33 -8.15
CA GLU A 18 -6.81 10.58 -8.71
C GLU A 18 -7.45 11.46 -7.64
N ASN A 19 -7.51 10.95 -6.41
CA ASN A 19 -8.09 11.71 -5.31
C ASN A 19 -7.03 12.11 -4.30
N ASP A 20 -7.40 12.98 -3.37
CA ASP A 20 -6.47 13.44 -2.33
C ASP A 20 -6.75 12.75 -1.01
N ALA A 21 -8.03 12.62 -0.69
CA ALA A 21 -8.44 11.97 0.55
C ALA A 21 -8.11 10.49 0.54
N GLU A 22 -8.32 9.85 -0.61
CA GLU A 22 -8.03 8.43 -0.75
C GLU A 22 -6.55 8.15 -0.58
N LYS A 23 -5.73 8.91 -1.30
CA LYS A 23 -4.28 8.74 -1.22
C LYS A 23 -3.79 8.99 0.20
N ASP A 24 -4.47 9.88 0.90
CA ASP A 24 -4.11 10.20 2.29
C ASP A 24 -4.49 9.06 3.21
N TYR A 25 -5.55 8.35 2.85
CA TYR A 25 -6.02 7.21 3.65
C TYR A 25 -5.02 6.06 3.58
N LEU A 26 -4.47 5.83 2.39
CA LEU A 26 -3.49 4.75 2.21
C LEU A 26 -2.20 5.09 2.94
N TYR A 27 -1.73 6.33 2.78
CA TYR A 27 -0.51 6.78 3.42
C TYR A 27 -0.66 6.76 4.93
N ASP A 28 -1.87 7.06 5.40
CA ASP A 28 -2.15 7.07 6.84
C ASP A 28 -2.00 5.67 7.42
N VAL A 29 -2.57 4.68 6.73
CA VAL A 29 -2.49 3.31 7.18
C VAL A 29 -1.04 2.84 7.28
N LEU A 30 -0.24 3.19 6.27
CA LEU A 30 1.17 2.82 6.25
C LEU A 30 1.90 3.40 7.46
N ARG A 31 1.65 4.67 7.74
CA ARG A 31 2.29 5.34 8.87
C ARG A 31 1.98 4.60 10.16
N MET A 32 0.74 4.14 10.31
CA MET A 32 0.33 3.40 11.48
C MET A 32 0.82 1.96 11.41
N TYR A 33 0.92 1.43 10.20
CA TYR A 33 1.37 0.07 9.99
C TYR A 33 2.80 -0.11 10.52
N HIS A 34 3.58 0.95 10.44
CA HIS A 34 4.97 0.90 10.91
C HIS A 34 5.02 0.82 12.42
N GLN A 35 4.20 1.61 13.10
CA GLN A 35 4.17 1.63 14.55
C GLN A 35 3.45 0.39 15.10
N THR A 36 2.36 0.01 14.44
CA THR A 36 1.57 -1.14 14.86
C THR A 36 2.22 -2.44 14.40
N MET A 37 2.82 -2.42 13.21
CA MET A 37 3.48 -3.61 12.66
C MET A 37 2.48 -4.75 12.48
N ASP A 38 1.23 -4.39 12.20
CA ASP A 38 0.18 -5.39 11.99
C ASP A 38 -0.13 -5.55 10.51
N VAL A 39 0.45 -6.56 9.89
CA VAL A 39 0.22 -6.82 8.47
C VAL A 39 -1.22 -7.21 8.21
N ALA A 40 -1.79 -8.00 9.12
CA ALA A 40 -3.18 -8.45 8.98
C ALA A 40 -4.13 -7.26 8.91
N VAL A 41 -3.85 -6.24 9.72
CA VAL A 41 -4.69 -5.04 9.74
C VAL A 41 -4.48 -4.20 8.49
N LEU A 42 -3.24 -4.16 8.01
CA LEU A 42 -2.91 -3.39 6.82
C LEU A 42 -3.67 -3.91 5.61
N VAL A 43 -3.78 -5.23 5.50
CA VAL A 43 -4.49 -5.85 4.38
C VAL A 43 -5.98 -5.52 4.42
N GLY A 44 -6.55 -5.53 5.62
CA GLY A 44 -7.96 -5.22 5.77
C GLY A 44 -8.32 -3.83 5.28
N ASP A 45 -7.66 -2.83 5.84
CA ASP A 45 -7.90 -1.44 5.46
C ASP A 45 -7.61 -1.23 3.98
N LEU A 46 -6.48 -1.76 3.52
CA LEU A 46 -6.08 -1.62 2.12
C LEU A 46 -7.14 -2.20 1.19
N LYS A 47 -7.86 -3.21 1.68
CA LYS A 47 -8.91 -3.85 0.89
C LYS A 47 -10.14 -2.95 0.79
N LEU A 48 -10.64 -2.49 1.93
CA LEU A 48 -11.81 -1.63 1.97
C LEU A 48 -11.64 -0.41 1.08
N VAL A 49 -10.40 0.08 0.99
CA VAL A 49 -10.12 1.26 0.17
C VAL A 49 -9.70 0.87 -1.24
N ILE A 50 -8.78 -0.09 -1.34
CA ILE A 50 -8.30 -0.55 -2.64
C ILE A 50 -9.12 -1.72 -3.17
N ASN A 51 -10.35 -1.86 -2.67
CA ASN A 51 -11.23 -2.93 -3.11
C ASN A 51 -11.47 -2.86 -4.61
N GLU A 52 -11.66 -1.65 -5.11
CA GLU A 52 -11.90 -1.43 -6.53
C GLU A 52 -10.82 -2.11 -7.38
N PRO A 53 -11.20 -3.11 -8.18
CA PRO A 53 -10.28 -3.84 -9.05
C PRO A 53 -9.29 -2.91 -9.76
N SER A 54 -9.72 -1.69 -10.03
CA SER A 54 -8.87 -0.71 -10.71
C SER A 54 -7.70 -0.29 -9.82
N ARG A 55 -7.93 -0.32 -8.51
CA ARG A 55 -6.90 0.07 -7.55
C ARG A 55 -6.04 -1.13 -7.14
N LEU A 56 -6.43 -2.33 -7.56
CA LEU A 56 -5.68 -3.54 -7.23
C LEU A 56 -4.21 -3.41 -7.62
N PRO A 57 -3.91 -2.99 -8.86
CA PRO A 57 -2.53 -2.83 -9.33
C PRO A 57 -1.68 -1.99 -8.37
N LEU A 58 -2.34 -1.14 -7.59
CA LEU A 58 -1.65 -0.29 -6.63
C LEU A 58 -0.82 -1.12 -5.64
N PHE A 59 -1.31 -2.32 -5.34
CA PHE A 59 -0.61 -3.20 -4.40
C PHE A 59 0.86 -3.35 -4.77
N ASP A 60 1.15 -3.36 -6.06
CA ASP A 60 2.51 -3.49 -6.55
C ASP A 60 3.41 -2.44 -5.92
N ALA A 61 2.96 -1.19 -5.94
CA ALA A 61 3.71 -0.08 -5.36
C ALA A 61 3.71 -0.12 -3.84
N ILE A 62 2.77 -0.86 -3.26
CA ILE A 62 2.68 -0.98 -1.81
C ILE A 62 3.79 -1.87 -1.24
N ARG A 63 4.11 -2.94 -1.96
CA ARG A 63 5.15 -3.86 -1.50
C ARG A 63 6.48 -3.15 -1.29
N PRO A 64 6.98 -2.42 -2.31
CA PRO A 64 8.24 -1.68 -2.22
C PRO A 64 8.43 -0.98 -0.87
N LEU A 65 7.43 -0.22 -0.46
CA LEU A 65 7.48 0.49 0.81
C LEU A 65 7.49 -0.49 1.96
N ILE A 66 6.74 -1.58 1.80
CA ILE A 66 6.64 -2.61 2.81
C ILE A 66 7.99 -3.34 2.96
N PRO A 67 8.58 -3.33 4.18
CA PRO A 67 9.85 -3.99 4.45
C PRO A 67 9.90 -5.42 3.91
N LEU A 68 11.10 -5.92 3.69
CA LEU A 68 11.29 -7.28 3.16
C LEU A 68 10.47 -8.30 3.95
N LYS A 69 10.86 -8.54 5.21
CA LYS A 69 10.17 -9.50 6.06
C LYS A 69 8.65 -9.34 5.96
N HIS A 70 8.19 -8.09 6.01
CA HIS A 70 6.76 -7.80 5.92
C HIS A 70 6.24 -8.15 4.53
N GLN A 71 7.10 -7.98 3.52
CA GLN A 71 6.72 -8.29 2.15
C GLN A 71 6.38 -9.78 2.02
N VAL A 72 7.25 -10.61 2.56
CA VAL A 72 7.06 -12.05 2.52
C VAL A 72 5.75 -12.44 3.19
N GLU A 73 5.56 -11.97 4.42
CA GLU A 73 4.35 -12.26 5.17
C GLU A 73 3.13 -11.68 4.46
N TYR A 74 3.29 -10.49 3.89
CA TYR A 74 2.20 -9.83 3.16
C TYR A 74 1.67 -10.77 2.09
N ASP A 75 2.59 -11.48 1.44
CA ASP A 75 2.23 -12.44 0.40
C ASP A 75 1.59 -13.67 1.02
N GLN A 76 2.04 -14.03 2.22
CA GLN A 76 1.50 -15.20 2.92
C GLN A 76 0.03 -14.98 3.29
N LEU A 77 -0.34 -13.72 3.51
CA LEU A 77 -1.71 -13.38 3.87
C LEU A 77 -2.55 -13.15 2.63
N THR A 78 -1.98 -12.45 1.65
CA THR A 78 -2.69 -12.15 0.41
C THR A 78 -2.83 -13.40 -0.45
N PRO A 79 -4.07 -13.89 -0.64
CA PRO A 79 -4.33 -15.09 -1.45
C PRO A 79 -3.71 -14.99 -2.84
N ARG A 80 -2.97 -16.02 -3.22
CA ARG A 80 -2.33 -16.05 -4.54
C ARG A 80 -2.79 -17.26 -5.35
N MET A 1 20.63 3.48 -0.12
CA MET A 1 20.17 4.54 0.83
C MET A 1 19.43 5.65 0.10
N ASP A 2 18.78 5.31 -1.01
CA ASP A 2 18.03 6.28 -1.79
C ASP A 2 16.74 5.68 -2.31
N ARG A 3 15.62 6.21 -1.82
CA ARG A 3 14.30 5.73 -2.24
C ARG A 3 14.10 5.90 -3.74
N LYS A 4 13.39 4.96 -4.35
CA LYS A 4 13.13 5.02 -5.79
C LYS A 4 11.66 4.68 -6.08
N VAL A 5 11.19 3.58 -5.51
CA VAL A 5 9.81 3.15 -5.71
C VAL A 5 8.83 4.20 -5.20
N ALA A 6 9.27 5.01 -4.24
CA ALA A 6 8.43 6.05 -3.68
C ALA A 6 8.00 7.06 -4.74
N ARG A 7 8.95 7.41 -5.62
CA ARG A 7 8.67 8.36 -6.69
C ARG A 7 7.63 7.80 -7.66
N GLU A 8 7.89 6.61 -8.17
CA GLU A 8 6.97 5.96 -9.10
C GLU A 8 5.67 5.60 -8.39
N PHE A 9 5.76 5.32 -7.10
CA PHE A 9 4.60 4.96 -6.30
C PHE A 9 3.60 6.11 -6.27
N ARG A 10 4.06 7.29 -5.87
CA ARG A 10 3.22 8.46 -5.80
C ARG A 10 2.66 8.82 -7.18
N HIS A 11 3.48 8.67 -8.20
CA HIS A 11 3.06 8.98 -9.56
C HIS A 11 1.92 8.08 -10.02
N LYS A 12 2.08 6.78 -9.82
CA LYS A 12 1.06 5.81 -10.21
C LYS A 12 -0.19 5.93 -9.35
N VAL A 13 -0.02 6.26 -8.08
CA VAL A 13 -1.15 6.40 -7.17
C VAL A 13 -2.10 7.50 -7.65
N ASP A 14 -1.54 8.67 -7.93
CA ASP A 14 -2.33 9.80 -8.39
C ASP A 14 -2.93 9.53 -9.76
N PHE A 15 -2.17 8.83 -10.61
CA PHE A 15 -2.63 8.50 -11.95
C PHE A 15 -3.77 7.49 -11.92
N LEU A 16 -3.63 6.46 -11.09
CA LEU A 16 -4.64 5.42 -10.98
C LEU A 16 -5.74 5.82 -10.00
N ILE A 17 -5.44 6.73 -9.08
CA ILE A 17 -6.42 7.19 -8.10
C ILE A 17 -6.84 8.63 -8.35
N GLU A 18 -6.02 9.57 -7.88
CA GLU A 18 -6.30 11.00 -8.05
C GLU A 18 -7.47 11.46 -7.16
N ASN A 19 -8.00 10.55 -6.36
CA ASN A 19 -9.12 10.87 -5.47
C ASN A 19 -8.66 11.75 -4.31
N ASP A 20 -7.35 11.74 -4.04
CA ASP A 20 -6.78 12.54 -2.96
C ASP A 20 -7.11 11.93 -1.60
N ALA A 21 -8.39 11.84 -1.28
CA ALA A 21 -8.84 11.27 -0.02
C ALA A 21 -8.30 9.86 0.17
N GLU A 22 -8.24 9.11 -0.92
CA GLU A 22 -7.75 7.74 -0.88
C GLU A 22 -6.27 7.71 -0.50
N LYS A 23 -5.52 8.66 -1.04
CA LYS A 23 -4.09 8.74 -0.75
C LYS A 23 -3.85 9.02 0.72
N ASP A 24 -4.62 9.94 1.28
CA ASP A 24 -4.50 10.29 2.70
C ASP A 24 -4.82 9.07 3.56
N TYR A 25 -5.79 8.28 3.11
CA TYR A 25 -6.18 7.07 3.82
C TYR A 25 -5.04 6.06 3.83
N LEU A 26 -4.58 5.69 2.64
CA LEU A 26 -3.48 4.74 2.51
C LEU A 26 -2.22 5.25 3.20
N TYR A 27 -2.09 6.57 3.27
CA TYR A 27 -0.94 7.20 3.92
C TYR A 27 -1.00 6.98 5.42
N ASP A 28 -2.20 7.02 5.97
CA ASP A 28 -2.39 6.83 7.41
C ASP A 28 -2.11 5.39 7.79
N VAL A 29 -2.59 4.45 6.98
CA VAL A 29 -2.38 3.03 7.24
C VAL A 29 -0.90 2.68 7.26
N LEU A 30 -0.16 3.23 6.29
CA LEU A 30 1.27 2.98 6.20
C LEU A 30 2.00 3.55 7.41
N ARG A 31 1.75 4.82 7.71
CA ARG A 31 2.38 5.47 8.84
C ARG A 31 2.06 4.75 10.14
N MET A 32 0.83 4.24 10.25
CA MET A 32 0.39 3.52 11.43
C MET A 32 0.90 2.08 11.40
N TYR A 33 1.04 1.54 10.20
CA TYR A 33 1.52 0.17 10.02
C TYR A 33 2.93 0.02 10.57
N HIS A 34 3.73 1.07 10.40
CA HIS A 34 5.12 1.05 10.87
C HIS A 34 5.17 1.17 12.40
N GLN A 35 4.30 2.00 12.96
CA GLN A 35 4.25 2.20 14.39
C GLN A 35 3.61 1.01 15.09
N THR A 36 2.48 0.56 14.55
CA THR A 36 1.76 -0.57 15.13
C THR A 36 2.41 -1.89 14.73
N MET A 37 2.86 -1.98 13.48
CA MET A 37 3.50 -3.19 12.99
C MET A 37 2.50 -4.35 12.94
N ASP A 38 1.33 -4.09 12.41
CA ASP A 38 0.29 -5.11 12.30
C ASP A 38 -0.07 -5.37 10.84
N VAL A 39 0.44 -6.47 10.30
CA VAL A 39 0.18 -6.83 8.91
C VAL A 39 -1.32 -7.12 8.69
N ALA A 40 -1.93 -7.77 9.66
CA ALA A 40 -3.35 -8.10 9.58
C ALA A 40 -4.21 -6.84 9.42
N VAL A 41 -3.87 -5.82 10.20
CA VAL A 41 -4.61 -4.56 10.16
C VAL A 41 -4.31 -3.80 8.86
N LEU A 42 -3.07 -3.88 8.41
CA LEU A 42 -2.66 -3.20 7.19
C LEU A 42 -3.45 -3.72 5.98
N VAL A 43 -3.47 -5.04 5.82
CA VAL A 43 -4.19 -5.67 4.71
C VAL A 43 -5.65 -5.25 4.69
N GLY A 44 -6.27 -5.26 5.86
CA GLY A 44 -7.67 -4.88 5.96
C GLY A 44 -7.95 -3.48 5.42
N ASP A 45 -7.24 -2.50 5.96
CA ASP A 45 -7.42 -1.12 5.52
C ASP A 45 -7.15 -0.97 4.04
N LEU A 46 -5.96 -1.39 3.61
CA LEU A 46 -5.58 -1.30 2.21
C LEU A 46 -6.63 -1.95 1.30
N LYS A 47 -7.36 -2.91 1.85
CA LYS A 47 -8.39 -3.61 1.08
C LYS A 47 -9.62 -2.72 0.89
N LEU A 48 -10.10 -2.14 1.98
CA LEU A 48 -11.27 -1.26 1.93
C LEU A 48 -11.04 -0.10 0.97
N VAL A 49 -9.79 0.37 0.89
CA VAL A 49 -9.45 1.48 0.01
C VAL A 49 -9.08 0.99 -1.39
N ILE A 50 -8.26 -0.05 -1.44
CA ILE A 50 -7.83 -0.60 -2.72
C ILE A 50 -8.80 -1.67 -3.22
N ASN A 51 -9.98 -1.73 -2.62
CA ASN A 51 -11.00 -2.71 -3.02
C ASN A 51 -11.30 -2.62 -4.51
N GLU A 52 -11.35 -1.40 -5.01
CA GLU A 52 -11.63 -1.15 -6.43
C GLU A 52 -10.63 -1.91 -7.31
N PRO A 53 -11.10 -2.90 -8.08
CA PRO A 53 -10.26 -3.69 -8.96
C PRO A 53 -9.24 -2.84 -9.73
N SER A 54 -9.61 -1.59 -10.00
CA SER A 54 -8.72 -0.69 -10.72
C SER A 54 -7.50 -0.32 -9.87
N ARG A 55 -7.69 -0.30 -8.56
CA ARG A 55 -6.62 0.03 -7.63
C ARG A 55 -5.82 -1.21 -7.21
N LEU A 56 -6.25 -2.38 -7.69
CA LEU A 56 -5.57 -3.63 -7.36
C LEU A 56 -4.07 -3.55 -7.67
N PRO A 57 -3.71 -3.10 -8.88
CA PRO A 57 -2.29 -2.98 -9.27
C PRO A 57 -1.48 -2.14 -8.29
N LEU A 58 -2.17 -1.26 -7.56
CA LEU A 58 -1.50 -0.40 -6.59
C LEU A 58 -0.77 -1.22 -5.53
N PHE A 59 -1.33 -2.37 -5.19
CA PHE A 59 -0.73 -3.26 -4.18
C PHE A 59 0.75 -3.50 -4.48
N ASP A 60 1.07 -3.64 -5.77
CA ASP A 60 2.44 -3.87 -6.19
C ASP A 60 3.37 -2.81 -5.62
N ALA A 61 2.94 -1.56 -5.70
CA ALA A 61 3.72 -0.44 -5.20
C ALA A 61 3.72 -0.41 -3.67
N ILE A 62 2.68 -0.97 -3.06
CA ILE A 62 2.58 -1.01 -1.61
C ILE A 62 3.65 -1.92 -1.00
N ARG A 63 3.98 -2.99 -1.71
CA ARG A 63 5.00 -3.93 -1.23
C ARG A 63 6.33 -3.21 -0.97
N PRO A 64 6.91 -2.59 -2.01
CA PRO A 64 8.17 -1.86 -1.91
C PRO A 64 8.32 -1.08 -0.60
N LEU A 65 7.27 -0.33 -0.25
CA LEU A 65 7.28 0.45 0.99
C LEU A 65 7.30 -0.48 2.20
N ILE A 66 6.51 -1.54 2.10
CA ILE A 66 6.42 -2.52 3.17
C ILE A 66 7.77 -3.21 3.39
N PRO A 67 8.14 -3.48 4.66
CA PRO A 67 9.41 -4.13 5.00
C PRO A 67 9.67 -5.38 4.16
N LEU A 68 10.94 -5.76 4.06
CA LEU A 68 11.34 -6.94 3.29
C LEU A 68 10.51 -8.16 3.70
N LYS A 69 10.78 -8.69 4.89
CA LYS A 69 10.06 -9.86 5.38
C LYS A 69 8.55 -9.63 5.30
N HIS A 70 8.12 -8.41 5.59
CA HIS A 70 6.71 -8.06 5.55
C HIS A 70 6.15 -8.21 4.14
N GLN A 71 6.97 -7.87 3.14
CA GLN A 71 6.55 -7.98 1.75
C GLN A 71 6.20 -9.42 1.41
N VAL A 72 7.05 -10.34 1.83
CA VAL A 72 6.84 -11.76 1.59
C VAL A 72 5.51 -12.22 2.19
N GLU A 73 5.32 -11.94 3.47
CA GLU A 73 4.10 -12.32 4.16
C GLU A 73 2.90 -11.61 3.55
N TYR A 74 3.10 -10.35 3.17
CA TYR A 74 2.03 -9.57 2.56
C TYR A 74 1.47 -10.32 1.37
N ASP A 75 2.37 -10.94 0.61
CA ASP A 75 1.98 -11.72 -0.56
C ASP A 75 1.30 -13.02 -0.14
N GLN A 76 1.77 -13.58 0.98
CA GLN A 76 1.20 -14.82 1.49
C GLN A 76 -0.25 -14.62 1.93
N LEU A 77 -0.57 -13.41 2.37
CA LEU A 77 -1.92 -13.09 2.81
C LEU A 77 -2.78 -12.62 1.64
N THR A 78 -2.15 -12.03 0.64
CA THR A 78 -2.85 -11.54 -0.53
C THR A 78 -2.66 -12.48 -1.72
N PRO A 79 -3.69 -13.29 -2.06
CA PRO A 79 -3.63 -14.23 -3.18
C PRO A 79 -3.32 -13.53 -4.51
N ARG A 80 -2.99 -14.32 -5.52
CA ARG A 80 -2.68 -13.78 -6.84
C ARG A 80 -3.12 -14.74 -7.94
N MET A 1 20.87 7.84 2.06
CA MET A 1 19.52 7.24 1.84
C MET A 1 18.94 7.66 0.49
N ASP A 2 18.85 6.71 -0.43
CA ASP A 2 18.32 6.99 -1.76
C ASP A 2 16.88 6.48 -1.88
N ARG A 3 16.21 6.87 -2.95
CA ARG A 3 14.83 6.46 -3.18
C ARG A 3 14.59 6.18 -4.66
N LYS A 4 13.92 5.06 -4.95
CA LYS A 4 13.62 4.67 -6.31
C LYS A 4 12.15 4.34 -6.49
N VAL A 5 11.67 3.37 -5.70
CA VAL A 5 10.27 2.96 -5.77
C VAL A 5 9.36 4.02 -5.15
N ALA A 6 9.91 4.80 -4.22
CA ALA A 6 9.14 5.85 -3.56
C ALA A 6 8.54 6.81 -4.57
N ARG A 7 9.34 7.23 -5.53
CA ARG A 7 8.89 8.15 -6.57
C ARG A 7 7.78 7.52 -7.39
N GLU A 8 8.02 6.31 -7.87
CA GLU A 8 7.04 5.59 -8.68
C GLU A 8 5.76 5.37 -7.88
N PHE A 9 5.91 5.14 -6.58
CA PHE A 9 4.78 4.91 -5.70
C PHE A 9 3.85 6.13 -5.70
N ARG A 10 4.44 7.31 -5.56
CA ARG A 10 3.67 8.55 -5.55
C ARG A 10 2.90 8.70 -6.86
N HIS A 11 3.57 8.48 -7.97
CA HIS A 11 2.95 8.60 -9.28
C HIS A 11 1.87 7.54 -9.46
N LYS A 12 2.17 6.32 -9.02
CA LYS A 12 1.22 5.21 -9.12
C LYS A 12 -0.07 5.53 -8.39
N VAL A 13 0.04 5.79 -7.09
CA VAL A 13 -1.12 6.11 -6.26
C VAL A 13 -1.94 7.25 -6.86
N ASP A 14 -1.25 8.26 -7.36
CA ASP A 14 -1.93 9.41 -7.97
C ASP A 14 -2.58 9.04 -9.29
N PHE A 15 -1.88 8.22 -10.08
CA PHE A 15 -2.39 7.80 -11.38
C PHE A 15 -3.58 6.87 -11.23
N LEU A 16 -3.53 6.00 -10.22
CA LEU A 16 -4.61 5.05 -9.97
C LEU A 16 -5.73 5.70 -9.19
N ILE A 17 -5.40 6.24 -8.03
CA ILE A 17 -6.38 6.91 -7.17
C ILE A 17 -6.88 8.19 -7.82
N GLU A 18 -5.99 9.17 -7.93
CA GLU A 18 -6.33 10.46 -8.52
C GLU A 18 -7.13 11.33 -7.55
N ASN A 19 -7.39 10.81 -6.36
CA ASN A 19 -8.15 11.54 -5.35
C ASN A 19 -7.27 11.95 -4.18
N ASP A 20 -7.81 12.77 -3.29
CA ASP A 20 -7.07 13.23 -2.12
C ASP A 20 -7.55 12.50 -0.86
N ALA A 21 -8.85 12.24 -0.79
CA ALA A 21 -9.43 11.55 0.35
C ALA A 21 -8.95 10.11 0.43
N GLU A 22 -9.15 9.37 -0.66
CA GLU A 22 -8.74 7.97 -0.73
C GLU A 22 -7.23 7.84 -0.52
N LYS A 23 -6.48 8.77 -1.08
CA LYS A 23 -5.02 8.76 -0.94
C LYS A 23 -4.61 9.03 0.50
N ASP A 24 -5.44 9.81 1.20
CA ASP A 24 -5.16 10.14 2.60
C ASP A 24 -5.43 8.94 3.49
N TYR A 25 -6.39 8.11 3.09
CA TYR A 25 -6.75 6.92 3.84
C TYR A 25 -5.63 5.88 3.76
N LEU A 26 -5.18 5.62 2.53
CA LEU A 26 -4.11 4.65 2.30
C LEU A 26 -2.80 5.13 2.91
N TYR A 27 -2.58 6.45 2.85
CA TYR A 27 -1.37 7.04 3.40
C TYR A 27 -1.33 6.89 4.91
N ASP A 28 -2.49 7.02 5.54
CA ASP A 28 -2.59 6.90 6.99
C ASP A 28 -2.37 5.46 7.43
N VAL A 29 -2.86 4.51 6.62
CA VAL A 29 -2.71 3.10 6.92
C VAL A 29 -1.24 2.70 6.95
N LEU A 30 -0.51 3.09 5.91
CA LEU A 30 0.91 2.77 5.81
C LEU A 30 1.69 3.42 6.96
N ARG A 31 1.38 4.67 7.24
CA ARG A 31 2.05 5.41 8.30
C ARG A 31 1.87 4.71 9.65
N MET A 32 0.70 4.11 9.84
CA MET A 32 0.40 3.39 11.08
C MET A 32 1.02 2.01 11.06
N TYR A 33 1.06 1.39 9.88
CA TYR A 33 1.63 0.06 9.73
C TYR A 33 3.10 0.05 10.16
N HIS A 34 3.80 1.14 9.88
CA HIS A 34 5.20 1.25 10.23
C HIS A 34 5.40 1.17 11.74
N GLN A 35 4.67 2.01 12.48
CA GLN A 35 4.76 2.04 13.93
C GLN A 35 4.04 0.84 14.55
N THR A 36 2.77 0.69 14.19
CA THR A 36 1.96 -0.41 14.71
C THR A 36 2.56 -1.76 14.33
N MET A 37 2.99 -1.89 13.08
CA MET A 37 3.58 -3.13 12.59
C MET A 37 2.55 -4.26 12.59
N ASP A 38 1.48 -4.07 11.82
CA ASP A 38 0.43 -5.08 11.71
C ASP A 38 -0.03 -5.25 10.28
N VAL A 39 0.32 -6.38 9.68
CA VAL A 39 -0.05 -6.66 8.29
C VAL A 39 -1.56 -6.80 8.15
N ALA A 40 -2.19 -7.43 9.13
CA ALA A 40 -3.64 -7.63 9.11
C ALA A 40 -4.37 -6.30 9.02
N VAL A 41 -3.88 -5.31 9.77
CA VAL A 41 -4.50 -3.99 9.77
C VAL A 41 -4.20 -3.24 8.47
N LEU A 42 -3.00 -3.42 7.94
CA LEU A 42 -2.60 -2.77 6.71
C LEU A 42 -3.41 -3.28 5.52
N VAL A 43 -3.45 -4.60 5.36
CA VAL A 43 -4.19 -5.20 4.26
C VAL A 43 -5.69 -4.97 4.41
N GLY A 44 -6.21 -5.19 5.62
CA GLY A 44 -7.62 -5.00 5.87
C GLY A 44 -8.08 -3.60 5.54
N ASP A 45 -7.40 -2.60 6.09
CA ASP A 45 -7.75 -1.21 5.85
C ASP A 45 -7.59 -0.84 4.37
N LEU A 46 -6.45 -1.20 3.80
CA LEU A 46 -6.17 -0.92 2.40
C LEU A 46 -7.26 -1.50 1.50
N LYS A 47 -7.79 -2.66 1.90
CA LYS A 47 -8.83 -3.33 1.12
C LYS A 47 -10.15 -2.55 1.20
N LEU A 48 -10.48 -2.08 2.39
CA LEU A 48 -11.70 -1.31 2.60
C LEU A 48 -11.76 -0.10 1.67
N VAL A 49 -10.70 0.72 1.71
CA VAL A 49 -10.63 1.89 0.87
C VAL A 49 -10.55 1.51 -0.61
N ILE A 50 -9.69 0.54 -0.90
CA ILE A 50 -9.52 0.05 -2.25
C ILE A 50 -10.78 -0.68 -2.74
N ASN A 51 -10.86 -1.97 -2.42
CA ASN A 51 -12.01 -2.79 -2.81
C ASN A 51 -12.29 -2.68 -4.31
N GLU A 52 -11.25 -2.54 -5.11
CA GLU A 52 -11.39 -2.44 -6.56
C GLU A 52 -10.19 -3.04 -7.27
N PRO A 53 -10.42 -4.05 -8.14
CA PRO A 53 -9.34 -4.71 -8.88
C PRO A 53 -8.46 -3.71 -9.62
N SER A 54 -9.02 -2.54 -9.94
CA SER A 54 -8.29 -1.50 -10.65
C SER A 54 -7.17 -0.93 -9.76
N ARG A 55 -7.39 -0.96 -8.45
CA ARG A 55 -6.41 -0.44 -7.51
C ARG A 55 -5.45 -1.54 -7.03
N LEU A 56 -5.85 -2.79 -7.23
CA LEU A 56 -5.03 -3.94 -6.82
C LEU A 56 -3.56 -3.72 -7.17
N PRO A 57 -3.25 -3.35 -8.42
CA PRO A 57 -1.88 -3.12 -8.85
C PRO A 57 -1.13 -2.17 -7.92
N LEU A 58 -1.88 -1.33 -7.22
CA LEU A 58 -1.28 -0.37 -6.29
C LEU A 58 -0.42 -1.07 -5.24
N PHE A 59 -0.94 -2.18 -4.72
CA PHE A 59 -0.22 -2.96 -3.70
C PHE A 59 1.21 -3.25 -4.15
N ASP A 60 1.40 -3.37 -5.46
CA ASP A 60 2.72 -3.65 -6.02
C ASP A 60 3.76 -2.66 -5.51
N ALA A 61 3.45 -1.37 -5.64
CA ALA A 61 4.35 -0.32 -5.18
C ALA A 61 4.39 -0.25 -3.65
N ILE A 62 3.36 -0.78 -3.00
CA ILE A 62 3.29 -0.76 -1.55
C ILE A 62 4.29 -1.74 -0.93
N ARG A 63 4.58 -2.82 -1.64
CA ARG A 63 5.51 -3.83 -1.14
C ARG A 63 6.93 -3.27 -1.01
N PRO A 64 7.50 -2.73 -2.12
CA PRO A 64 8.85 -2.17 -2.13
C PRO A 64 9.18 -1.36 -0.88
N LEU A 65 8.33 -0.38 -0.56
CA LEU A 65 8.54 0.45 0.62
C LEU A 65 8.40 -0.39 1.88
N ILE A 66 7.49 -1.35 1.81
CA ILE A 66 7.25 -2.25 2.94
C ILE A 66 8.46 -3.15 3.18
N PRO A 67 8.80 -3.41 4.47
CA PRO A 67 9.94 -4.24 4.83
C PRO A 67 10.00 -5.54 4.04
N LEU A 68 11.20 -6.10 3.91
CA LEU A 68 11.41 -7.34 3.16
C LEU A 68 10.42 -8.42 3.61
N LYS A 69 10.66 -8.99 4.79
CA LYS A 69 9.79 -10.04 5.33
C LYS A 69 8.32 -9.66 5.21
N HIS A 70 8.04 -8.38 5.41
CA HIS A 70 6.67 -7.88 5.32
C HIS A 70 6.13 -8.03 3.89
N GLN A 71 7.00 -7.78 2.92
CA GLN A 71 6.61 -7.89 1.51
C GLN A 71 6.14 -9.31 1.19
N VAL A 72 6.92 -10.28 1.66
CA VAL A 72 6.59 -11.68 1.43
C VAL A 72 5.21 -12.03 2.01
N GLU A 73 5.03 -11.72 3.29
CA GLU A 73 3.76 -11.99 3.95
C GLU A 73 2.63 -11.20 3.31
N TYR A 74 2.91 -9.96 2.93
CA TYR A 74 1.91 -9.11 2.29
C TYR A 74 1.33 -9.83 1.09
N ASP A 75 2.21 -10.51 0.35
CA ASP A 75 1.78 -11.26 -0.83
C ASP A 75 1.04 -12.52 -0.42
N GLN A 76 1.42 -13.09 0.72
CA GLN A 76 0.78 -14.31 1.23
C GLN A 76 -0.69 -14.05 1.55
N LEU A 77 -0.99 -12.82 1.97
CA LEU A 77 -2.36 -12.45 2.31
C LEU A 77 -3.11 -11.93 1.08
N THR A 78 -2.38 -11.26 0.20
CA THR A 78 -2.97 -10.71 -1.02
C THR A 78 -2.89 -11.72 -2.17
N PRO A 79 -4.03 -12.19 -2.69
CA PRO A 79 -4.06 -13.15 -3.80
C PRO A 79 -3.23 -12.70 -4.98
N ARG A 80 -2.34 -13.58 -5.45
CA ARG A 80 -1.48 -13.26 -6.59
C ARG A 80 -1.73 -14.22 -7.75
N MET A 1 16.44 3.48 2.29
CA MET A 1 16.25 2.18 1.59
C MET A 1 15.10 2.25 0.61
N ASP A 2 14.87 3.44 0.04
CA ASP A 2 13.80 3.64 -0.92
C ASP A 2 13.96 4.97 -1.64
N ARG A 3 13.80 4.95 -2.97
CA ARG A 3 13.93 6.16 -3.77
C ARG A 3 13.41 5.92 -5.19
N LYS A 4 13.76 4.78 -5.76
CA LYS A 4 13.31 4.44 -7.11
C LYS A 4 11.81 4.19 -7.15
N VAL A 5 11.34 3.27 -6.31
CA VAL A 5 9.93 2.94 -6.24
C VAL A 5 9.13 4.06 -5.58
N ALA A 6 9.79 4.82 -4.73
CA ALA A 6 9.15 5.92 -4.02
C ALA A 6 8.57 6.94 -5.01
N ARG A 7 9.40 7.32 -5.98
CA ARG A 7 8.97 8.28 -7.00
C ARG A 7 7.84 7.71 -7.84
N GLU A 8 8.08 6.53 -8.40
CA GLU A 8 7.08 5.86 -9.22
C GLU A 8 5.81 5.60 -8.42
N PHE A 9 5.99 5.38 -7.11
CA PHE A 9 4.86 5.13 -6.23
C PHE A 9 3.90 6.32 -6.22
N ARG A 10 4.45 7.50 -5.96
CA ARG A 10 3.65 8.72 -5.93
C ARG A 10 2.92 8.93 -7.26
N HIS A 11 3.64 8.70 -8.36
CA HIS A 11 3.06 8.86 -9.68
C HIS A 11 1.98 7.82 -9.95
N LYS A 12 2.26 6.58 -9.54
CA LYS A 12 1.30 5.49 -9.72
C LYS A 12 0.00 5.75 -8.98
N VAL A 13 0.09 5.93 -7.67
CA VAL A 13 -1.08 6.18 -6.84
C VAL A 13 -1.90 7.35 -7.38
N ASP A 14 -1.21 8.42 -7.76
CA ASP A 14 -1.88 9.60 -8.29
C ASP A 14 -2.63 9.28 -9.59
N PHE A 15 -1.99 8.49 -10.44
CA PHE A 15 -2.58 8.11 -11.72
C PHE A 15 -3.77 7.18 -11.51
N LEU A 16 -3.57 6.12 -10.73
CA LEU A 16 -4.62 5.15 -10.46
C LEU A 16 -5.74 5.78 -9.64
N ILE A 17 -5.43 6.15 -8.41
CA ILE A 17 -6.41 6.76 -7.52
C ILE A 17 -6.74 8.18 -7.96
N GLU A 18 -5.79 9.08 -7.80
CA GLU A 18 -5.97 10.48 -8.17
C GLU A 18 -6.88 11.22 -7.20
N ASN A 19 -7.35 10.53 -6.16
CA ASN A 19 -8.23 11.14 -5.18
C ASN A 19 -7.44 11.58 -3.95
N ASP A 20 -7.57 12.86 -3.60
CA ASP A 20 -6.87 13.40 -2.45
C ASP A 20 -7.29 12.70 -1.17
N ALA A 21 -8.59 12.40 -1.07
CA ALA A 21 -9.13 11.73 0.10
C ALA A 21 -8.60 10.30 0.20
N GLU A 22 -8.63 9.59 -0.92
CA GLU A 22 -8.15 8.22 -0.98
C GLU A 22 -6.67 8.14 -0.63
N LYS A 23 -5.91 9.13 -1.10
CA LYS A 23 -4.48 9.18 -0.86
C LYS A 23 -4.20 9.39 0.64
N ASP A 24 -5.08 10.14 1.29
CA ASP A 24 -4.93 10.40 2.72
C ASP A 24 -5.27 9.15 3.52
N TYR A 25 -6.19 8.34 3.00
CA TYR A 25 -6.60 7.11 3.67
C TYR A 25 -5.47 6.09 3.64
N LEU A 26 -4.87 5.89 2.47
CA LEU A 26 -3.77 4.95 2.32
C LEU A 26 -2.56 5.40 3.10
N TYR A 27 -2.32 6.70 3.13
CA TYR A 27 -1.19 7.27 3.86
C TYR A 27 -1.38 7.11 5.36
N ASP A 28 -2.63 7.20 5.80
CA ASP A 28 -2.96 7.06 7.21
C ASP A 28 -2.74 5.63 7.67
N VAL A 29 -3.12 4.67 6.83
CA VAL A 29 -2.97 3.26 7.14
C VAL A 29 -1.48 2.91 7.32
N LEU A 30 -0.67 3.32 6.37
CA LEU A 30 0.76 3.05 6.42
C LEU A 30 1.38 3.70 7.66
N ARG A 31 0.91 4.89 8.00
CA ARG A 31 1.41 5.61 9.17
C ARG A 31 1.28 4.76 10.42
N MET A 32 0.04 4.47 10.79
CA MET A 32 -0.24 3.66 11.97
C MET A 32 0.39 2.28 11.83
N TYR A 33 0.47 1.79 10.60
CA TYR A 33 1.05 0.48 10.32
C TYR A 33 2.51 0.43 10.78
N HIS A 34 3.19 1.56 10.66
CA HIS A 34 4.60 1.64 11.07
C HIS A 34 4.73 1.64 12.59
N GLN A 35 3.81 2.33 13.27
CA GLN A 35 3.82 2.41 14.72
C GLN A 35 3.33 1.11 15.34
N THR A 36 2.23 0.59 14.80
CA THR A 36 1.64 -0.65 15.30
C THR A 36 2.41 -1.86 14.78
N MET A 37 2.85 -1.78 13.52
CA MET A 37 3.59 -2.88 12.90
C MET A 37 2.74 -4.14 12.83
N ASP A 38 1.57 -4.01 12.23
CA ASP A 38 0.65 -5.14 12.09
C ASP A 38 0.22 -5.30 10.63
N VAL A 39 0.85 -6.24 9.93
CA VAL A 39 0.53 -6.49 8.53
C VAL A 39 -0.94 -6.91 8.37
N ALA A 40 -1.47 -7.58 9.39
CA ALA A 40 -2.85 -8.03 9.36
C ALA A 40 -3.82 -6.85 9.32
N VAL A 41 -3.51 -5.80 10.08
CA VAL A 41 -4.34 -4.62 10.13
C VAL A 41 -4.22 -3.79 8.85
N LEU A 42 -3.01 -3.76 8.30
CA LEU A 42 -2.76 -3.00 7.07
C LEU A 42 -3.52 -3.61 5.89
N VAL A 43 -3.38 -4.91 5.70
CA VAL A 43 -4.05 -5.60 4.60
C VAL A 43 -5.55 -5.36 4.65
N GLY A 44 -6.12 -5.47 5.84
CA GLY A 44 -7.55 -5.27 6.01
C GLY A 44 -8.00 -3.89 5.55
N ASP A 45 -7.44 -2.85 6.15
CA ASP A 45 -7.79 -1.48 5.80
C ASP A 45 -7.46 -1.20 4.33
N LEU A 46 -6.28 -1.67 3.90
CA LEU A 46 -5.85 -1.47 2.52
C LEU A 46 -6.87 -2.01 1.53
N LYS A 47 -7.55 -3.08 1.93
CA LYS A 47 -8.57 -3.68 1.07
C LYS A 47 -9.83 -2.83 1.04
N LEU A 48 -10.33 -2.45 2.21
CA LEU A 48 -11.52 -1.64 2.31
C LEU A 48 -11.44 -0.39 1.42
N VAL A 49 -10.25 0.19 1.34
CA VAL A 49 -10.04 1.38 0.52
C VAL A 49 -9.60 1.02 -0.89
N ILE A 50 -8.63 0.12 -0.99
CA ILE A 50 -8.11 -0.32 -2.29
C ILE A 50 -8.89 -1.52 -2.83
N ASN A 51 -10.13 -1.69 -2.38
CA ASN A 51 -10.96 -2.80 -2.82
C ASN A 51 -11.11 -2.79 -4.35
N GLU A 52 -11.34 -1.62 -4.91
CA GLU A 52 -11.50 -1.46 -6.35
C GLU A 52 -10.47 -2.27 -7.12
N PRO A 53 -10.93 -3.27 -7.91
CA PRO A 53 -10.04 -4.12 -8.71
C PRO A 53 -8.96 -3.33 -9.43
N SER A 54 -9.36 -2.27 -10.14
CA SER A 54 -8.41 -1.43 -10.86
C SER A 54 -7.39 -0.82 -9.92
N ARG A 55 -7.72 -0.78 -8.63
CA ARG A 55 -6.83 -0.23 -7.62
C ARG A 55 -5.84 -1.27 -7.12
N LEU A 56 -6.16 -2.54 -7.31
CA LEU A 56 -5.30 -3.64 -6.87
C LEU A 56 -3.86 -3.45 -7.35
N PRO A 57 -3.66 -3.17 -8.64
CA PRO A 57 -2.32 -2.96 -9.21
C PRO A 57 -1.44 -2.08 -8.33
N LEU A 58 -2.06 -1.18 -7.59
CA LEU A 58 -1.34 -0.26 -6.72
C LEU A 58 -0.54 -1.03 -5.67
N PHE A 59 -1.05 -2.21 -5.28
CA PHE A 59 -0.38 -3.04 -4.28
C PHE A 59 1.09 -3.24 -4.61
N ASP A 60 1.41 -3.26 -5.90
CA ASP A 60 2.78 -3.43 -6.36
C ASP A 60 3.71 -2.41 -5.71
N ALA A 61 3.29 -1.15 -5.73
CA ALA A 61 4.07 -0.07 -5.14
C ALA A 61 4.04 -0.13 -3.61
N ILE A 62 3.05 -0.83 -3.05
CA ILE A 62 2.91 -0.93 -1.60
C ILE A 62 3.96 -1.84 -0.96
N ARG A 63 4.23 -2.98 -1.60
CA ARG A 63 5.21 -3.93 -1.06
C ARG A 63 6.57 -3.27 -0.86
N PRO A 64 7.12 -2.63 -1.91
CA PRO A 64 8.42 -1.96 -1.84
C PRO A 64 8.66 -1.23 -0.52
N LEU A 65 7.71 -0.37 -0.14
CA LEU A 65 7.80 0.39 1.10
C LEU A 65 7.76 -0.54 2.31
N ILE A 66 7.05 -1.66 2.17
CA ILE A 66 6.92 -2.63 3.26
C ILE A 66 8.24 -3.36 3.49
N PRO A 67 8.48 -3.83 4.74
CA PRO A 67 9.70 -4.56 5.10
C PRO A 67 9.96 -5.74 4.16
N LEU A 68 11.22 -6.17 4.10
CA LEU A 68 11.60 -7.30 3.24
C LEU A 68 10.68 -8.49 3.48
N LYS A 69 10.85 -9.14 4.63
CA LYS A 69 10.04 -10.31 4.97
C LYS A 69 8.55 -9.98 4.87
N HIS A 70 8.22 -8.72 5.12
CA HIS A 70 6.83 -8.27 5.06
C HIS A 70 6.29 -8.38 3.64
N GLN A 71 7.17 -8.21 2.66
CA GLN A 71 6.79 -8.28 1.26
C GLN A 71 6.27 -9.68 0.93
N VAL A 72 7.04 -10.68 1.30
CA VAL A 72 6.67 -12.07 1.05
C VAL A 72 5.34 -12.41 1.72
N GLU A 73 5.22 -12.04 2.99
CA GLU A 73 4.00 -12.31 3.75
C GLU A 73 2.84 -11.48 3.19
N TYR A 74 3.13 -10.25 2.77
CA TYR A 74 2.11 -9.38 2.21
C TYR A 74 1.40 -10.09 1.07
N ASP A 75 2.20 -10.74 0.23
CA ASP A 75 1.67 -11.49 -0.90
C ASP A 75 0.98 -12.76 -0.44
N GLN A 76 1.49 -13.32 0.67
CA GLN A 76 0.92 -14.56 1.22
C GLN A 76 -0.50 -14.32 1.72
N LEU A 77 -0.76 -13.11 2.22
CA LEU A 77 -2.08 -12.77 2.73
C LEU A 77 -3.00 -12.32 1.61
N THR A 78 -2.43 -11.62 0.63
CA THR A 78 -3.21 -11.12 -0.50
C THR A 78 -3.21 -12.13 -1.65
N PRO A 79 -4.40 -12.52 -2.14
CA PRO A 79 -4.52 -13.49 -3.24
C PRO A 79 -4.07 -12.90 -4.58
N ARG A 80 -3.69 -13.78 -5.50
CA ARG A 80 -3.24 -13.35 -6.81
C ARG A 80 -4.30 -13.62 -7.87
N MET A 1 11.52 5.18 5.95
CA MET A 1 10.78 4.77 4.72
C MET A 1 11.75 4.37 3.62
N ASP A 2 11.30 3.47 2.73
CA ASP A 2 12.13 3.00 1.63
C ASP A 2 12.41 4.14 0.65
N ARG A 3 13.13 3.81 -0.43
CA ARG A 3 13.47 4.80 -1.45
C ARG A 3 13.38 4.20 -2.85
N LYS A 4 13.51 5.06 -3.86
CA LYS A 4 13.45 4.63 -5.25
C LYS A 4 12.01 4.31 -5.67
N VAL A 5 11.39 3.37 -4.96
CA VAL A 5 10.01 2.98 -5.27
C VAL A 5 9.03 4.05 -4.80
N ALA A 6 9.42 4.81 -3.78
CA ALA A 6 8.57 5.87 -3.23
C ALA A 6 8.14 6.84 -4.33
N ARG A 7 9.06 7.15 -5.22
CA ARG A 7 8.79 8.07 -6.33
C ARG A 7 7.77 7.46 -7.28
N GLU A 8 8.09 6.27 -7.76
CA GLU A 8 7.20 5.56 -8.68
C GLU A 8 5.84 5.32 -8.04
N PHE A 9 5.85 5.12 -6.72
CA PHE A 9 4.63 4.89 -5.98
C PHE A 9 3.68 6.07 -6.12
N ARG A 10 4.18 7.26 -5.80
CA ARG A 10 3.38 8.47 -5.89
C ARG A 10 2.84 8.65 -7.31
N HIS A 11 3.67 8.33 -8.30
CA HIS A 11 3.27 8.44 -9.69
C HIS A 11 2.25 7.36 -10.07
N LYS A 12 2.42 6.18 -9.48
CA LYS A 12 1.51 5.07 -9.75
C LYS A 12 0.13 5.33 -9.16
N VAL A 13 0.08 5.54 -7.84
CA VAL A 13 -1.18 5.80 -7.16
C VAL A 13 -1.92 6.98 -7.80
N ASP A 14 -1.19 8.05 -8.05
CA ASP A 14 -1.77 9.25 -8.66
C ASP A 14 -2.41 8.91 -10.01
N PHE A 15 -1.70 8.12 -10.81
CA PHE A 15 -2.20 7.71 -12.12
C PHE A 15 -3.38 6.76 -11.98
N LEU A 16 -3.33 5.90 -10.97
CA LEU A 16 -4.39 4.94 -10.74
C LEU A 16 -5.57 5.59 -10.03
N ILE A 17 -5.40 5.88 -8.75
CA ILE A 17 -6.46 6.51 -7.96
C ILE A 17 -6.61 7.98 -8.33
N GLU A 18 -5.58 8.77 -8.03
CA GLU A 18 -5.60 10.20 -8.32
C GLU A 18 -6.46 10.98 -7.32
N ASN A 19 -7.03 10.27 -6.35
CA ASN A 19 -7.87 10.90 -5.34
C ASN A 19 -7.06 11.30 -4.12
N ASP A 20 -7.03 12.60 -3.83
CA ASP A 20 -6.28 13.10 -2.68
C ASP A 20 -6.79 12.48 -1.39
N ALA A 21 -8.09 12.25 -1.32
CA ALA A 21 -8.71 11.66 -0.14
C ALA A 21 -8.25 10.23 0.07
N GLU A 22 -8.26 9.45 -1.01
CA GLU A 22 -7.84 8.07 -0.96
C GLU A 22 -6.36 7.95 -0.58
N LYS A 23 -5.57 8.92 -1.03
CA LYS A 23 -4.14 8.93 -0.74
C LYS A 23 -3.88 9.22 0.74
N ASP A 24 -4.75 10.05 1.32
CA ASP A 24 -4.62 10.40 2.74
C ASP A 24 -5.01 9.22 3.62
N TYR A 25 -5.98 8.44 3.15
CA TYR A 25 -6.45 7.28 3.90
C TYR A 25 -5.38 6.19 3.91
N LEU A 26 -4.86 5.87 2.73
CA LEU A 26 -3.83 4.84 2.61
C LEU A 26 -2.55 5.27 3.33
N TYR A 27 -2.29 6.57 3.36
CA TYR A 27 -1.10 7.10 4.02
C TYR A 27 -1.23 6.95 5.53
N ASP A 28 -2.44 7.16 6.04
CA ASP A 28 -2.69 7.05 7.47
C ASP A 28 -2.51 5.61 7.94
N VAL A 29 -3.01 4.67 7.16
CA VAL A 29 -2.90 3.25 7.49
C VAL A 29 -1.44 2.82 7.52
N LEU A 30 -0.67 3.26 6.53
CA LEU A 30 0.75 2.91 6.45
C LEU A 30 1.52 3.56 7.60
N ARG A 31 1.25 4.83 7.85
CA ARG A 31 1.92 5.56 8.92
C ARG A 31 1.75 4.85 10.25
N MET A 32 0.56 4.29 10.47
CA MET A 32 0.27 3.57 11.71
C MET A 32 0.82 2.15 11.65
N TYR A 33 0.91 1.62 10.43
CA TYR A 33 1.42 0.26 10.23
C TYR A 33 2.90 0.18 10.59
N HIS A 34 3.59 1.31 10.47
CA HIS A 34 5.02 1.36 10.76
C HIS A 34 5.29 1.12 12.25
N GLN A 35 4.61 1.88 13.10
CA GLN A 35 4.79 1.75 14.55
C GLN A 35 4.10 0.49 15.09
N THR A 36 2.95 0.15 14.51
CA THR A 36 2.20 -1.03 14.95
C THR A 36 2.81 -2.31 14.39
N MET A 37 3.16 -2.29 13.11
CA MET A 37 3.74 -3.44 12.45
C MET A 37 2.75 -4.61 12.40
N ASP A 38 1.50 -4.30 12.08
CA ASP A 38 0.46 -5.31 12.00
C ASP A 38 0.01 -5.52 10.56
N VAL A 39 0.55 -6.56 9.93
CA VAL A 39 0.21 -6.87 8.54
C VAL A 39 -1.28 -7.20 8.40
N ALA A 40 -1.81 -7.94 9.35
CA ALA A 40 -3.21 -8.33 9.35
C ALA A 40 -4.11 -7.11 9.29
N VAL A 41 -3.74 -6.07 10.02
CA VAL A 41 -4.51 -4.83 10.06
C VAL A 41 -4.35 -4.05 8.78
N LEU A 42 -3.14 -4.08 8.22
CA LEU A 42 -2.85 -3.36 6.97
C LEU A 42 -3.70 -3.87 5.83
N VAL A 43 -3.71 -5.20 5.64
CA VAL A 43 -4.49 -5.82 4.57
C VAL A 43 -5.96 -5.46 4.69
N GLY A 44 -6.47 -5.43 5.91
CA GLY A 44 -7.86 -5.09 6.13
C GLY A 44 -8.21 -3.70 5.63
N ASP A 45 -7.54 -2.69 6.18
CA ASP A 45 -7.77 -1.30 5.78
C ASP A 45 -7.42 -1.09 4.31
N LEU A 46 -6.45 -1.85 3.83
CA LEU A 46 -6.02 -1.74 2.43
C LEU A 46 -7.18 -2.00 1.48
N LYS A 47 -7.88 -3.10 1.70
CA LYS A 47 -9.01 -3.48 0.86
C LYS A 47 -10.19 -2.53 1.08
N LEU A 48 -10.36 -2.08 2.32
CA LEU A 48 -11.44 -1.17 2.67
C LEU A 48 -11.40 0.09 1.81
N VAL A 49 -10.25 0.75 1.78
CA VAL A 49 -10.09 1.97 0.99
C VAL A 49 -10.20 1.66 -0.49
N ILE A 50 -9.51 0.61 -0.92
CA ILE A 50 -9.51 0.18 -2.31
C ILE A 50 -10.93 -0.24 -2.74
N ASN A 51 -11.25 -1.51 -2.49
CA ASN A 51 -12.58 -2.04 -2.81
C ASN A 51 -12.87 -1.98 -4.31
N GLU A 52 -11.83 -1.81 -5.13
CA GLU A 52 -12.01 -1.75 -6.57
C GLU A 52 -10.89 -2.48 -7.30
N PRO A 53 -11.22 -3.53 -8.09
CA PRO A 53 -10.23 -4.31 -8.83
C PRO A 53 -9.30 -3.43 -9.66
N SER A 54 -9.76 -2.24 -10.00
CA SER A 54 -8.96 -1.31 -10.80
C SER A 54 -7.75 -0.82 -10.00
N ARG A 55 -7.88 -0.80 -8.68
CA ARG A 55 -6.80 -0.35 -7.80
C ARG A 55 -5.91 -1.52 -7.37
N LEU A 56 -6.38 -2.74 -7.59
CA LEU A 56 -5.63 -3.94 -7.20
C LEU A 56 -4.15 -3.81 -7.57
N PRO A 57 -3.85 -3.46 -8.84
CA PRO A 57 -2.47 -3.31 -9.30
C PRO A 57 -1.66 -2.35 -8.42
N LEU A 58 -2.36 -1.46 -7.72
CA LEU A 58 -1.72 -0.50 -6.84
C LEU A 58 -0.94 -1.20 -5.73
N PHE A 59 -1.47 -2.31 -5.25
CA PHE A 59 -0.82 -3.08 -4.18
C PHE A 59 0.64 -3.35 -4.51
N ASP A 60 0.92 -3.54 -5.79
CA ASP A 60 2.28 -3.82 -6.25
C ASP A 60 3.25 -2.75 -5.74
N ALA A 61 2.86 -1.50 -5.92
CA ALA A 61 3.68 -0.37 -5.48
C ALA A 61 3.69 -0.23 -3.96
N ILE A 62 2.71 -0.84 -3.30
CA ILE A 62 2.60 -0.75 -1.84
C ILE A 62 3.64 -1.61 -1.12
N ARG A 63 3.86 -2.82 -1.61
CA ARG A 63 4.83 -3.72 -0.98
C ARG A 63 6.23 -3.10 -0.91
N PRO A 64 6.76 -2.61 -2.04
CA PRO A 64 8.11 -2.02 -2.11
C PRO A 64 8.47 -1.14 -0.91
N LEU A 65 7.62 -0.16 -0.61
CA LEU A 65 7.88 0.74 0.51
C LEU A 65 7.84 -0.01 1.85
N ILE A 66 7.15 -1.16 1.86
CA ILE A 66 7.03 -1.95 3.07
C ILE A 66 8.32 -2.74 3.34
N PRO A 67 8.60 -3.02 4.63
CA PRO A 67 9.81 -3.76 5.02
C PRO A 67 10.01 -5.04 4.21
N LEU A 68 11.25 -5.51 4.15
CA LEU A 68 11.59 -6.73 3.40
C LEU A 68 10.66 -7.88 3.77
N LYS A 69 10.90 -8.49 4.93
CA LYS A 69 10.08 -9.61 5.40
C LYS A 69 8.59 -9.30 5.24
N HIS A 70 8.23 -8.03 5.40
CA HIS A 70 6.84 -7.62 5.27
C HIS A 70 6.36 -7.75 3.82
N GLN A 71 7.26 -7.47 2.88
CA GLN A 71 6.93 -7.56 1.47
C GLN A 71 6.52 -8.98 1.11
N VAL A 72 7.32 -9.95 1.56
CA VAL A 72 7.06 -11.36 1.30
C VAL A 72 5.70 -11.77 1.86
N GLU A 73 5.50 -11.52 3.15
CA GLU A 73 4.24 -11.86 3.80
C GLU A 73 3.09 -11.10 3.19
N TYR A 74 3.34 -9.84 2.83
CA TYR A 74 2.31 -9.00 2.22
C TYR A 74 1.74 -9.71 0.99
N ASP A 75 2.63 -10.34 0.23
CA ASP A 75 2.23 -11.07 -0.97
C ASP A 75 1.54 -12.37 -0.58
N GLN A 76 1.95 -12.95 0.56
CA GLN A 76 1.35 -14.20 1.03
C GLN A 76 -0.11 -14.00 1.40
N LEU A 77 -0.45 -12.80 1.88
CA LEU A 77 -1.82 -12.48 2.26
C LEU A 77 -2.60 -11.90 1.09
N THR A 78 -1.90 -11.20 0.20
CA THR A 78 -2.53 -10.60 -0.96
C THR A 78 -2.22 -11.40 -2.22
N PRO A 79 -3.09 -12.36 -2.59
CA PRO A 79 -2.90 -13.19 -3.78
C PRO A 79 -3.11 -12.41 -5.08
N ARG A 80 -3.20 -13.12 -6.19
CA ARG A 80 -3.40 -12.50 -7.49
C ARG A 80 -4.36 -13.32 -8.35
N MET A 1 13.55 13.93 -2.51
CA MET A 1 14.40 12.88 -3.10
C MET A 1 13.86 11.49 -2.79
N ASP A 2 13.49 10.75 -3.83
CA ASP A 2 12.95 9.41 -3.68
C ASP A 2 13.97 8.36 -4.12
N ARG A 3 13.95 7.21 -3.46
CA ARG A 3 14.87 6.12 -3.78
C ARG A 3 14.64 5.63 -5.22
N LYS A 4 13.58 4.86 -5.41
CA LYS A 4 13.25 4.33 -6.72
C LYS A 4 11.75 4.07 -6.85
N VAL A 5 11.23 3.22 -5.96
CA VAL A 5 9.81 2.89 -5.98
C VAL A 5 8.98 4.03 -5.42
N ALA A 6 9.58 4.84 -4.55
CA ALA A 6 8.89 5.97 -3.94
C ALA A 6 8.35 6.92 -5.01
N ARG A 7 9.17 7.17 -6.04
CA ARG A 7 8.78 8.05 -7.12
C ARG A 7 7.66 7.44 -7.94
N GLU A 8 7.82 6.16 -8.28
CA GLU A 8 6.81 5.45 -9.05
C GLU A 8 5.53 5.27 -8.25
N PHE A 9 5.67 5.17 -6.93
CA PHE A 9 4.52 5.00 -6.06
C PHE A 9 3.62 6.22 -6.09
N ARG A 10 4.19 7.39 -5.87
CA ARG A 10 3.44 8.64 -5.87
C ARG A 10 2.80 8.88 -7.24
N HIS A 11 3.56 8.61 -8.29
CA HIS A 11 3.07 8.80 -9.66
C HIS A 11 1.99 7.78 -10.02
N LYS A 12 2.24 6.50 -9.72
CA LYS A 12 1.28 5.45 -10.02
C LYS A 12 0.00 5.62 -9.21
N VAL A 13 0.13 6.12 -7.98
CA VAL A 13 -1.03 6.33 -7.12
C VAL A 13 -1.94 7.41 -7.70
N ASP A 14 -1.35 8.54 -8.05
CA ASP A 14 -2.12 9.65 -8.63
C ASP A 14 -2.79 9.21 -9.93
N PHE A 15 -2.11 8.34 -10.67
CA PHE A 15 -2.63 7.85 -11.93
C PHE A 15 -3.84 6.94 -11.71
N LEU A 16 -3.68 5.96 -10.82
CA LEU A 16 -4.76 5.02 -10.52
C LEU A 16 -5.84 5.69 -9.69
N ILE A 17 -5.51 6.06 -8.46
CA ILE A 17 -6.45 6.71 -7.56
C ILE A 17 -6.70 8.15 -7.97
N GLU A 18 -5.70 9.00 -7.79
CA GLU A 18 -5.81 10.42 -8.15
C GLU A 18 -6.67 11.19 -7.15
N ASN A 19 -7.18 10.51 -6.12
CA ASN A 19 -8.02 11.15 -5.13
C ASN A 19 -7.20 11.53 -3.89
N ASP A 20 -7.23 12.81 -3.54
CA ASP A 20 -6.49 13.30 -2.38
C ASP A 20 -7.00 12.65 -1.09
N ALA A 21 -8.31 12.46 -1.02
CA ALA A 21 -8.92 11.85 0.16
C ALA A 21 -8.51 10.39 0.29
N GLU A 22 -8.51 9.68 -0.83
CA GLU A 22 -8.13 8.27 -0.83
C GLU A 22 -6.66 8.11 -0.48
N LYS A 23 -5.83 9.00 -1.00
CA LYS A 23 -4.40 8.96 -0.72
C LYS A 23 -4.11 9.26 0.74
N ASP A 24 -4.92 10.15 1.33
CA ASP A 24 -4.75 10.51 2.72
C ASP A 24 -5.12 9.33 3.62
N TYR A 25 -6.11 8.57 3.19
CA TYR A 25 -6.57 7.41 3.94
C TYR A 25 -5.49 6.33 3.96
N LEU A 26 -5.01 5.97 2.76
CA LEU A 26 -3.97 4.95 2.64
C LEU A 26 -2.69 5.40 3.34
N TYR A 27 -2.47 6.70 3.38
CA TYR A 27 -1.28 7.27 4.02
C TYR A 27 -1.34 7.04 5.53
N ASP A 28 -2.53 7.24 6.10
CA ASP A 28 -2.74 7.04 7.53
C ASP A 28 -2.52 5.58 7.91
N VAL A 29 -3.03 4.69 7.07
CA VAL A 29 -2.90 3.25 7.33
C VAL A 29 -1.43 2.84 7.40
N LEU A 30 -0.64 3.33 6.44
CA LEU A 30 0.78 3.02 6.39
C LEU A 30 1.50 3.59 7.61
N ARG A 31 1.19 4.85 7.92
CA ARG A 31 1.81 5.53 9.07
C ARG A 31 1.55 4.75 10.35
N MET A 32 0.35 4.21 10.48
CA MET A 32 -0.03 3.45 11.66
C MET A 32 0.54 2.04 11.59
N TYR A 33 0.66 1.52 10.37
CA TYR A 33 1.18 0.18 10.16
C TYR A 33 2.64 0.09 10.61
N HIS A 34 3.34 1.21 10.50
CA HIS A 34 4.75 1.26 10.89
C HIS A 34 4.90 1.15 12.40
N GLN A 35 4.11 1.94 13.13
CA GLN A 35 4.16 1.95 14.58
C GLN A 35 3.48 0.70 15.15
N THR A 36 2.40 0.27 14.51
CA THR A 36 1.66 -0.91 14.95
C THR A 36 2.36 -2.19 14.51
N MET A 37 2.89 -2.19 13.29
CA MET A 37 3.58 -3.35 12.75
C MET A 37 2.64 -4.54 12.63
N ASP A 38 1.36 -4.25 12.39
CA ASP A 38 0.35 -5.31 12.26
C ASP A 38 -0.02 -5.51 10.79
N VAL A 39 0.56 -6.54 10.18
CA VAL A 39 0.30 -6.85 8.78
C VAL A 39 -1.19 -7.12 8.55
N ALA A 40 -1.81 -7.82 9.48
CA ALA A 40 -3.22 -8.15 9.38
C ALA A 40 -4.07 -6.89 9.30
N VAL A 41 -3.67 -5.87 10.04
CA VAL A 41 -4.40 -4.61 10.06
C VAL A 41 -4.18 -3.82 8.77
N LEU A 42 -2.97 -3.91 8.24
CA LEU A 42 -2.63 -3.21 7.00
C LEU A 42 -3.39 -3.79 5.81
N VAL A 43 -3.41 -5.13 5.73
CA VAL A 43 -4.10 -5.81 4.64
C VAL A 43 -5.59 -5.48 4.64
N GLY A 44 -6.21 -5.59 5.81
CA GLY A 44 -7.63 -5.30 5.93
C GLY A 44 -7.98 -3.90 5.49
N ASP A 45 -7.33 -2.90 6.11
CA ASP A 45 -7.58 -1.50 5.77
C ASP A 45 -7.26 -1.23 4.31
N LEU A 46 -6.31 -1.97 3.77
CA LEU A 46 -5.90 -1.81 2.37
C LEU A 46 -7.02 -2.22 1.43
N LYS A 47 -7.74 -3.27 1.79
CA LYS A 47 -8.84 -3.77 0.97
C LYS A 47 -10.04 -2.82 1.04
N LEU A 48 -10.36 -2.38 2.26
CA LEU A 48 -11.49 -1.47 2.47
C LEU A 48 -11.34 -0.21 1.62
N VAL A 49 -10.20 0.46 1.74
CA VAL A 49 -9.95 1.67 0.97
C VAL A 49 -10.00 1.38 -0.52
N ILE A 50 -9.32 0.30 -0.92
CA ILE A 50 -9.28 -0.12 -2.31
C ILE A 50 -10.65 -0.61 -2.77
N ASN A 51 -10.92 -1.89 -2.58
CA ASN A 51 -12.20 -2.49 -2.94
C ASN A 51 -12.52 -2.30 -4.42
N GLU A 52 -11.50 -2.06 -5.24
CA GLU A 52 -11.72 -1.88 -6.67
C GLU A 52 -10.52 -2.40 -7.48
N PRO A 53 -10.78 -3.32 -8.43
CA PRO A 53 -9.72 -3.91 -9.27
C PRO A 53 -8.81 -2.86 -9.89
N SER A 54 -9.33 -1.64 -10.04
CA SER A 54 -8.55 -0.56 -10.63
C SER A 54 -7.32 -0.24 -9.79
N ARG A 55 -7.45 -0.41 -8.48
CA ARG A 55 -6.36 -0.13 -7.56
C ARG A 55 -5.52 -1.38 -7.28
N LEU A 56 -5.98 -2.54 -7.74
CA LEU A 56 -5.28 -3.80 -7.51
C LEU A 56 -3.77 -3.65 -7.78
N PRO A 57 -3.39 -3.28 -9.01
CA PRO A 57 -1.98 -3.12 -9.39
C PRO A 57 -1.23 -2.20 -8.43
N LEU A 58 -1.97 -1.32 -7.75
CA LEU A 58 -1.37 -0.38 -6.80
C LEU A 58 -0.60 -1.12 -5.73
N PHE A 59 -1.11 -2.28 -5.32
CA PHE A 59 -0.47 -3.09 -4.29
C PHE A 59 1.00 -3.35 -4.62
N ASP A 60 1.29 -3.50 -5.91
CA ASP A 60 2.65 -3.76 -6.37
C ASP A 60 3.61 -2.71 -5.84
N ALA A 61 3.22 -1.45 -5.97
CA ALA A 61 4.05 -0.33 -5.51
C ALA A 61 4.08 -0.23 -3.99
N ILE A 62 3.09 -0.83 -3.33
CA ILE A 62 3.01 -0.79 -1.87
C ILE A 62 4.03 -1.72 -1.21
N ARG A 63 4.25 -2.88 -1.81
CA ARG A 63 5.20 -3.86 -1.26
C ARG A 63 6.59 -3.26 -1.13
N PRO A 64 7.16 -2.74 -2.23
CA PRO A 64 8.51 -2.16 -2.26
C PRO A 64 8.86 -1.36 -1.01
N LEU A 65 8.02 -0.40 -0.66
CA LEU A 65 8.27 0.43 0.53
C LEU A 65 8.17 -0.41 1.80
N ILE A 66 7.26 -1.39 1.77
CA ILE A 66 7.05 -2.27 2.90
C ILE A 66 8.32 -3.06 3.23
N PRO A 67 8.57 -3.32 4.53
CA PRO A 67 9.75 -4.06 4.98
C PRO A 67 9.96 -5.37 4.22
N LEU A 68 11.19 -5.86 4.22
CA LEU A 68 11.53 -7.10 3.52
C LEU A 68 10.60 -8.23 3.94
N LYS A 69 10.79 -8.76 5.14
CA LYS A 69 9.96 -9.85 5.64
C LYS A 69 8.48 -9.52 5.48
N HIS A 70 8.14 -8.25 5.62
CA HIS A 70 6.76 -7.80 5.48
C HIS A 70 6.27 -8.03 4.05
N GLN A 71 7.16 -7.80 3.09
CA GLN A 71 6.81 -7.99 1.69
C GLN A 71 6.41 -9.43 1.43
N VAL A 72 7.16 -10.36 2.01
CA VAL A 72 6.88 -11.78 1.85
C VAL A 72 5.49 -12.12 2.37
N GLU A 73 5.22 -11.77 3.62
CA GLU A 73 3.92 -12.03 4.22
C GLU A 73 2.84 -11.23 3.52
N TYR A 74 3.20 -10.05 3.04
CA TYR A 74 2.26 -9.20 2.33
C TYR A 74 1.65 -9.96 1.16
N ASP A 75 2.51 -10.69 0.44
CA ASP A 75 2.08 -11.49 -0.68
C ASP A 75 1.31 -12.72 -0.20
N GLN A 76 1.72 -13.25 0.95
CA GLN A 76 1.07 -14.43 1.51
C GLN A 76 -0.39 -14.14 1.83
N LEU A 77 -0.68 -12.89 2.20
CA LEU A 77 -2.03 -12.48 2.53
C LEU A 77 -2.75 -11.92 1.30
N THR A 78 -2.00 -11.22 0.46
CA THR A 78 -2.55 -10.63 -0.75
C THR A 78 -2.17 -11.44 -1.98
N PRO A 79 -3.03 -12.40 -2.39
CA PRO A 79 -2.78 -13.24 -3.56
C PRO A 79 -2.86 -12.45 -4.87
N ARG A 80 -2.83 -13.18 -5.99
CA ARG A 80 -2.90 -12.54 -7.29
C ARG A 80 -4.30 -12.64 -7.88
N MET A 1 18.90 8.02 -4.15
CA MET A 1 19.75 6.80 -4.01
C MET A 1 19.07 5.73 -3.18
N ASP A 2 18.60 6.10 -2.00
CA ASP A 2 17.92 5.16 -1.11
C ASP A 2 16.48 4.93 -1.58
N ARG A 3 15.78 6.01 -1.87
CA ARG A 3 14.39 5.92 -2.32
C ARG A 3 14.32 5.77 -3.84
N LYS A 4 13.57 4.77 -4.29
CA LYS A 4 13.42 4.51 -5.72
C LYS A 4 11.97 4.20 -6.07
N VAL A 5 11.35 3.33 -5.30
CA VAL A 5 9.96 2.95 -5.53
C VAL A 5 9.02 4.06 -5.08
N ALA A 6 9.46 4.86 -4.12
CA ALA A 6 8.66 5.97 -3.60
C ALA A 6 8.19 6.89 -4.72
N ARG A 7 9.11 7.22 -5.62
CA ARG A 7 8.79 8.09 -6.74
C ARG A 7 7.70 7.48 -7.61
N GLU A 8 7.93 6.27 -8.07
CA GLU A 8 6.96 5.56 -8.90
C GLU A 8 5.66 5.35 -8.14
N PHE A 9 5.77 5.17 -6.82
CA PHE A 9 4.61 4.97 -5.98
C PHE A 9 3.66 6.17 -6.06
N ARG A 10 4.22 7.36 -5.84
CA ARG A 10 3.43 8.59 -5.89
C ARG A 10 2.82 8.78 -7.27
N HIS A 11 3.58 8.41 -8.31
CA HIS A 11 3.12 8.54 -9.68
C HIS A 11 1.94 7.61 -9.97
N LYS A 12 2.05 6.37 -9.49
CA LYS A 12 1.00 5.38 -9.70
C LYS A 12 -0.27 5.75 -8.93
N VAL A 13 -0.10 6.05 -7.64
CA VAL A 13 -1.23 6.41 -6.79
C VAL A 13 -2.05 7.54 -7.40
N ASP A 14 -1.37 8.60 -7.83
CA ASP A 14 -2.04 9.74 -8.44
C ASP A 14 -2.61 9.37 -9.80
N PHE A 15 -1.95 8.44 -10.49
CA PHE A 15 -2.40 8.00 -11.80
C PHE A 15 -3.70 7.21 -11.72
N LEU A 16 -3.74 6.22 -10.84
CA LEU A 16 -4.93 5.40 -10.68
C LEU A 16 -5.96 6.07 -9.76
N ILE A 17 -5.48 6.71 -8.71
CA ILE A 17 -6.36 7.39 -7.76
C ILE A 17 -6.59 8.84 -8.17
N GLU A 18 -5.58 9.67 -7.95
CA GLU A 18 -5.66 11.08 -8.29
C GLU A 18 -6.59 11.86 -7.36
N ASN A 19 -7.16 11.16 -6.38
CA ASN A 19 -8.07 11.80 -5.43
C ASN A 19 -7.35 12.17 -4.14
N ASP A 20 -7.84 13.19 -3.46
CA ASP A 20 -7.24 13.65 -2.20
C ASP A 20 -7.73 12.80 -1.03
N ALA A 21 -8.99 12.42 -1.07
CA ALA A 21 -9.58 11.61 -0.01
C ALA A 21 -8.97 10.21 0.00
N GLU A 22 -8.86 9.61 -1.17
CA GLU A 22 -8.30 8.28 -1.31
C GLU A 22 -6.82 8.28 -0.92
N LYS A 23 -6.13 9.37 -1.22
CA LYS A 23 -4.71 9.49 -0.90
C LYS A 23 -4.51 9.62 0.61
N ASP A 24 -5.41 10.35 1.25
CA ASP A 24 -5.33 10.55 2.70
C ASP A 24 -5.59 9.24 3.43
N TYR A 25 -6.46 8.41 2.86
CA TYR A 25 -6.80 7.12 3.45
C TYR A 25 -5.61 6.18 3.42
N LEU A 26 -5.01 6.02 2.23
CA LEU A 26 -3.85 5.15 2.08
C LEU A 26 -2.68 5.65 2.93
N TYR A 27 -2.60 6.97 3.08
CA TYR A 27 -1.53 7.57 3.88
C TYR A 27 -1.69 7.23 5.35
N ASP A 28 -2.95 7.19 5.80
CA ASP A 28 -3.25 6.87 7.19
C ASP A 28 -2.91 5.41 7.50
N VAL A 29 -3.18 4.54 6.54
CA VAL A 29 -2.90 3.12 6.71
C VAL A 29 -1.41 2.87 6.88
N LEU A 30 -0.62 3.39 5.93
CA LEU A 30 0.84 3.22 5.98
C LEU A 30 1.40 3.85 7.24
N ARG A 31 0.96 5.07 7.55
CA ARG A 31 1.43 5.78 8.73
C ARG A 31 1.16 4.96 9.99
N MET A 32 0.04 4.26 10.00
CA MET A 32 -0.32 3.42 11.14
C MET A 32 0.42 2.09 11.09
N TYR A 33 0.70 1.62 9.87
CA TYR A 33 1.41 0.36 9.69
C TYR A 33 2.81 0.45 10.27
N HIS A 34 3.38 1.65 10.25
CA HIS A 34 4.73 1.87 10.78
C HIS A 34 4.73 1.80 12.30
N GLN A 35 3.75 2.46 12.91
CA GLN A 35 3.64 2.48 14.37
C GLN A 35 3.12 1.14 14.89
N THR A 36 2.12 0.60 14.21
CA THR A 36 1.53 -0.67 14.60
C THR A 36 2.41 -1.83 14.18
N MET A 37 2.90 -1.79 12.96
CA MET A 37 3.77 -2.85 12.43
C MET A 37 3.04 -4.17 12.40
N ASP A 38 1.92 -4.22 11.68
CA ASP A 38 1.13 -5.43 11.56
C ASP A 38 0.59 -5.60 10.14
N VAL A 39 1.17 -6.53 9.40
CA VAL A 39 0.74 -6.78 8.02
C VAL A 39 -0.72 -7.22 7.97
N ALA A 40 -1.17 -7.87 9.04
CA ALA A 40 -2.55 -8.34 9.11
C ALA A 40 -3.54 -7.19 9.01
N VAL A 41 -3.35 -6.18 9.85
CA VAL A 41 -4.22 -5.01 9.86
C VAL A 41 -4.08 -4.22 8.56
N LEU A 42 -2.87 -4.16 8.03
CA LEU A 42 -2.60 -3.44 6.79
C LEU A 42 -3.45 -3.98 5.64
N VAL A 43 -3.57 -5.30 5.57
CA VAL A 43 -4.35 -5.93 4.53
C VAL A 43 -5.82 -5.50 4.59
N GLY A 44 -6.37 -5.46 5.79
CA GLY A 44 -7.76 -5.06 5.96
C GLY A 44 -8.02 -3.66 5.45
N ASP A 45 -7.28 -2.68 5.98
CA ASP A 45 -7.44 -1.29 5.59
C ASP A 45 -7.08 -1.11 4.11
N LEU A 46 -5.99 -1.74 3.68
CA LEU A 46 -5.55 -1.65 2.30
C LEU A 46 -6.66 -2.07 1.34
N LYS A 47 -7.48 -3.02 1.76
CA LYS A 47 -8.57 -3.51 0.93
C LYS A 47 -9.71 -2.49 0.88
N LEU A 48 -10.13 -2.02 2.06
CA LEU A 48 -11.21 -1.04 2.15
C LEU A 48 -10.96 0.15 1.21
N VAL A 49 -9.70 0.55 1.08
CA VAL A 49 -9.35 1.67 0.23
C VAL A 49 -8.99 1.19 -1.18
N ILE A 50 -8.18 0.14 -1.25
CA ILE A 50 -7.74 -0.41 -2.53
C ILE A 50 -8.70 -1.50 -3.02
N ASN A 51 -9.94 -1.45 -2.57
CA ASN A 51 -10.95 -2.44 -2.97
C ASN A 51 -11.19 -2.38 -4.48
N GLU A 52 -11.37 -1.17 -4.99
CA GLU A 52 -11.62 -0.96 -6.41
C GLU A 52 -10.69 -1.82 -7.27
N PRO A 53 -11.26 -2.73 -8.09
CA PRO A 53 -10.48 -3.61 -8.97
C PRO A 53 -9.34 -2.88 -9.67
N SER A 54 -9.66 -1.76 -10.33
CA SER A 54 -8.66 -0.98 -11.03
C SER A 54 -7.65 -0.38 -10.06
N ARG A 55 -8.04 -0.28 -8.80
CA ARG A 55 -7.17 0.27 -7.75
C ARG A 55 -6.32 -0.82 -7.11
N LEU A 56 -6.71 -2.07 -7.33
CA LEU A 56 -5.98 -3.21 -6.75
C LEU A 56 -4.49 -3.15 -7.08
N PRO A 57 -4.12 -2.86 -8.34
CA PRO A 57 -2.72 -2.78 -8.77
C PRO A 57 -1.86 -1.98 -7.79
N LEU A 58 -2.48 -1.06 -7.05
CA LEU A 58 -1.78 -0.23 -6.09
C LEU A 58 -0.96 -1.07 -5.12
N PHE A 59 -1.46 -2.26 -4.82
CA PHE A 59 -0.77 -3.18 -3.90
C PHE A 59 0.69 -3.35 -4.30
N ASP A 60 0.96 -3.31 -5.60
CA ASP A 60 2.31 -3.46 -6.11
C ASP A 60 3.27 -2.47 -5.46
N ALA A 61 2.87 -1.21 -5.44
CA ALA A 61 3.68 -0.15 -4.85
C ALA A 61 3.70 -0.25 -3.32
N ILE A 62 2.75 -0.97 -2.76
CA ILE A 62 2.67 -1.13 -1.30
C ILE A 62 3.75 -2.08 -0.77
N ARG A 63 4.00 -3.17 -1.50
CA ARG A 63 5.01 -4.15 -1.08
C ARG A 63 6.39 -3.50 -0.90
N PRO A 64 6.89 -2.78 -1.91
CA PRO A 64 8.20 -2.12 -1.85
C PRO A 64 8.47 -1.46 -0.51
N LEU A 65 7.54 -0.61 -0.07
CA LEU A 65 7.70 0.09 1.21
C LEU A 65 7.73 -0.88 2.38
N ILE A 66 7.17 -2.07 2.18
CA ILE A 66 7.13 -3.08 3.23
C ILE A 66 8.50 -3.75 3.40
N PRO A 67 8.87 -4.08 4.65
CA PRO A 67 10.15 -4.74 4.94
C PRO A 67 10.41 -5.95 4.05
N LEU A 68 11.68 -6.33 3.91
CA LEU A 68 12.06 -7.47 3.08
C LEU A 68 11.21 -8.70 3.43
N LYS A 69 11.39 -9.21 4.65
CA LYS A 69 10.64 -10.38 5.10
C LYS A 69 9.14 -10.11 5.03
N HIS A 70 8.77 -8.86 5.27
CA HIS A 70 7.36 -8.47 5.24
C HIS A 70 6.78 -8.66 3.84
N GLN A 71 7.62 -8.51 2.82
CA GLN A 71 7.17 -8.68 1.44
C GLN A 71 6.63 -10.08 1.22
N VAL A 72 7.42 -11.07 1.63
CA VAL A 72 7.02 -12.47 1.49
C VAL A 72 5.73 -12.74 2.24
N GLU A 73 5.69 -12.33 3.51
CA GLU A 73 4.50 -12.51 4.33
C GLU A 73 3.34 -11.70 3.78
N TYR A 74 3.65 -10.55 3.18
CA TYR A 74 2.62 -9.71 2.59
C TYR A 74 1.87 -10.49 1.53
N ASP A 75 2.62 -11.27 0.75
CA ASP A 75 2.04 -12.10 -0.29
C ASP A 75 1.28 -13.27 0.32
N GLN A 76 1.76 -13.76 1.46
CA GLN A 76 1.13 -14.87 2.14
C GLN A 76 -0.26 -14.49 2.63
N LEU A 77 -0.45 -13.22 2.93
CA LEU A 77 -1.74 -12.72 3.41
C LEU A 77 -2.61 -12.27 2.24
N THR A 78 -2.00 -11.64 1.26
CA THR A 78 -2.73 -11.16 0.08
C THR A 78 -3.09 -12.31 -0.85
N PRO A 79 -4.16 -12.14 -1.64
CA PRO A 79 -4.61 -13.18 -2.57
C PRO A 79 -3.56 -13.51 -3.63
N ARG A 80 -3.98 -14.23 -4.68
CA ARG A 80 -3.07 -14.61 -5.76
C ARG A 80 -3.85 -14.92 -7.03
#